data_7JSH
#
_entry.id   7JSH
#
_cell.length_a   1.00
_cell.length_b   1.00
_cell.length_c   1.00
_cell.angle_alpha   90.00
_cell.angle_beta   90.00
_cell.angle_gamma   90.00
#
_symmetry.space_group_name_H-M   'P 1'
#
loop_
_entity.id
_entity.type
_entity.pdbx_description
1 polymer 'Protein Rep68'
2 polymer "DNA (5'-D(P*CP*GP*CP*TP*CP*GP*CP*TP*CP*GP*CP*TP*CP*GP*C)-3')"
#
loop_
_entity_poly.entity_id
_entity_poly.type
_entity_poly.pdbx_seq_one_letter_code
_entity_poly.pdbx_strand_id
1 'polypeptide(L)'
;GPPPGFYEIVIKVPSDLDEHLPGISDSFVNWVAEKEWELPPDSDMDLNLIEQAPLTVAEKLQRDFLTEWRRVSKAPEALF
FVQFEKGESYFHMHVLVETTGVKSMVLGRFLSQIREKLIQRIYRGIEPTLPNWFAVTKTRNGAGGGNKVVDESYIPNYLL
PKTQPELQWAWTNMEQYLSACLNLTERKRLVAQHLTHVSQTQEQNKENQNPNSDAPVIRSKTSARYMELVGWLVDKGITS
EKQWIQEDQASYISFNAASNSRSQIKAALDNAGKIMSLTKTAPDYLVGQQPVEDISSNRIYKILELNGYDPQYAASVFLG
WATKKFGKRNTIWLFGPATTGKTNIAEAIAHTVPFYGCVNWTNENFPFNDCVDKMVIWWEEGKMTAKVVESAKAILGGSK
VRVDQKCKSSAQIDPTPVIVTSNTNMCAVIDGNSTTFEHQQPLQDRMFKFELTRRLDHDFGKVTKQEVKDFFRWAKDHVV
EVEHEFYVKKGGAKKRPAPSDADISEPKRVRESVAQPSTSDAEASINYADRLARGHSL
;
A,B,C,D,E,F,G
2 'polydeoxyribonucleotide' (DC)(DG)(DC)(DT)(DC)(DG)(DC)(DT)(DC)(DG)(DC)(DT)(DC)(DG)(DC) N
#
# COMPACT_ATOMS: atom_id res chain seq x y z
N LYS A 221 -11.00 -15.37 39.32
CA LYS A 221 -11.29 -14.02 38.84
C LYS A 221 -11.74 -14.03 37.39
N THR A 222 -11.02 -14.79 36.55
CA THR A 222 -11.37 -14.87 35.14
C THR A 222 -12.55 -15.80 34.91
N SER A 223 -12.60 -16.94 35.61
CA SER A 223 -13.70 -17.87 35.44
C SER A 223 -15.02 -17.27 35.92
N ALA A 224 -15.00 -16.58 37.05
CA ALA A 224 -16.22 -15.94 37.56
C ALA A 224 -16.70 -14.85 36.61
N ARG A 225 -15.78 -14.06 36.06
CA ARG A 225 -16.15 -13.02 35.12
C ARG A 225 -16.73 -13.62 33.84
N TYR A 226 -16.13 -14.70 33.35
CA TYR A 226 -16.65 -15.37 32.16
C TYR A 226 -18.04 -15.95 32.41
N MET A 227 -18.25 -16.54 33.59
CA MET A 227 -19.56 -17.07 33.92
C MET A 227 -20.60 -15.96 34.02
N GLU A 228 -20.23 -14.84 34.63
CA GLU A 228 -21.15 -13.71 34.74
C GLU A 228 -21.49 -13.14 33.35
N LEU A 229 -20.49 -13.05 32.47
CA LEU A 229 -20.75 -12.57 31.12
C LEU A 229 -21.66 -13.53 30.35
N VAL A 230 -21.43 -14.84 30.49
CA VAL A 230 -22.28 -15.82 29.82
C VAL A 230 -23.71 -15.74 30.35
N GLY A 231 -23.87 -15.56 31.66
CA GLY A 231 -25.20 -15.43 32.23
C GLY A 231 -25.91 -14.17 31.76
N TRP A 232 -25.18 -13.04 31.70
CA TRP A 232 -25.78 -11.80 31.23
C TRP A 232 -26.10 -11.86 29.74
N LEU A 233 -25.37 -12.66 28.98
CA LEU A 233 -25.66 -12.79 27.56
C LEU A 233 -26.80 -13.76 27.28
N VAL A 234 -26.97 -14.77 28.14
CA VAL A 234 -28.02 -15.77 27.96
C VAL A 234 -29.32 -15.28 28.58
N ASP A 235 -29.36 -15.16 29.90
CA ASP A 235 -30.59 -14.78 30.58
C ASP A 235 -30.92 -13.31 30.35
N LYS A 236 -29.91 -12.45 30.41
CA LYS A 236 -30.16 -11.02 30.22
C LYS A 236 -30.50 -10.70 28.77
N GLY A 237 -29.95 -11.44 27.81
CA GLY A 237 -30.24 -11.19 26.42
C GLY A 237 -29.59 -9.94 25.86
N ILE A 238 -28.36 -9.64 26.25
CA ILE A 238 -27.66 -8.47 25.78
C ILE A 238 -27.14 -8.76 24.37
N THR A 239 -27.72 -8.09 23.38
CA THR A 239 -27.33 -8.28 21.97
C THR A 239 -26.84 -7.00 21.32
N SER A 240 -27.44 -5.85 21.61
CA SER A 240 -27.02 -4.60 21.02
C SER A 240 -25.82 -4.03 21.76
N GLU A 241 -25.01 -3.25 21.05
CA GLU A 241 -23.82 -2.65 21.63
C GLU A 241 -24.11 -1.31 22.31
N LYS A 242 -24.94 -0.48 21.68
CA LYS A 242 -25.27 0.82 22.27
C LYS A 242 -26.05 0.66 23.57
N GLN A 243 -27.03 -0.25 23.59
CA GLN A 243 -27.80 -0.47 24.81
C GLN A 243 -26.93 -1.06 25.90
N TRP A 244 -26.04 -1.99 25.55
CA TRP A 244 -25.14 -2.57 26.55
C TRP A 244 -24.15 -1.55 27.09
N ILE A 245 -23.73 -0.60 26.27
CA ILE A 245 -22.81 0.44 26.73
C ILE A 245 -23.54 1.48 27.58
N GLN A 246 -24.81 1.76 27.27
CA GLN A 246 -25.57 2.74 28.04
C GLN A 246 -26.07 2.16 29.36
N GLU A 247 -26.30 0.85 29.42
CA GLU A 247 -26.78 0.22 30.64
C GLU A 247 -25.63 -0.06 31.60
N ASP A 248 -25.47 -1.33 31.99
CA ASP A 248 -24.41 -1.71 32.91
C ASP A 248 -23.09 -1.81 32.15
N GLN A 249 -22.03 -1.27 32.74
CA GLN A 249 -20.70 -1.28 32.14
C GLN A 249 -19.66 -1.75 33.15
N ALA A 250 -20.02 -2.76 33.94
CA ALA A 250 -19.09 -3.29 34.94
C ALA A 250 -18.03 -4.21 34.31
N SER A 251 -18.40 -4.94 33.25
CA SER A 251 -17.43 -5.83 32.62
C SER A 251 -16.29 -5.05 31.98
N TYR A 252 -16.60 -3.95 31.30
CA TYR A 252 -15.55 -3.13 30.69
C TYR A 252 -14.65 -2.51 31.75
N ILE A 253 -15.23 -2.06 32.86
CA ILE A 253 -14.43 -1.48 33.93
C ILE A 253 -13.52 -2.53 34.55
N SER A 254 -14.04 -3.76 34.74
CA SER A 254 -13.22 -4.83 35.30
C SER A 254 -12.10 -5.21 34.34
N PHE A 255 -12.38 -5.26 33.04
CA PHE A 255 -11.35 -5.58 32.07
C PHE A 255 -10.28 -4.49 31.99
N ASN A 256 -10.69 -3.22 32.15
CA ASN A 256 -9.72 -2.13 32.14
C ASN A 256 -8.89 -2.09 33.42
N ALA A 257 -9.48 -2.46 34.56
CA ALA A 257 -8.74 -2.47 35.81
C ALA A 257 -7.85 -3.70 35.98
N ALA A 258 -8.19 -4.81 35.32
CA ALA A 258 -7.39 -6.02 35.43
C ALA A 258 -6.22 -5.99 34.47
N SER A 259 -5.93 -7.13 33.83
CA SER A 259 -4.83 -7.23 32.89
C SER A 259 -5.36 -6.98 31.47
N ASN A 260 -4.65 -7.47 30.46
CA ASN A 260 -5.03 -7.30 29.07
C ASN A 260 -5.48 -8.60 28.41
N SER A 261 -5.57 -9.69 29.17
CA SER A 261 -5.98 -10.98 28.63
C SER A 261 -7.50 -10.98 28.44
N ARG A 262 -7.94 -11.35 27.23
CA ARG A 262 -9.37 -11.38 26.94
C ARG A 262 -9.74 -12.53 26.00
N SER A 263 -8.91 -13.57 25.92
CA SER A 263 -9.21 -14.70 25.04
C SER A 263 -10.46 -15.44 25.51
N GLN A 264 -10.58 -15.68 26.82
CA GLN A 264 -11.76 -16.35 27.34
C GLN A 264 -13.01 -15.52 27.13
N ILE A 265 -12.92 -14.20 27.32
CA ILE A 265 -14.07 -13.34 27.10
C ILE A 265 -14.48 -13.34 25.63
N LYS A 266 -13.50 -13.32 24.73
CA LYS A 266 -13.81 -13.36 23.31
C LYS A 266 -14.45 -14.69 22.92
N ALA A 267 -13.95 -15.79 23.48
CA ALA A 267 -14.54 -17.10 23.19
C ALA A 267 -15.97 -17.18 23.72
N ALA A 268 -16.22 -16.64 24.92
CA ALA A 268 -17.57 -16.63 25.47
C ALA A 268 -18.51 -15.78 24.63
N LEU A 269 -18.02 -14.63 24.16
CA LEU A 269 -18.85 -13.77 23.31
C LEU A 269 -19.16 -14.46 21.98
N ASP A 270 -18.17 -15.13 21.40
CA ASP A 270 -18.41 -15.86 20.15
C ASP A 270 -19.40 -17.00 20.35
N ASN A 271 -19.29 -17.73 21.47
CA ASN A 271 -20.24 -18.79 21.75
C ASN A 271 -21.65 -18.26 21.96
N ALA A 272 -21.78 -17.13 22.65
CA ALA A 272 -23.09 -16.52 22.84
C ALA A 272 -23.68 -16.06 21.52
N GLY A 273 -22.86 -15.46 20.66
CA GLY A 273 -23.34 -15.04 19.35
C GLY A 273 -23.77 -16.22 18.50
N LYS A 274 -23.00 -17.31 18.54
CA LYS A 274 -23.38 -18.49 17.78
C LYS A 274 -24.67 -19.10 18.31
N ILE A 275 -24.85 -19.13 19.63
CA ILE A 275 -26.08 -19.67 20.20
C ILE A 275 -27.26 -18.78 19.88
N MET A 276 -27.06 -17.47 19.79
CA MET A 276 -28.15 -16.57 19.45
C MET A 276 -28.51 -16.67 17.97
N SER A 277 -27.51 -16.87 17.11
CA SER A 277 -27.76 -17.00 15.68
C SER A 277 -28.30 -18.36 15.28
N LEU A 278 -28.04 -19.39 16.08
CA LEU A 278 -28.53 -20.73 15.77
C LEU A 278 -30.04 -20.81 15.92
N THR A 279 -30.78 -20.52 14.84
CA THR A 279 -32.23 -20.55 14.88
C THR A 279 -32.81 -19.97 13.59
N LYS A 280 -33.33 -20.84 12.72
CA LYS A 280 -33.91 -20.42 11.45
C LYS A 280 -35.42 -20.26 11.67
N THR A 281 -35.85 -19.01 11.81
CA THR A 281 -37.27 -18.71 12.02
C THR A 281 -37.47 -17.26 12.41
N ALA A 282 -38.59 -16.67 11.99
CA ALA A 282 -38.89 -15.28 12.30
C ALA A 282 -40.32 -15.16 12.79
N PRO A 283 -41.13 -16.22 12.66
CA PRO A 283 -42.52 -16.13 13.13
C PRO A 283 -42.64 -16.06 14.64
N ASP A 284 -41.77 -16.77 15.38
CA ASP A 284 -41.82 -16.71 16.83
C ASP A 284 -41.24 -15.41 17.38
N TYR A 285 -40.52 -14.64 16.56
CA TYR A 285 -39.93 -13.39 16.99
C TYR A 285 -40.74 -12.17 16.54
N LEU A 286 -41.45 -12.26 15.42
CA LEU A 286 -42.25 -11.16 14.91
C LEU A 286 -43.74 -11.31 15.24
N VAL A 287 -44.27 -12.52 15.13
CA VAL A 287 -45.68 -12.76 15.43
C VAL A 287 -45.87 -12.89 16.92
N GLY A 288 -46.96 -12.32 17.43
CA GLY A 288 -47.26 -12.37 18.84
C GLY A 288 -48.57 -13.07 19.16
N GLN A 289 -49.29 -12.56 20.16
CA GLN A 289 -50.56 -13.16 20.54
C GLN A 289 -51.60 -12.16 21.04
N GLN A 290 -51.28 -10.87 21.11
CA GLN A 290 -52.25 -9.90 21.59
C GLN A 290 -53.18 -9.48 20.45
N PRO A 291 -54.47 -9.34 20.72
CA PRO A 291 -55.41 -8.94 19.65
C PRO A 291 -55.36 -7.45 19.40
N VAL A 292 -55.63 -7.08 18.15
CA VAL A 292 -55.62 -5.68 17.74
C VAL A 292 -56.98 -5.03 18.00
N GLU A 293 -58.07 -5.68 17.60
CA GLU A 293 -59.42 -5.20 17.77
C GLU A 293 -59.79 -4.08 16.80
N ASP A 294 -59.08 -3.96 15.69
CA ASP A 294 -59.37 -2.93 14.70
C ASP A 294 -58.80 -3.37 13.35
N ILE A 295 -59.22 -2.67 12.31
CA ILE A 295 -58.75 -2.99 10.96
C ILE A 295 -57.41 -2.34 10.68
N SER A 296 -57.34 -1.02 10.85
CA SER A 296 -56.12 -0.26 10.61
C SER A 296 -55.52 0.14 11.96
N SER A 297 -54.23 -0.15 12.14
CA SER A 297 -53.54 0.18 13.38
C SER A 297 -52.10 0.61 13.11
N ASN A 298 -51.41 -0.14 12.27
CA ASN A 298 -50.03 0.15 11.92
C ASN A 298 -49.96 0.97 10.63
N ARG A 299 -48.82 1.62 10.42
CA ARG A 299 -48.62 2.44 9.24
C ARG A 299 -48.33 1.62 7.99
N ILE A 300 -47.82 0.39 8.15
CA ILE A 300 -47.51 -0.43 6.98
C ILE A 300 -48.79 -0.83 6.25
N TYR A 301 -49.84 -1.18 7.00
CA TYR A 301 -51.11 -1.54 6.38
C TYR A 301 -51.72 -0.35 5.66
N LYS A 302 -51.65 0.83 6.27
CA LYS A 302 -52.18 2.03 5.62
C LYS A 302 -51.40 2.36 4.35
N ILE A 303 -50.07 2.21 4.39
CA ILE A 303 -49.27 2.47 3.20
C ILE A 303 -49.58 1.47 2.10
N LEU A 304 -49.76 0.20 2.45
CA LEU A 304 -50.11 -0.81 1.46
C LEU A 304 -51.50 -0.58 0.88
N GLU A 305 -52.43 -0.10 1.69
CA GLU A 305 -53.76 0.19 1.18
C GLU A 305 -53.79 1.44 0.30
N LEU A 306 -52.96 2.43 0.62
CA LEU A 306 -52.91 3.64 -0.19
C LEU A 306 -52.12 3.46 -1.48
N ASN A 307 -51.13 2.56 -1.48
CA ASN A 307 -50.35 2.32 -2.69
C ASN A 307 -51.13 1.53 -3.73
N GLY A 308 -52.05 0.68 -3.29
CA GLY A 308 -52.84 -0.13 -4.20
C GLY A 308 -52.46 -1.59 -4.18
N TYR A 309 -52.63 -2.24 -3.03
CA TYR A 309 -52.32 -3.65 -2.87
C TYR A 309 -53.39 -4.32 -2.03
N ASP A 310 -53.45 -5.64 -2.12
CA ASP A 310 -54.44 -6.40 -1.37
C ASP A 310 -54.00 -6.52 0.08
N PRO A 311 -54.92 -6.38 1.04
CA PRO A 311 -54.54 -6.49 2.45
C PRO A 311 -54.34 -7.94 2.88
N GLN A 312 -55.36 -8.78 2.65
CA GLN A 312 -55.26 -10.18 3.04
C GLN A 312 -54.19 -10.90 2.22
N TYR A 313 -54.13 -10.63 0.92
CA TYR A 313 -53.11 -11.26 0.08
C TYR A 313 -51.70 -10.81 0.49
N ALA A 314 -51.55 -9.53 0.80
CA ALA A 314 -50.25 -9.03 1.24
C ALA A 314 -49.85 -9.65 2.57
N ALA A 315 -50.80 -9.78 3.50
CA ALA A 315 -50.50 -10.41 4.79
C ALA A 315 -50.13 -11.87 4.61
N SER A 316 -50.82 -12.58 3.73
CA SER A 316 -50.48 -13.99 3.47
C SER A 316 -49.10 -14.11 2.84
N VAL A 317 -48.77 -13.22 1.90
CA VAL A 317 -47.45 -13.25 1.28
C VAL A 317 -46.36 -12.96 2.30
N PHE A 318 -46.61 -12.01 3.20
CA PHE A 318 -45.63 -11.69 4.24
C PHE A 318 -45.45 -12.86 5.20
N LEU A 319 -46.55 -13.52 5.57
CA LEU A 319 -46.46 -14.67 6.46
C LEU A 319 -45.74 -15.84 5.80
N GLY A 320 -45.94 -16.01 4.49
CA GLY A 320 -45.24 -17.07 3.78
C GLY A 320 -43.77 -16.78 3.57
N TRP A 321 -43.41 -15.51 3.39
CA TRP A 321 -42.01 -15.15 3.21
C TRP A 321 -41.25 -15.13 4.53
N ALA A 322 -41.92 -14.78 5.63
CA ALA A 322 -41.24 -14.74 6.92
C ALA A 322 -41.05 -16.14 7.50
N THR A 323 -41.87 -17.11 7.10
CA THR A 323 -41.74 -18.46 7.62
C THR A 323 -40.63 -19.24 6.93
N LYS A 324 -40.31 -18.90 5.69
CA LYS A 324 -39.25 -19.59 4.95
C LYS A 324 -39.75 -20.93 4.42
N LYS A 325 -40.99 -20.96 3.94
CA LYS A 325 -41.60 -22.16 3.40
C LYS A 325 -41.85 -22.07 1.89
N PHE A 326 -41.21 -21.11 1.21
CA PHE A 326 -41.40 -20.96 -0.22
C PHE A 326 -40.58 -21.98 -1.00
N GLY A 327 -39.26 -21.83 -0.99
CA GLY A 327 -38.38 -22.76 -1.69
C GLY A 327 -37.51 -22.08 -2.73
N LYS A 328 -38.14 -21.60 -3.81
CA LYS A 328 -37.42 -20.93 -4.89
C LYS A 328 -37.49 -19.40 -4.78
N ARG A 329 -38.69 -18.86 -4.59
CA ARG A 329 -38.87 -17.42 -4.49
C ARG A 329 -38.49 -17.00 -3.07
N ASN A 330 -37.25 -16.54 -2.89
CA ASN A 330 -36.75 -16.11 -1.59
C ASN A 330 -36.13 -14.71 -1.68
N THR A 331 -36.61 -13.89 -2.61
CA THR A 331 -36.10 -12.53 -2.78
C THR A 331 -37.27 -11.58 -2.95
N ILE A 332 -37.09 -10.35 -2.46
CA ILE A 332 -38.11 -9.31 -2.54
C ILE A 332 -37.49 -8.11 -3.22
N TRP A 333 -38.02 -7.73 -4.39
CA TRP A 333 -37.53 -6.60 -5.16
C TRP A 333 -38.42 -5.39 -4.89
N LEU A 334 -37.80 -4.25 -4.60
CA LEU A 334 -38.50 -3.01 -4.32
C LEU A 334 -38.10 -1.98 -5.37
N PHE A 335 -39.08 -1.49 -6.11
CA PHE A 335 -38.85 -0.50 -7.16
C PHE A 335 -39.24 0.89 -6.65
N GLY A 336 -38.39 1.87 -6.92
CA GLY A 336 -38.64 3.23 -6.49
C GLY A 336 -37.43 3.84 -5.80
N PRO A 337 -37.54 5.12 -5.45
CA PRO A 337 -36.43 5.79 -4.78
C PRO A 337 -36.36 5.41 -3.30
N ALA A 338 -35.27 5.82 -2.66
CA ALA A 338 -35.07 5.52 -1.25
C ALA A 338 -35.89 6.41 -0.34
N THR A 339 -36.41 7.53 -0.85
CA THR A 339 -37.21 8.45 -0.05
C THR A 339 -38.70 8.12 -0.09
N THR A 340 -39.08 6.98 -0.67
CA THR A 340 -40.48 6.61 -0.73
C THR A 340 -40.98 6.05 0.61
N GLY A 341 -40.31 5.01 1.11
CA GLY A 341 -40.69 4.41 2.37
C GLY A 341 -40.21 2.98 2.52
N LYS A 342 -39.47 2.49 1.52
CA LYS A 342 -38.96 1.13 1.57
C LYS A 342 -37.77 1.00 2.52
N THR A 343 -36.86 1.98 2.50
CA THR A 343 -35.69 1.93 3.38
C THR A 343 -36.10 2.04 4.84
N ASN A 344 -37.04 2.94 5.15
CA ASN A 344 -37.51 3.07 6.53
C ASN A 344 -38.21 1.81 7.00
N ILE A 345 -39.03 1.19 6.13
CA ILE A 345 -39.71 -0.04 6.50
C ILE A 345 -38.71 -1.17 6.73
N ALA A 346 -37.68 -1.25 5.89
CA ALA A 346 -36.66 -2.28 6.07
C ALA A 346 -35.89 -2.06 7.37
N GLU A 347 -35.56 -0.80 7.68
CA GLU A 347 -34.86 -0.51 8.92
C GLU A 347 -35.72 -0.85 10.14
N ALA A 348 -37.02 -0.56 10.07
CA ALA A 348 -37.92 -0.89 11.17
C ALA A 348 -38.05 -2.40 11.33
N ILE A 349 -38.13 -3.13 10.23
CA ILE A 349 -38.24 -4.58 10.30
C ILE A 349 -36.95 -5.20 10.84
N ALA A 350 -35.79 -4.60 10.52
CA ALA A 350 -34.53 -5.10 11.04
C ALA A 350 -34.33 -4.77 12.52
N HIS A 351 -34.82 -3.61 12.95
CA HIS A 351 -34.68 -3.22 14.36
C HIS A 351 -35.74 -3.84 15.25
N THR A 352 -36.85 -4.33 14.68
CA THR A 352 -37.88 -4.94 15.50
C THR A 352 -37.45 -6.29 16.06
N VAL A 353 -36.50 -6.95 15.39
CA VAL A 353 -36.00 -8.25 15.85
C VAL A 353 -34.85 -8.02 16.81
N PRO A 354 -34.59 -8.94 17.75
CA PRO A 354 -33.48 -8.73 18.68
C PRO A 354 -32.12 -9.02 18.06
N PHE A 355 -32.08 -10.01 17.16
CA PHE A 355 -30.85 -10.40 16.48
C PHE A 355 -31.09 -10.27 14.98
N TYR A 356 -30.30 -9.43 14.32
CA TYR A 356 -30.42 -9.21 12.89
C TYR A 356 -29.03 -8.94 12.33
N GLY A 357 -28.97 -8.53 11.06
CA GLY A 357 -27.71 -8.25 10.41
C GLY A 357 -27.88 -7.64 9.04
N CYS A 358 -27.05 -6.65 8.72
CA CYS A 358 -27.09 -5.97 7.43
C CYS A 358 -25.70 -5.96 6.82
N VAL A 359 -25.63 -6.15 5.51
CA VAL A 359 -24.37 -6.17 4.78
C VAL A 359 -24.54 -5.27 3.56
N ASN A 360 -23.73 -4.21 3.49
CA ASN A 360 -23.77 -3.27 2.39
C ASN A 360 -22.88 -3.74 1.24
N TRP A 361 -23.03 -3.09 0.08
CA TRP A 361 -22.26 -3.40 -1.11
C TRP A 361 -21.77 -2.08 -1.70
N THR A 362 -20.50 -1.76 -1.44
CA THR A 362 -19.88 -0.53 -1.93
C THR A 362 -18.91 -0.79 -3.07
N ASN A 363 -17.89 -1.63 -2.85
CA ASN A 363 -16.92 -1.93 -3.88
C ASN A 363 -17.47 -2.96 -4.86
N GLU A 364 -17.21 -4.24 -4.61
CA GLU A 364 -17.69 -5.30 -5.48
C GLU A 364 -18.08 -6.53 -4.67
N ASN A 365 -17.14 -7.07 -3.90
CA ASN A 365 -17.41 -8.24 -3.08
C ASN A 365 -16.34 -8.40 -2.00
N PHE A 366 -16.31 -7.48 -1.05
CA PHE A 366 -15.33 -7.53 0.03
C PHE A 366 -15.95 -7.01 1.32
N PRO A 367 -16.84 -6.01 1.24
CA PRO A 367 -17.46 -5.49 2.47
C PRO A 367 -18.61 -6.36 2.94
N PHE A 368 -18.32 -7.28 3.86
CA PHE A 368 -19.32 -8.19 4.42
C PHE A 368 -19.27 -8.09 5.93
N ASN A 369 -20.38 -7.67 6.54
CA ASN A 369 -20.45 -7.53 7.99
C ASN A 369 -20.63 -8.89 8.65
N ASP A 370 -21.88 -9.27 8.91
CA ASP A 370 -22.18 -10.55 9.55
C ASP A 370 -23.57 -10.99 9.09
N CYS A 371 -23.65 -12.16 8.47
CA CYS A 371 -24.92 -12.68 7.99
C CYS A 371 -24.97 -14.20 7.99
N VAL A 372 -24.18 -14.84 8.86
CA VAL A 372 -24.14 -16.30 8.95
C VAL A 372 -25.19 -16.75 9.95
N ASP A 373 -26.16 -17.55 9.48
CA ASP A 373 -27.25 -18.04 10.32
C ASP A 373 -28.28 -16.97 10.63
N LYS A 374 -28.55 -16.11 9.65
CA LYS A 374 -29.51 -15.03 9.78
C LYS A 374 -30.78 -15.37 9.00
N MET A 375 -31.73 -14.43 9.01
CA MET A 375 -32.99 -14.60 8.32
C MET A 375 -33.42 -13.39 7.50
N VAL A 376 -32.68 -12.29 7.56
CA VAL A 376 -33.00 -11.07 6.81
C VAL A 376 -31.70 -10.50 6.27
N ILE A 377 -31.60 -10.36 4.96
CA ILE A 377 -30.42 -9.83 4.29
C ILE A 377 -30.77 -8.46 3.73
N TRP A 378 -29.92 -7.48 4.02
CA TRP A 378 -30.13 -6.11 3.56
C TRP A 378 -29.40 -5.88 2.25
N TRP A 379 -29.94 -4.99 1.43
CA TRP A 379 -29.34 -4.65 0.14
C TRP A 379 -29.78 -3.23 -0.22
N GLU A 380 -28.97 -2.26 0.18
CA GLU A 380 -29.26 -0.86 -0.09
C GLU A 380 -28.74 -0.40 -1.45
N GLU A 381 -27.58 -0.90 -1.86
CA GLU A 381 -26.99 -0.53 -3.15
C GLU A 381 -26.04 -1.65 -3.57
N GLY A 382 -25.24 -1.38 -4.60
CA GLY A 382 -24.29 -2.36 -5.09
C GLY A 382 -24.56 -2.77 -6.53
N LYS A 383 -23.69 -2.33 -7.44
CA LYS A 383 -23.81 -2.65 -8.86
C LYS A 383 -22.85 -3.79 -9.17
N MET A 384 -23.38 -5.01 -9.24
CA MET A 384 -22.56 -6.18 -9.52
C MET A 384 -22.24 -6.24 -11.01
N THR A 385 -20.97 -6.48 -11.34
CA THR A 385 -20.54 -6.56 -12.72
C THR A 385 -20.82 -7.95 -13.28
N ALA A 386 -20.47 -8.14 -14.56
CA ALA A 386 -20.65 -9.43 -15.23
C ALA A 386 -19.56 -10.38 -14.77
N LYS A 387 -19.81 -11.04 -13.65
CA LYS A 387 -18.86 -12.00 -13.09
C LYS A 387 -19.52 -12.89 -12.05
N VAL A 388 -20.37 -12.31 -11.20
CA VAL A 388 -21.08 -13.04 -10.17
C VAL A 388 -22.55 -13.25 -10.51
N VAL A 389 -22.95 -12.97 -11.76
CA VAL A 389 -24.35 -13.14 -12.14
C VAL A 389 -24.72 -14.62 -12.16
N GLU A 390 -23.81 -15.49 -12.59
CA GLU A 390 -24.08 -16.92 -12.60
C GLU A 390 -24.00 -17.55 -11.22
N SER A 391 -23.40 -16.86 -10.25
CA SER A 391 -23.30 -17.39 -8.90
C SER A 391 -24.39 -16.85 -7.97
N ALA A 392 -24.89 -15.65 -8.22
CA ALA A 392 -25.95 -15.10 -7.38
C ALA A 392 -27.25 -15.89 -7.53
N LYS A 393 -27.55 -16.32 -8.75
CA LYS A 393 -28.77 -17.10 -8.98
C LYS A 393 -28.71 -18.46 -8.28
N ALA A 394 -27.51 -19.04 -8.15
CA ALA A 394 -27.37 -20.30 -7.44
C ALA A 394 -27.31 -20.11 -5.93
N ILE A 395 -26.78 -18.97 -5.47
CA ILE A 395 -26.72 -18.72 -4.03
C ILE A 395 -28.09 -18.33 -3.48
N LEU A 396 -28.89 -17.61 -4.26
CA LEU A 396 -30.23 -17.19 -3.83
C LEU A 396 -31.33 -18.10 -4.36
N GLY A 397 -30.98 -19.32 -4.76
CA GLY A 397 -31.97 -20.24 -5.28
C GLY A 397 -32.23 -21.42 -4.35
N GLY A 398 -31.19 -21.86 -3.66
CA GLY A 398 -31.32 -22.99 -2.74
C GLY A 398 -30.04 -23.79 -2.62
N SER A 399 -28.91 -23.13 -2.60
CA SER A 399 -27.61 -23.79 -2.47
C SER A 399 -26.67 -22.87 -1.70
N LYS A 400 -25.36 -23.08 -1.86
CA LYS A 400 -24.35 -22.29 -1.20
C LYS A 400 -23.37 -21.78 -2.25
N VAL A 401 -22.42 -20.94 -1.79
CA VAL A 401 -21.40 -20.36 -2.66
C VAL A 401 -20.19 -20.02 -1.82
N ARG A 402 -19.04 -19.91 -2.49
CA ARG A 402 -17.79 -19.58 -1.80
C ARG A 402 -17.69 -18.08 -1.55
N VAL A 403 -17.26 -17.71 -0.36
CA VAL A 403 -17.11 -16.33 0.05
C VAL A 403 -15.64 -16.05 0.33
N ASP A 404 -15.17 -14.91 -0.15
CA ASP A 404 -13.77 -14.49 0.02
C ASP A 404 -13.78 -13.13 0.70
N GLN A 405 -13.48 -13.10 2.00
CA GLN A 405 -13.45 -11.86 2.75
C GLN A 405 -12.10 -11.17 2.62
N LYS A 406 -11.39 -11.02 3.75
CA LYS A 406 -10.08 -10.38 3.72
C LYS A 406 -9.01 -11.35 3.24
N CYS A 407 -8.64 -12.32 4.08
CA CYS A 407 -7.63 -13.30 3.72
C CYS A 407 -7.85 -14.61 4.46
N LYS A 408 -7.85 -14.55 5.80
CA LYS A 408 -8.05 -15.73 6.64
C LYS A 408 -9.50 -15.85 7.09
N SER A 409 -10.43 -15.79 6.14
CA SER A 409 -11.85 -15.89 6.46
C SER A 409 -12.55 -16.55 5.28
N SER A 410 -13.24 -17.66 5.55
CA SER A 410 -13.95 -18.39 4.50
C SER A 410 -15.20 -19.00 5.12
N ALA A 411 -16.34 -18.84 4.44
CA ALA A 411 -17.60 -19.39 4.91
C ALA A 411 -18.50 -19.63 3.70
N GLN A 412 -19.74 -20.02 3.96
CA GLN A 412 -20.72 -20.30 2.92
C GLN A 412 -21.89 -19.33 3.05
N ILE A 413 -22.82 -19.43 2.11
CA ILE A 413 -24.01 -18.58 2.07
C ILE A 413 -25.22 -19.50 2.20
N ASP A 414 -25.91 -19.43 3.34
CA ASP A 414 -27.08 -20.25 3.57
C ASP A 414 -28.29 -19.68 2.84
N PRO A 415 -29.35 -20.47 2.70
CA PRO A 415 -30.57 -19.98 2.01
C PRO A 415 -31.41 -19.04 2.86
N THR A 416 -30.98 -17.79 2.92
CA THR A 416 -31.67 -16.78 3.69
C THR A 416 -32.38 -15.79 2.77
N PRO A 417 -33.47 -15.17 3.23
CA PRO A 417 -34.18 -14.22 2.37
C PRO A 417 -33.50 -12.85 2.40
N VAL A 418 -33.19 -12.33 1.21
CA VAL A 418 -32.52 -11.04 1.05
C VAL A 418 -33.55 -10.05 0.52
N ILE A 419 -33.59 -8.87 1.13
CA ILE A 419 -34.51 -7.81 0.74
C ILE A 419 -33.77 -6.87 -0.20
N VAL A 420 -34.08 -6.93 -1.48
CA VAL A 420 -33.43 -6.07 -2.47
C VAL A 420 -34.15 -4.73 -2.51
N THR A 421 -33.37 -3.65 -2.44
CA THR A 421 -33.92 -2.29 -2.47
C THR A 421 -33.00 -1.44 -3.33
N SER A 422 -33.44 -1.13 -4.54
CA SER A 422 -32.67 -0.32 -5.47
C SER A 422 -33.57 0.72 -6.11
N ASN A 423 -32.95 1.66 -6.83
CA ASN A 423 -33.68 2.73 -7.49
C ASN A 423 -33.52 2.75 -9.01
N THR A 424 -32.46 2.12 -9.54
CA THR A 424 -32.24 2.11 -10.98
C THR A 424 -32.87 0.87 -11.61
N ASN A 425 -32.30 0.40 -12.71
CA ASN A 425 -32.79 -0.78 -13.42
C ASN A 425 -31.80 -1.92 -13.18
N MET A 426 -32.23 -2.91 -12.39
CA MET A 426 -31.38 -4.06 -12.10
C MET A 426 -31.44 -5.15 -13.15
N CYS A 427 -32.33 -5.01 -14.15
CA CYS A 427 -32.43 -6.03 -15.19
C CYS A 427 -31.31 -5.94 -16.21
N ALA A 428 -30.67 -4.79 -16.35
CA ALA A 428 -29.56 -4.60 -17.30
C ALA A 428 -28.25 -4.81 -16.54
N VAL A 429 -27.64 -5.97 -16.72
CA VAL A 429 -26.38 -6.29 -16.05
C VAL A 429 -25.25 -5.57 -16.78
N ILE A 430 -24.52 -4.74 -16.04
CA ILE A 430 -23.41 -3.99 -16.63
C ILE A 430 -22.20 -4.93 -16.75
N ASP A 431 -21.72 -5.11 -17.97
CA ASP A 431 -20.58 -5.98 -18.25
C ASP A 431 -19.29 -5.17 -18.41
N GLY A 432 -19.03 -4.27 -17.46
CA GLY A 432 -17.83 -3.45 -17.52
C GLY A 432 -18.08 -2.09 -18.14
N ASN A 433 -18.55 -2.08 -19.39
CA ASN A 433 -18.82 -0.83 -20.09
C ASN A 433 -20.08 -0.85 -20.93
N SER A 434 -20.85 -1.95 -20.92
CA SER A 434 -22.07 -2.02 -21.71
C SER A 434 -23.21 -2.66 -20.92
N THR A 435 -24.07 -3.41 -21.59
CA THR A 435 -25.20 -4.07 -20.95
C THR A 435 -25.19 -5.54 -21.33
N THR A 436 -26.03 -6.31 -20.63
CA THR A 436 -26.14 -7.75 -20.88
C THR A 436 -27.58 -8.17 -20.60
N PHE A 437 -28.18 -8.88 -21.55
CA PHE A 437 -29.56 -9.36 -21.44
C PHE A 437 -29.59 -10.83 -21.86
N GLU A 438 -28.97 -11.69 -21.04
CA GLU A 438 -28.92 -13.12 -21.32
C GLU A 438 -29.25 -14.00 -20.12
N HIS A 439 -29.22 -13.48 -18.90
CA HIS A 439 -29.52 -14.27 -17.71
C HIS A 439 -30.39 -13.51 -16.72
N GLN A 440 -31.26 -12.62 -17.22
CA GLN A 440 -32.13 -11.85 -16.35
C GLN A 440 -33.39 -12.61 -15.96
N GLN A 441 -33.83 -13.54 -16.81
CA GLN A 441 -35.04 -14.32 -16.54
C GLN A 441 -34.80 -15.23 -15.35
N PRO A 442 -33.62 -15.84 -15.23
CA PRO A 442 -33.36 -16.70 -14.06
C PRO A 442 -33.34 -15.94 -12.74
N LEU A 443 -32.88 -14.69 -12.74
CA LEU A 443 -32.90 -13.89 -11.52
C LEU A 443 -34.26 -13.24 -11.27
N GLN A 444 -35.08 -13.07 -12.31
CA GLN A 444 -36.40 -12.49 -12.13
C GLN A 444 -37.44 -13.53 -11.71
N ASP A 445 -37.26 -14.80 -12.13
CA ASP A 445 -38.20 -15.84 -11.77
C ASP A 445 -38.07 -16.24 -10.30
N ARG A 446 -36.94 -15.98 -9.67
CA ARG A 446 -36.74 -16.34 -8.27
C ARG A 446 -36.75 -15.10 -7.39
N MET A 447 -37.74 -14.23 -7.57
CA MET A 447 -37.87 -13.02 -6.79
C MET A 447 -39.32 -12.58 -6.78
N PHE A 448 -39.60 -11.55 -5.98
CA PHE A 448 -40.94 -11.00 -5.84
C PHE A 448 -40.85 -9.48 -5.99
N LYS A 449 -41.36 -8.95 -7.10
CA LYS A 449 -41.33 -7.52 -7.34
C LYS A 449 -42.44 -6.83 -6.57
N PHE A 450 -42.09 -5.82 -5.78
CA PHE A 450 -43.04 -5.06 -4.97
C PHE A 450 -42.87 -3.59 -5.33
N GLU A 451 -43.84 -3.05 -6.08
CA GLU A 451 -43.79 -1.66 -6.50
C GLU A 451 -44.22 -0.77 -5.34
N LEU A 452 -43.37 0.21 -5.00
CA LEU A 452 -43.61 1.16 -3.91
C LEU A 452 -43.41 2.56 -4.47
N THR A 453 -44.46 3.14 -5.05
CA THR A 453 -44.40 4.47 -5.63
C THR A 453 -45.00 5.54 -4.72
N ARG A 454 -45.80 5.16 -3.74
CA ARG A 454 -46.42 6.12 -2.82
C ARG A 454 -45.38 6.56 -1.79
N ARG A 455 -45.01 7.83 -1.85
CA ARG A 455 -44.02 8.38 -0.92
C ARG A 455 -44.68 8.76 0.40
N LEU A 456 -43.86 9.20 1.35
CA LEU A 456 -44.37 9.60 2.66
C LEU A 456 -44.97 11.00 2.59
N ASP A 457 -45.64 11.38 3.68
CA ASP A 457 -46.27 12.69 3.78
C ASP A 457 -45.34 13.73 4.40
N HIS A 458 -44.90 13.48 5.63
CA HIS A 458 -44.00 14.40 6.31
C HIS A 458 -43.23 13.69 7.41
N ASP A 459 -42.23 12.89 7.02
CA ASP A 459 -41.42 12.15 7.99
C ASP A 459 -42.16 10.93 8.50
N PHE A 460 -42.61 10.07 7.58
CA PHE A 460 -43.33 8.87 7.95
C PHE A 460 -42.36 7.77 8.36
N GLY A 461 -42.90 6.72 8.98
CA GLY A 461 -42.12 5.61 9.43
C GLY A 461 -41.85 5.64 10.93
N LYS A 462 -40.81 4.91 11.33
CA LYS A 462 -40.42 4.84 12.73
C LYS A 462 -41.34 3.90 13.50
N VAL A 463 -41.56 2.71 12.97
CA VAL A 463 -42.43 1.73 13.61
C VAL A 463 -41.66 1.05 14.74
N THR A 464 -42.33 0.85 15.86
CA THR A 464 -41.73 0.21 17.02
C THR A 464 -41.92 -1.30 16.95
N LYS A 465 -41.58 -2.00 18.03
CA LYS A 465 -41.73 -3.45 18.05
C LYS A 465 -43.17 -3.87 18.32
N GLN A 466 -43.89 -3.09 19.14
CA GLN A 466 -45.27 -3.43 19.45
C GLN A 466 -46.16 -3.32 18.21
N GLU A 467 -45.97 -2.27 17.42
CA GLU A 467 -46.76 -2.11 16.19
C GLU A 467 -46.45 -3.22 15.19
N VAL A 468 -45.18 -3.60 15.07
CA VAL A 468 -44.81 -4.68 14.16
C VAL A 468 -45.42 -6.00 14.62
N LYS A 469 -45.40 -6.25 15.93
CA LYS A 469 -45.99 -7.48 16.46
C LYS A 469 -47.50 -7.51 16.24
N ASP A 470 -48.16 -6.36 16.43
CA ASP A 470 -49.60 -6.29 16.20
C ASP A 470 -49.93 -6.51 14.73
N PHE A 471 -49.13 -5.94 13.82
CA PHE A 471 -49.34 -6.14 12.40
C PHE A 471 -49.13 -7.60 12.00
N PHE A 472 -48.09 -8.23 12.56
CA PHE A 472 -47.86 -9.64 12.28
C PHE A 472 -48.99 -10.52 12.80
N ARG A 473 -49.50 -10.21 13.99
CA ARG A 473 -50.62 -10.98 14.53
C ARG A 473 -51.88 -10.79 13.69
N TRP A 474 -52.14 -9.56 13.23
CA TRP A 474 -53.30 -9.33 12.39
C TRP A 474 -53.17 -10.00 11.03
N ALA A 475 -51.94 -10.09 10.50
CA ALA A 475 -51.74 -10.76 9.23
C ALA A 475 -51.85 -12.28 9.37
N LYS A 476 -51.41 -12.82 10.51
CA LYS A 476 -51.50 -14.25 10.73
C LYS A 476 -52.91 -14.70 11.10
N ASP A 477 -53.71 -13.81 11.71
CA ASP A 477 -55.07 -14.16 12.08
C ASP A 477 -55.99 -14.26 10.87
N HIS A 478 -55.65 -13.62 9.76
CA HIS A 478 -56.45 -13.65 8.54
C HIS A 478 -55.55 -14.13 7.40
N VAL A 479 -55.62 -15.42 7.11
CA VAL A 479 -54.83 -16.05 6.04
C VAL A 479 -55.76 -16.40 4.89
N VAL A 480 -55.27 -16.21 3.67
CA VAL A 480 -56.06 -16.51 2.47
C VAL A 480 -55.21 -17.35 1.52
N GLU A 481 -55.58 -17.34 0.24
CA GLU A 481 -54.86 -18.11 -0.77
C GLU A 481 -53.84 -17.21 -1.46
N VAL A 482 -52.66 -17.77 -1.70
CA VAL A 482 -51.56 -17.05 -2.35
C VAL A 482 -50.82 -18.04 -3.25
N GLU A 483 -50.58 -17.64 -4.50
CA GLU A 483 -49.88 -18.48 -5.45
C GLU A 483 -48.37 -18.27 -5.33
N HIS A 484 -47.62 -19.15 -6.00
CA HIS A 484 -46.17 -19.12 -6.01
C HIS A 484 -45.72 -18.76 -7.42
N GLU A 485 -45.40 -17.49 -7.64
CA GLU A 485 -44.96 -17.02 -8.95
C GLU A 485 -44.13 -15.76 -8.74
N PHE A 486 -43.92 -15.00 -9.82
CA PHE A 486 -43.14 -13.77 -9.77
C PHE A 486 -44.01 -12.51 -9.78
N TYR A 487 -45.04 -12.47 -10.62
CA TYR A 487 -45.91 -11.32 -10.69
C TYR A 487 -46.91 -11.35 -9.55
N VAL A 488 -47.06 -10.22 -8.85
CA VAL A 488 -47.98 -10.11 -7.73
C VAL A 488 -49.35 -9.70 -8.27
N LYS A 489 -50.38 -10.47 -7.94
CA LYS A 489 -51.74 -10.20 -8.38
C LYS A 489 -52.38 -9.21 -7.39
N LYS A 490 -52.14 -7.93 -7.66
CA LYS A 490 -52.67 -6.85 -6.82
C LYS A 490 -54.14 -6.65 -7.19
N GLY A 491 -55.01 -7.33 -6.46
CA GLY A 491 -56.44 -7.23 -6.70
C GLY A 491 -57.22 -6.84 -5.46
N GLY A 492 -56.89 -5.68 -4.88
CA GLY A 492 -57.57 -5.20 -3.70
C GLY A 492 -57.12 -3.82 -3.26
N LYS B 221 -4.60 -4.60 44.00
CA LYS B 221 -3.77 -3.41 43.90
C LYS B 221 -4.11 -2.62 42.64
N THR B 222 -4.24 -3.32 41.51
CA THR B 222 -4.56 -2.66 40.26
C THR B 222 -6.04 -2.30 40.16
N SER B 223 -6.91 -3.18 40.67
CA SER B 223 -8.34 -2.90 40.61
C SER B 223 -8.71 -1.71 41.49
N ALA B 224 -8.13 -1.64 42.68
CA ALA B 224 -8.41 -0.51 43.57
C ALA B 224 -7.90 0.80 42.97
N ARG B 225 -6.71 0.78 42.36
CA ARG B 225 -6.19 1.97 41.72
C ARG B 225 -7.05 2.39 40.54
N TYR B 226 -7.52 1.44 39.74
CA TYR B 226 -8.40 1.77 38.62
C TYR B 226 -9.72 2.34 39.11
N MET B 227 -10.28 1.79 40.18
CA MET B 227 -11.52 2.31 40.73
C MET B 227 -11.33 3.72 41.27
N GLU B 228 -10.20 3.97 41.94
CA GLU B 228 -9.92 5.31 42.46
C GLU B 228 -9.74 6.31 41.32
N LEU B 229 -9.07 5.90 40.25
CA LEU B 229 -8.90 6.79 39.10
C LEU B 229 -10.23 7.08 38.43
N VAL B 230 -11.10 6.07 38.30
CA VAL B 230 -12.41 6.28 37.71
C VAL B 230 -13.25 7.22 38.57
N GLY B 231 -13.18 7.05 39.89
CA GLY B 231 -13.90 7.95 40.78
C GLY B 231 -13.40 9.38 40.71
N TRP B 232 -12.08 9.55 40.65
CA TRP B 232 -11.51 10.89 40.54
C TRP B 232 -11.85 11.54 39.19
N LEU B 233 -11.93 10.75 38.12
CA LEU B 233 -12.31 11.29 36.83
C LEU B 233 -13.79 11.62 36.76
N VAL B 234 -14.63 10.86 37.45
CA VAL B 234 -16.07 11.14 37.44
C VAL B 234 -16.41 12.31 38.35
N ASP B 235 -15.68 12.48 39.46
CA ASP B 235 -15.92 13.58 40.39
C ASP B 235 -15.09 14.82 40.03
N LYS B 236 -15.27 15.31 38.81
CA LYS B 236 -14.55 16.49 38.34
C LYS B 236 -15.17 17.04 37.06
N GLY B 237 -14.94 16.38 35.94
CA GLY B 237 -15.47 16.82 34.67
C GLY B 237 -14.50 16.71 33.53
N ILE B 238 -14.72 15.75 32.63
CA ILE B 238 -13.86 15.51 31.49
C ILE B 238 -14.54 16.09 30.25
N THR B 239 -13.84 16.95 29.53
CA THR B 239 -14.36 17.59 28.33
C THR B 239 -13.56 17.23 27.08
N SER B 240 -12.25 17.29 27.14
CA SER B 240 -11.39 16.97 26.00
C SER B 240 -9.95 16.88 26.51
N GLU B 241 -8.99 16.87 25.58
CA GLU B 241 -7.59 16.79 25.96
C GLU B 241 -7.07 18.13 26.44
N LYS B 242 -7.39 19.21 25.73
CA LYS B 242 -6.91 20.54 26.11
C LYS B 242 -7.51 20.98 27.44
N GLN B 243 -8.82 20.74 27.63
CA GLN B 243 -9.45 21.11 28.89
C GLN B 243 -8.91 20.28 30.05
N TRP B 244 -8.67 18.98 29.81
CA TRP B 244 -8.11 18.13 30.86
C TRP B 244 -6.68 18.52 31.20
N ILE B 245 -5.91 18.99 30.22
CA ILE B 245 -4.55 19.42 30.50
C ILE B 245 -4.53 20.78 31.19
N GLN B 246 -5.49 21.65 30.88
CA GLN B 246 -5.54 22.96 31.53
C GLN B 246 -6.09 22.88 32.94
N GLU B 247 -7.01 21.96 33.20
CA GLU B 247 -7.59 21.82 34.54
C GLU B 247 -6.69 20.97 35.42
N ASP B 248 -7.23 19.87 35.95
CA ASP B 248 -6.48 18.97 36.82
C ASP B 248 -5.69 17.99 35.96
N GLN B 249 -4.37 17.96 36.15
CA GLN B 249 -3.49 17.07 35.40
C GLN B 249 -2.70 16.14 36.31
N ALA B 250 -3.19 15.88 37.52
CA ALA B 250 -2.50 15.00 38.46
C ALA B 250 -2.78 13.52 38.20
N SER B 251 -3.73 13.20 37.32
CA SER B 251 -4.03 11.80 37.06
C SER B 251 -2.86 11.09 36.38
N TYR B 252 -2.22 11.75 35.42
CA TYR B 252 -1.06 11.15 34.76
C TYR B 252 0.10 10.97 35.73
N ILE B 253 0.33 11.94 36.62
CA ILE B 253 1.39 11.82 37.60
C ILE B 253 1.10 10.68 38.57
N SER B 254 -0.16 10.54 38.99
CA SER B 254 -0.53 9.45 39.88
C SER B 254 -0.37 8.10 39.21
N PHE B 255 -0.74 8.01 37.92
CA PHE B 255 -0.59 6.74 37.20
C PHE B 255 0.87 6.40 36.98
N ASN B 256 1.73 7.41 36.77
CA ASN B 256 3.14 7.15 36.60
C ASN B 256 3.81 6.77 37.92
N ALA B 257 3.35 7.34 39.04
CA ALA B 257 3.91 7.00 40.33
C ALA B 257 3.45 5.65 40.84
N ALA B 258 2.21 5.27 40.56
CA ALA B 258 1.68 3.98 41.00
C ALA B 258 2.14 2.87 40.07
N SER B 259 1.42 2.67 38.97
CA SER B 259 1.77 1.63 38.01
C SER B 259 2.66 2.18 36.92
N ASN B 260 2.61 1.57 35.73
CA ASN B 260 3.42 2.01 34.61
C ASN B 260 2.80 1.59 33.28
N SER B 261 1.80 0.72 33.35
CA SER B 261 1.12 0.24 32.15
C SER B 261 0.13 1.30 31.67
N ARG B 262 0.32 1.79 30.44
CA ARG B 262 -0.55 2.81 29.89
C ARG B 262 -1.88 2.24 29.39
N SER B 263 -1.96 0.92 29.19
CA SER B 263 -3.21 0.33 28.71
C SER B 263 -4.32 0.47 29.74
N GLN B 264 -4.01 0.24 31.01
CA GLN B 264 -5.01 0.39 32.06
C GLN B 264 -5.47 1.83 32.18
N ILE B 265 -4.55 2.78 32.08
CA ILE B 265 -4.91 4.20 32.16
C ILE B 265 -5.78 4.58 30.97
N LYS B 266 -5.46 4.09 29.77
CA LYS B 266 -6.27 4.38 28.60
C LYS B 266 -7.66 3.78 28.73
N ALA B 267 -7.76 2.55 29.25
CA ALA B 267 -9.06 1.93 29.45
C ALA B 267 -9.89 2.70 30.48
N ALA B 268 -9.25 3.15 31.56
CA ALA B 268 -9.96 3.94 32.56
C ALA B 268 -10.44 5.26 31.99
N LEU B 269 -9.61 5.92 31.18
CA LEU B 269 -10.01 7.17 30.55
C LEU B 269 -11.16 6.96 29.59
N ASP B 270 -11.12 5.87 28.81
CA ASP B 270 -12.22 5.58 27.90
C ASP B 270 -13.51 5.29 28.64
N ASN B 271 -13.42 4.55 29.75
CA ASN B 271 -14.60 4.27 30.55
C ASN B 271 -15.18 5.54 31.17
N ALA B 272 -14.31 6.43 31.65
CA ALA B 272 -14.78 7.69 32.21
C ALA B 272 -15.44 8.55 31.14
N GLY B 273 -14.85 8.59 29.94
CA GLY B 273 -15.47 9.35 28.85
C GLY B 273 -16.82 8.78 28.45
N LYS B 274 -16.92 7.45 28.39
CA LYS B 274 -18.20 6.83 28.05
C LYS B 274 -19.25 7.10 29.12
N ILE B 275 -18.85 7.06 30.40
CA ILE B 275 -19.80 7.33 31.48
C ILE B 275 -20.22 8.80 31.46
N MET B 276 -19.32 9.71 31.10
CA MET B 276 -19.68 11.12 31.02
C MET B 276 -20.57 11.41 29.82
N SER B 277 -20.36 10.69 28.70
CA SER B 277 -21.19 10.90 27.53
C SER B 277 -22.57 10.28 27.67
N LEU B 278 -22.67 9.11 28.32
CA LEU B 278 -23.95 8.44 28.52
C LEU B 278 -24.70 9.15 29.64
N THR B 279 -25.44 10.18 29.27
CA THR B 279 -26.22 10.95 30.24
C THR B 279 -27.53 11.43 29.63
N LYS B 280 -27.45 12.14 28.50
CA LYS B 280 -28.62 12.65 27.82
C LYS B 280 -28.37 12.62 26.32
N THR B 281 -29.41 12.92 25.54
CA THR B 281 -29.31 12.93 24.09
C THR B 281 -28.67 14.22 23.59
N ALA B 282 -29.48 15.25 23.38
CA ALA B 282 -28.98 16.53 22.90
C ALA B 282 -30.01 17.62 23.20
N PRO B 283 -31.30 17.35 22.99
CA PRO B 283 -32.30 18.39 23.27
C PRO B 283 -32.45 18.70 24.75
N ASP B 284 -32.34 17.68 25.61
CA ASP B 284 -32.44 17.90 27.05
C ASP B 284 -31.18 18.51 27.63
N TYR B 285 -30.07 18.48 26.89
CA TYR B 285 -28.82 19.06 27.37
C TYR B 285 -28.56 20.45 26.81
N LEU B 286 -29.04 20.75 25.61
CA LEU B 286 -28.83 22.07 25.02
C LEU B 286 -29.86 23.09 25.50
N VAL B 287 -31.00 22.65 26.01
CA VAL B 287 -32.03 23.56 26.50
C VAL B 287 -31.70 23.96 27.92
N GLY B 288 -31.73 25.27 28.19
CA GLY B 288 -31.43 25.76 29.52
C GLY B 288 -32.61 25.65 30.47
N GLN B 289 -32.34 25.92 31.74
CA GLN B 289 -33.36 25.87 32.78
C GLN B 289 -33.61 27.25 33.37
N GLN B 290 -33.73 28.26 32.52
CA GLN B 290 -33.96 29.62 32.96
C GLN B 290 -34.78 30.38 31.92
N PRO B 291 -35.95 30.89 32.29
CA PRO B 291 -36.77 31.62 31.32
C PRO B 291 -36.36 33.09 31.22
N VAL B 292 -36.73 33.69 30.11
CA VAL B 292 -36.41 35.10 29.85
C VAL B 292 -37.62 35.96 30.20
N GLU B 293 -38.73 35.75 29.49
CA GLU B 293 -39.95 36.51 29.74
C GLU B 293 -39.98 37.78 28.89
N ASP B 294 -39.07 37.88 27.92
CA ASP B 294 -39.00 39.03 27.05
C ASP B 294 -38.33 38.63 25.75
N ILE B 295 -38.72 39.30 24.66
CA ILE B 295 -38.16 39.02 23.35
C ILE B 295 -36.91 39.84 23.04
N SER B 296 -36.59 40.83 23.85
CA SER B 296 -35.41 41.68 23.66
C SER B 296 -34.45 41.41 24.82
N SER B 297 -33.65 40.36 24.67
CA SER B 297 -32.69 39.99 25.71
C SER B 297 -31.74 38.91 25.20
N ASN B 298 -31.22 39.09 23.98
CA ASN B 298 -30.30 38.13 23.38
C ASN B 298 -29.77 38.71 22.09
N ARG B 299 -28.57 38.26 21.71
CA ARG B 299 -27.96 38.75 20.48
C ARG B 299 -28.58 38.13 19.24
N ILE B 300 -29.14 36.92 19.37
CA ILE B 300 -29.76 36.25 18.23
C ILE B 300 -30.98 37.02 17.76
N TYR B 301 -31.81 37.49 18.70
CA TYR B 301 -32.99 38.26 18.32
C TYR B 301 -32.60 39.58 17.66
N LYS B 302 -31.57 40.24 18.18
CA LYS B 302 -31.12 41.49 17.57
C LYS B 302 -30.58 41.25 16.16
N ILE B 303 -29.83 40.16 15.98
CA ILE B 303 -29.30 39.84 14.66
C ILE B 303 -30.42 39.52 13.68
N LEU B 304 -31.45 38.79 14.15
CA LEU B 304 -32.58 38.48 13.28
C LEU B 304 -33.38 39.72 12.93
N GLU B 305 -33.49 40.67 13.87
CA GLU B 305 -34.21 41.90 13.59
C GLU B 305 -33.42 42.80 12.64
N LEU B 306 -32.10 42.78 12.74
CA LEU B 306 -31.28 43.60 11.86
C LEU B 306 -31.20 43.02 10.45
N ASN B 307 -31.14 41.70 10.34
CA ASN B 307 -31.06 41.04 9.03
C ASN B 307 -32.43 40.86 8.37
N GLY B 308 -33.52 40.99 9.13
CA GLY B 308 -34.85 40.84 8.59
C GLY B 308 -35.29 39.39 8.48
N TYR B 309 -35.86 38.87 9.57
CA TYR B 309 -36.32 37.50 9.60
C TYR B 309 -37.24 37.31 10.80
N ASP B 310 -38.03 36.25 10.76
CA ASP B 310 -38.95 35.96 11.86
C ASP B 310 -38.20 35.31 13.02
N PRO B 311 -38.35 35.82 14.24
CA PRO B 311 -37.63 35.22 15.37
C PRO B 311 -38.31 33.97 15.89
N GLN B 312 -39.64 34.00 16.02
CA GLN B 312 -40.36 32.84 16.52
C GLN B 312 -40.28 31.68 15.54
N TYR B 313 -40.41 31.96 14.24
CA TYR B 313 -40.32 30.89 13.24
C TYR B 313 -38.92 30.29 13.22
N ALA B 314 -37.88 31.13 13.32
CA ALA B 314 -36.52 30.62 13.36
C ALA B 314 -36.28 29.78 14.61
N ALA B 315 -36.80 30.21 15.75
CA ALA B 315 -36.63 29.44 16.98
C ALA B 315 -37.35 28.10 16.88
N SER B 316 -38.55 28.09 16.28
CA SER B 316 -39.28 26.84 16.11
C SER B 316 -38.55 25.90 15.16
N VAL B 317 -37.99 26.44 14.07
CA VAL B 317 -37.23 25.62 13.14
C VAL B 317 -35.99 25.04 13.80
N PHE B 318 -35.31 25.85 14.62
CA PHE B 318 -34.14 25.35 15.33
C PHE B 318 -34.50 24.27 16.33
N LEU B 319 -35.61 24.45 17.05
CA LEU B 319 -36.05 23.43 18.00
C LEU B 319 -36.46 22.15 17.31
N GLY B 320 -37.07 22.26 16.12
CA GLY B 320 -37.44 21.07 15.37
C GLY B 320 -36.25 20.36 14.76
N TRP B 321 -35.23 21.10 14.35
CA TRP B 321 -34.03 20.48 13.78
C TRP B 321 -33.13 19.88 14.84
N ALA B 322 -33.07 20.49 16.03
CA ALA B 322 -32.22 19.97 17.09
C ALA B 322 -32.84 18.78 17.81
N THR B 323 -34.16 18.61 17.72
CA THR B 323 -34.85 17.51 18.37
C THR B 323 -35.18 16.35 17.42
N LYS B 324 -34.98 16.53 16.12
CA LYS B 324 -35.27 15.48 15.15
C LYS B 324 -36.77 15.42 14.86
N LYS B 325 -37.34 16.51 14.38
CA LYS B 325 -38.76 16.58 14.07
C LYS B 325 -39.07 16.58 12.58
N PHE B 326 -38.16 17.10 11.76
CA PHE B 326 -38.40 17.13 10.31
C PHE B 326 -38.15 15.76 9.67
N GLY B 327 -37.27 14.95 10.25
CA GLY B 327 -36.99 13.64 9.70
C GLY B 327 -35.98 13.68 8.57
N LYS B 328 -36.42 14.10 7.39
CA LYS B 328 -35.52 14.17 6.24
C LYS B 328 -34.58 15.37 6.31
N ARG B 329 -34.97 16.43 7.02
CA ARG B 329 -34.16 17.63 7.16
C ARG B 329 -33.48 17.60 8.52
N ASN B 330 -32.14 17.53 8.51
CA ASN B 330 -31.37 17.50 9.75
C ASN B 330 -30.04 18.23 9.63
N THR B 331 -29.96 19.23 8.75
CA THR B 331 -28.74 19.99 8.55
C THR B 331 -29.09 21.45 8.35
N ILE B 332 -28.34 22.34 9.00
CA ILE B 332 -28.55 23.77 8.92
C ILE B 332 -27.33 24.38 8.22
N TRP B 333 -27.56 25.00 7.07
CA TRP B 333 -26.50 25.63 6.29
C TRP B 333 -26.60 27.14 6.43
N LEU B 334 -25.49 27.78 6.78
CA LEU B 334 -25.41 29.22 6.96
C LEU B 334 -24.67 29.81 5.77
N PHE B 335 -25.41 30.46 4.87
CA PHE B 335 -24.83 31.07 3.69
C PHE B 335 -24.57 32.56 3.93
N GLY B 336 -23.51 33.05 3.33
CA GLY B 336 -23.12 34.44 3.47
C GLY B 336 -21.62 34.62 3.52
N PRO B 337 -21.18 35.84 3.80
CA PRO B 337 -19.73 36.12 3.87
C PRO B 337 -19.17 35.69 5.22
N ALA B 338 -17.84 35.76 5.31
CA ALA B 338 -17.17 35.38 6.56
C ALA B 338 -17.29 36.47 7.62
N THR B 339 -17.37 37.72 7.21
CA THR B 339 -17.49 38.85 8.14
C THR B 339 -18.95 39.30 8.25
N THR B 340 -19.80 38.36 8.65
CA THR B 340 -21.23 38.61 8.82
C THR B 340 -21.74 38.31 10.21
N GLY B 341 -21.25 37.23 10.84
CA GLY B 341 -21.69 36.87 12.18
C GLY B 341 -22.02 35.40 12.32
N LYS B 342 -21.94 34.66 11.21
CA LYS B 342 -22.24 33.23 11.26
C LYS B 342 -21.11 32.44 11.91
N THR B 343 -19.86 32.90 11.76
CA THR B 343 -18.74 32.18 12.35
C THR B 343 -18.81 32.20 13.87
N ASN B 344 -19.17 33.35 14.46
CA ASN B 344 -19.30 33.42 15.92
C ASN B 344 -20.43 32.54 16.41
N ILE B 345 -21.55 32.51 15.70
CA ILE B 345 -22.66 31.65 16.10
C ILE B 345 -22.28 30.18 16.00
N ALA B 346 -21.55 29.81 14.95
CA ALA B 346 -21.10 28.42 14.81
C ALA B 346 -20.13 28.05 15.92
N GLU B 347 -19.21 28.95 16.26
CA GLU B 347 -18.27 28.69 17.35
C GLU B 347 -18.99 28.54 18.69
N ALA B 348 -20.01 29.39 18.93
CA ALA B 348 -20.77 29.29 20.17
C ALA B 348 -21.56 27.98 20.22
N ILE B 349 -22.15 27.57 19.10
CA ILE B 349 -22.89 26.31 19.07
C ILE B 349 -21.96 25.13 19.25
N ALA B 350 -20.73 25.22 18.76
CA ALA B 350 -19.77 24.13 18.93
C ALA B 350 -19.24 24.07 20.36
N HIS B 351 -19.04 25.23 20.99
CA HIS B 351 -18.53 25.27 22.36
C HIS B 351 -19.62 25.05 23.40
N THR B 352 -20.90 25.16 23.04
CA THR B 352 -21.96 24.94 24.01
C THR B 352 -22.05 23.48 24.43
N VAL B 353 -21.60 22.56 23.58
CA VAL B 353 -21.65 21.14 23.89
C VAL B 353 -20.30 20.73 24.47
N PRO B 354 -20.22 19.64 25.24
CA PRO B 354 -18.93 19.22 25.81
C PRO B 354 -18.03 18.56 24.77
N PHE B 355 -18.57 17.57 24.07
CA PHE B 355 -17.84 16.83 23.04
C PHE B 355 -18.38 17.24 21.68
N TYR B 356 -17.54 17.84 20.85
CA TYR B 356 -17.92 18.28 19.53
C TYR B 356 -16.85 17.87 18.53
N GLY B 357 -17.29 17.56 17.30
CA GLY B 357 -16.40 17.16 16.24
C GLY B 357 -16.46 18.10 15.05
N CYS B 358 -15.65 17.78 14.05
CA CYS B 358 -15.58 18.59 12.84
C CYS B 358 -15.10 17.70 11.70
N VAL B 359 -15.66 17.93 10.52
CA VAL B 359 -15.32 17.17 9.31
C VAL B 359 -14.54 18.09 8.39
N ASN B 360 -13.27 17.77 8.16
CA ASN B 360 -12.41 18.56 7.30
C ASN B 360 -11.91 17.69 6.14
N TRP B 361 -11.67 18.33 5.00
CA TRP B 361 -11.18 17.66 3.80
C TRP B 361 -9.68 17.80 3.61
N THR B 362 -8.91 17.65 4.70
CA THR B 362 -7.45 17.78 4.59
C THR B 362 -6.82 16.52 4.02
N ASN B 363 -7.19 15.36 4.57
CA ASN B 363 -6.66 14.08 4.10
C ASN B 363 -7.47 13.56 2.93
N GLU B 364 -6.79 13.02 1.92
CA GLU B 364 -7.44 12.48 0.75
C GLU B 364 -7.78 11.01 0.87
N ASN B 365 -7.56 10.40 2.04
CA ASN B 365 -7.86 9.00 2.25
C ASN B 365 -9.29 8.79 2.75
N PHE B 366 -9.70 9.56 3.75
CA PHE B 366 -11.05 9.45 4.30
C PHE B 366 -11.60 10.83 4.61
N PRO B 367 -12.73 11.22 3.99
CA PRO B 367 -13.29 12.55 4.27
C PRO B 367 -14.07 12.59 5.57
N PHE B 368 -14.82 11.53 5.85
CA PHE B 368 -15.63 11.43 7.06
C PHE B 368 -14.95 10.56 8.11
N ASN B 369 -13.70 10.88 8.44
CA ASN B 369 -12.96 10.12 9.43
C ASN B 369 -13.24 10.56 10.87
N ASP B 370 -13.97 11.67 11.05
CA ASP B 370 -14.30 12.17 12.38
C ASP B 370 -15.73 11.75 12.70
N CYS B 371 -15.87 10.52 13.21
CA CYS B 371 -17.18 10.00 13.56
C CYS B 371 -17.06 8.88 14.60
N VAL B 372 -16.69 9.25 15.82
CA VAL B 372 -16.54 8.28 16.90
C VAL B 372 -17.59 8.53 17.97
N ASP B 373 -18.86 8.50 17.58
CA ASP B 373 -19.95 8.74 18.51
C ASP B 373 -20.12 10.23 18.78
N LYS B 374 -19.88 11.06 17.77
CA LYS B 374 -20.02 12.50 17.91
C LYS B 374 -21.48 12.90 17.85
N MET B 375 -21.89 13.77 18.76
CA MET B 375 -23.27 14.24 18.83
C MET B 375 -23.48 15.57 18.11
N VAL B 376 -22.42 16.34 17.86
CA VAL B 376 -22.51 17.63 17.19
C VAL B 376 -21.32 17.76 16.26
N ILE B 377 -21.57 17.85 14.95
CA ILE B 377 -20.53 17.99 13.94
C ILE B 377 -20.68 19.36 13.30
N TRP B 378 -19.56 20.05 13.11
CA TRP B 378 -19.53 21.36 12.51
C TRP B 378 -18.75 21.31 11.19
N TRP B 379 -19.30 21.96 10.17
CA TRP B 379 -18.70 22.00 8.84
C TRP B 379 -18.20 23.42 8.59
N GLU B 380 -16.91 23.56 8.35
CA GLU B 380 -16.29 24.85 8.08
C GLU B 380 -15.70 24.99 6.69
N GLU B 381 -15.21 23.90 6.10
CA GLU B 381 -14.62 23.94 4.77
C GLU B 381 -14.68 22.54 4.18
N GLY B 382 -14.21 22.41 2.94
CA GLY B 382 -14.20 21.13 2.26
C GLY B 382 -15.15 21.07 1.10
N LYS B 383 -14.68 20.56 -0.05
CA LYS B 383 -15.50 20.46 -1.24
C LYS B 383 -16.43 19.25 -1.14
N MET B 384 -17.42 19.21 -2.03
CA MET B 384 -18.39 18.13 -2.10
C MET B 384 -18.04 17.26 -3.31
N THR B 385 -17.29 16.20 -3.08
CA THR B 385 -16.89 15.30 -4.15
C THR B 385 -17.98 14.27 -4.42
N ALA B 386 -18.02 13.78 -5.65
CA ALA B 386 -19.01 12.78 -6.07
C ALA B 386 -18.53 11.41 -5.60
N LYS B 387 -18.84 11.09 -4.35
CA LYS B 387 -18.46 9.82 -3.76
C LYS B 387 -19.01 9.68 -2.35
N VAL B 388 -18.73 10.66 -1.49
CA VAL B 388 -19.21 10.63 -0.11
C VAL B 388 -20.61 11.20 0.04
N VAL B 389 -21.20 11.75 -1.03
CA VAL B 389 -22.54 12.31 -0.93
C VAL B 389 -23.57 11.22 -0.69
N GLU B 390 -23.39 10.06 -1.32
CA GLU B 390 -24.32 8.95 -1.11
C GLU B 390 -24.27 8.42 0.31
N SER B 391 -23.10 8.48 0.95
CA SER B 391 -23.00 8.05 2.34
C SER B 391 -23.49 9.12 3.30
N ALA B 392 -23.32 10.39 2.95
CA ALA B 392 -23.79 11.47 3.82
C ALA B 392 -25.30 11.64 3.76
N LYS B 393 -25.92 11.32 2.62
CA LYS B 393 -27.37 11.45 2.51
C LYS B 393 -28.10 10.44 3.37
N ALA B 394 -27.51 9.25 3.56
CA ALA B 394 -28.12 8.23 4.40
C ALA B 394 -27.96 8.51 5.88
N ILE B 395 -27.10 9.45 6.25
CA ILE B 395 -26.89 9.80 7.65
C ILE B 395 -27.64 11.09 7.98
N LEU B 396 -27.77 11.97 6.98
CA LEU B 396 -28.47 13.23 7.14
C LEU B 396 -29.94 13.16 6.74
N GLY B 397 -30.47 11.96 6.52
CA GLY B 397 -31.86 11.81 6.14
C GLY B 397 -32.72 11.22 7.24
N GLY B 398 -32.10 10.92 8.38
CA GLY B 398 -32.83 10.35 9.50
C GLY B 398 -33.18 8.88 9.31
N SER B 399 -32.18 8.01 9.37
CA SER B 399 -32.38 6.59 9.20
C SER B 399 -31.34 5.83 10.01
N LYS B 400 -31.73 4.68 10.52
CA LYS B 400 -30.85 3.83 11.33
C LYS B 400 -29.95 3.06 10.39
N VAL B 401 -28.81 3.66 10.05
CA VAL B 401 -27.83 3.06 9.15
C VAL B 401 -26.53 2.83 9.91
N ARG B 402 -25.68 1.97 9.34
CA ARG B 402 -24.38 1.62 9.92
C ARG B 402 -23.34 1.67 8.81
N VAL B 403 -22.93 2.89 8.44
CA VAL B 403 -21.95 3.10 7.38
C VAL B 403 -20.57 3.22 8.03
N ASP B 404 -19.61 2.44 7.53
CA ASP B 404 -18.26 2.47 8.05
C ASP B 404 -17.50 3.67 7.50
N GLN B 405 -16.70 4.30 8.36
CA GLN B 405 -15.92 5.47 7.98
C GLN B 405 -14.42 5.21 7.96
N LYS B 406 -13.96 4.07 8.47
CA LYS B 406 -12.53 3.75 8.48
C LYS B 406 -12.28 2.34 8.00
N CYS B 407 -11.82 1.47 8.90
CA CYS B 407 -11.54 0.07 8.55
C CYS B 407 -11.96 -0.78 9.75
N LYS B 408 -13.12 -1.44 9.63
CA LYS B 408 -13.64 -2.29 10.69
C LYS B 408 -14.24 -1.47 11.84
N SER B 409 -14.90 -0.36 11.49
CA SER B 409 -15.52 0.51 12.47
C SER B 409 -16.91 0.91 12.00
N SER B 410 -17.73 -0.08 11.66
CA SER B 410 -19.10 0.14 11.20
C SER B 410 -20.02 0.16 12.42
N ALA B 411 -20.00 1.28 13.14
CA ALA B 411 -20.82 1.44 14.32
C ALA B 411 -22.22 1.93 13.93
N GLN B 412 -23.07 2.12 14.94
CA GLN B 412 -24.44 2.58 14.73
C GLN B 412 -24.41 4.08 14.46
N ILE B 413 -24.54 4.45 13.19
CA ILE B 413 -24.52 5.86 12.79
C ILE B 413 -25.93 6.42 13.00
N ASP B 414 -26.09 7.25 14.03
CA ASP B 414 -27.38 7.85 14.33
C ASP B 414 -27.51 9.19 13.64
N PRO B 415 -28.74 9.70 13.52
CA PRO B 415 -28.94 11.01 12.85
C PRO B 415 -28.60 12.20 13.75
N THR B 416 -27.31 12.51 13.83
CA THR B 416 -26.85 13.62 14.65
C THR B 416 -27.05 14.94 13.92
N PRO B 417 -27.21 16.03 14.65
CA PRO B 417 -27.41 17.34 14.00
C PRO B 417 -26.08 17.91 13.53
N VAL B 418 -25.97 18.17 12.23
CA VAL B 418 -24.77 18.71 11.63
C VAL B 418 -25.03 20.15 11.22
N ILE B 419 -24.03 21.00 11.36
CA ILE B 419 -24.12 22.41 11.02
C ILE B 419 -23.06 22.73 9.97
N VAL B 420 -23.44 23.50 8.96
CA VAL B 420 -22.54 23.90 7.87
C VAL B 420 -22.39 25.41 7.92
N THR B 421 -21.14 25.87 7.85
CA THR B 421 -20.84 27.31 7.89
C THR B 421 -19.69 27.55 6.91
N SER B 422 -20.03 27.94 5.68
CA SER B 422 -19.05 28.22 4.65
C SER B 422 -19.43 29.50 3.92
N ASN B 423 -18.48 30.01 3.12
CA ASN B 423 -18.68 31.23 2.35
C ASN B 423 -19.07 30.97 0.91
N THR B 424 -18.52 29.93 0.28
CA THR B 424 -18.83 29.62 -1.09
C THR B 424 -20.12 28.79 -1.16
N ASN B 425 -20.55 28.48 -2.39
CA ASN B 425 -21.76 27.70 -2.61
C ASN B 425 -21.46 26.24 -2.34
N MET B 426 -22.08 25.69 -1.30
CA MET B 426 -21.87 24.30 -0.92
C MET B 426 -22.79 23.34 -1.67
N CYS B 427 -23.68 23.85 -2.51
CA CYS B 427 -24.61 23.02 -3.28
C CYS B 427 -24.06 22.61 -4.64
N ALA B 428 -22.80 22.92 -4.93
CA ALA B 428 -22.17 22.58 -6.20
C ALA B 428 -21.34 21.31 -6.01
N VAL B 429 -21.72 20.26 -6.73
CA VAL B 429 -21.02 18.97 -6.65
C VAL B 429 -19.74 19.09 -7.47
N ILE B 430 -18.62 19.30 -6.81
CA ILE B 430 -17.33 19.44 -7.47
C ILE B 430 -16.83 18.04 -7.83
N ASP B 431 -16.88 17.71 -9.12
CA ASP B 431 -16.44 16.40 -9.60
C ASP B 431 -15.06 16.53 -10.24
N GLY B 432 -14.07 16.79 -9.39
CA GLY B 432 -12.70 16.94 -9.85
C GLY B 432 -12.29 18.39 -10.02
N ASN B 433 -12.98 19.10 -10.91
CA ASN B 433 -12.67 20.50 -11.16
C ASN B 433 -13.90 21.24 -11.68
N SER B 434 -14.80 20.51 -12.34
CA SER B 434 -16.02 21.10 -12.89
C SER B 434 -17.15 20.95 -11.88
N THR B 435 -18.39 21.13 -12.33
CA THR B 435 -19.56 21.02 -11.47
C THR B 435 -20.68 20.36 -12.25
N THR B 436 -21.14 19.20 -11.78
CA THR B 436 -22.21 18.45 -12.41
C THR B 436 -23.42 18.45 -11.50
N PHE B 437 -24.52 19.02 -11.98
CA PHE B 437 -25.76 19.10 -11.21
C PHE B 437 -26.49 17.76 -11.34
N GLU B 438 -26.22 16.87 -10.38
CA GLU B 438 -26.84 15.55 -10.38
C GLU B 438 -26.99 15.02 -8.96
N HIS B 439 -26.17 15.54 -8.04
CA HIS B 439 -26.21 15.12 -6.64
C HIS B 439 -26.49 16.29 -5.71
N GLN B 440 -27.22 17.29 -6.20
CA GLN B 440 -27.55 18.46 -5.41
C GLN B 440 -28.96 18.43 -4.83
N GLN B 441 -29.87 17.65 -5.42
CA GLN B 441 -31.23 17.57 -4.89
C GLN B 441 -31.30 16.97 -3.50
N PRO B 442 -30.62 15.87 -3.18
CA PRO B 442 -30.68 15.36 -1.81
C PRO B 442 -30.01 16.28 -0.81
N LEU B 443 -28.90 16.92 -1.18
CA LEU B 443 -28.26 17.87 -0.28
C LEU B 443 -29.12 19.10 -0.03
N GLN B 444 -29.90 19.51 -1.03
CA GLN B 444 -30.80 20.65 -0.85
C GLN B 444 -32.04 20.26 -0.06
N ASP B 445 -32.51 19.02 -0.20
CA ASP B 445 -33.68 18.57 0.54
C ASP B 445 -33.37 18.29 2.00
N ARG B 446 -32.19 17.74 2.29
CA ARG B 446 -31.79 17.43 3.66
C ARG B 446 -31.10 18.60 4.36
N MET B 447 -30.89 19.71 3.66
CA MET B 447 -30.24 20.89 4.23
C MET B 447 -31.23 22.05 4.25
N PHE B 448 -30.80 23.17 4.83
CA PHE B 448 -31.60 24.37 4.94
C PHE B 448 -30.91 25.51 4.19
N LYS B 449 -31.47 26.72 4.32
CA LYS B 449 -30.94 27.89 3.66
C LYS B 449 -31.43 29.13 4.40
N PHE B 450 -30.52 30.08 4.61
CA PHE B 450 -30.85 31.32 5.30
C PHE B 450 -30.06 32.44 4.66
N GLU B 451 -30.76 33.46 4.16
CA GLU B 451 -30.15 34.61 3.52
C GLU B 451 -30.12 35.77 4.51
N LEU B 452 -28.93 36.15 4.96
CA LEU B 452 -28.76 37.23 5.91
C LEU B 452 -28.68 38.56 5.18
N THR B 453 -28.64 39.65 5.94
CA THR B 453 -28.55 40.99 5.38
C THR B 453 -27.55 41.84 6.15
N ARG B 454 -27.59 41.76 7.47
CA ARG B 454 -26.68 42.53 8.31
C ARG B 454 -25.30 41.87 8.33
N ARG B 455 -24.26 42.71 8.36
CA ARG B 455 -22.88 42.23 8.38
C ARG B 455 -22.42 42.11 9.84
N LEU B 456 -21.11 41.99 10.05
CA LEU B 456 -20.56 41.87 11.38
C LEU B 456 -20.52 43.24 12.05
N ASP B 457 -21.13 43.34 13.23
CA ASP B 457 -21.16 44.60 13.97
C ASP B 457 -19.83 44.84 14.64
N HIS B 458 -19.41 46.11 14.69
CA HIS B 458 -18.15 46.47 15.32
C HIS B 458 -18.31 46.49 16.83
N ASP B 459 -17.41 45.79 17.52
CA ASP B 459 -17.43 45.70 18.98
C ASP B 459 -18.52 44.78 19.50
N PHE B 460 -18.85 43.74 18.74
CA PHE B 460 -19.89 42.79 19.13
C PHE B 460 -19.47 41.41 18.64
N GLY B 461 -19.32 40.48 19.57
CA GLY B 461 -18.93 39.12 19.22
C GLY B 461 -18.59 38.33 20.45
N LYS B 462 -18.34 37.04 20.22
CA LYS B 462 -18.00 36.12 21.31
C LYS B 462 -19.25 35.69 22.06
N VAL B 463 -20.10 34.90 21.41
CA VAL B 463 -21.33 34.42 22.04
C VAL B 463 -21.01 33.22 22.92
N THR B 464 -21.58 33.21 24.11
CA THR B 464 -21.37 32.14 25.07
C THR B 464 -22.55 31.16 25.04
N LYS B 465 -22.58 30.22 25.97
CA LYS B 465 -23.64 29.24 26.04
C LYS B 465 -24.91 29.79 26.68
N GLN B 466 -24.82 30.91 27.41
CA GLN B 466 -26.01 31.47 28.04
C GLN B 466 -27.01 31.97 27.01
N GLU B 467 -26.53 32.63 25.95
CA GLU B 467 -27.43 33.11 24.92
C GLU B 467 -28.09 31.95 24.18
N VAL B 468 -27.33 30.88 23.91
CA VAL B 468 -27.90 29.71 23.25
C VAL B 468 -28.95 29.04 24.14
N LYS B 469 -28.67 28.95 25.44
CA LYS B 469 -29.64 28.36 26.36
C LYS B 469 -30.90 29.21 26.44
N ASP B 470 -30.75 30.54 26.46
CA ASP B 470 -31.92 31.42 26.50
C ASP B 470 -32.74 31.29 25.22
N PHE B 471 -32.07 31.20 24.07
CA PHE B 471 -32.78 31.03 22.81
C PHE B 471 -33.52 29.70 22.77
N PHE B 472 -32.87 28.64 23.25
CA PHE B 472 -33.53 27.33 23.29
C PHE B 472 -34.75 27.35 24.22
N ARG B 473 -34.62 28.00 25.37
CA ARG B 473 -35.75 28.10 26.29
C ARG B 473 -36.89 28.91 25.69
N TRP B 474 -36.57 30.00 25.00
CA TRP B 474 -37.61 30.81 24.36
C TRP B 474 -38.28 30.05 23.21
N ALA B 475 -37.52 29.22 22.48
CA ALA B 475 -38.12 28.44 21.41
C ALA B 475 -38.97 27.30 21.95
N LYS B 476 -38.58 26.71 23.09
CA LYS B 476 -39.36 25.63 23.68
C LYS B 476 -40.61 26.14 24.37
N ASP B 477 -40.56 27.33 24.99
CA ASP B 477 -41.71 27.88 25.67
C ASP B 477 -42.69 28.57 24.74
N HIS B 478 -42.32 28.78 23.46
CA HIS B 478 -43.18 29.44 22.48
C HIS B 478 -43.04 28.68 21.17
N VAL B 479 -43.93 27.70 20.95
CA VAL B 479 -43.93 26.88 19.76
C VAL B 479 -45.12 27.30 18.89
N VAL B 480 -44.86 27.43 17.59
CA VAL B 480 -45.89 27.83 16.63
C VAL B 480 -45.95 26.81 15.50
N GLU B 481 -46.10 27.30 14.28
CA GLU B 481 -46.18 26.42 13.11
C GLU B 481 -44.78 25.99 12.69
N VAL B 482 -44.73 24.86 11.99
CA VAL B 482 -43.48 24.29 11.49
C VAL B 482 -43.65 24.02 10.00
N GLU B 483 -42.72 24.55 9.21
CA GLU B 483 -42.73 24.37 7.76
C GLU B 483 -41.67 23.36 7.36
N HIS B 484 -41.43 23.25 6.04
CA HIS B 484 -40.44 22.31 5.52
C HIS B 484 -39.91 22.78 4.19
N GLU B 485 -39.33 23.99 4.15
CA GLU B 485 -38.78 24.55 2.93
C GLU B 485 -37.47 25.26 3.27
N PHE B 486 -36.96 26.03 2.32
CA PHE B 486 -35.70 26.76 2.52
C PHE B 486 -35.98 28.13 3.16
N TYR B 487 -36.56 29.04 2.40
CA TYR B 487 -36.88 30.38 2.89
C TYR B 487 -38.15 30.30 3.73
N VAL B 488 -38.04 30.58 5.02
CA VAL B 488 -39.17 30.55 5.92
C VAL B 488 -39.91 31.87 5.86
N LYS B 489 -41.08 31.94 6.50
CA LYS B 489 -41.88 33.16 6.50
C LYS B 489 -41.31 34.15 7.51
N LYS B 490 -41.24 35.42 7.10
CA LYS B 490 -40.72 36.49 7.95
C LYS B 490 -41.81 37.43 8.44
N GLY B 491 -43.08 37.11 8.19
CA GLY B 491 -44.17 37.96 8.62
C GLY B 491 -44.48 37.81 10.09
N GLY B 492 -43.84 38.62 10.93
CA GLY B 492 -44.06 38.57 12.36
C GLY B 492 -42.80 38.79 13.17
N LYS C 221 11.69 5.50 40.09
CA LYS C 221 12.84 6.38 40.00
C LYS C 221 12.61 7.47 38.95
N THR C 222 11.77 7.17 37.96
CA THR C 222 11.48 8.14 36.91
C THR C 222 10.53 9.24 37.36
N SER C 223 9.73 8.99 38.40
CA SER C 223 8.80 10.02 38.87
C SER C 223 9.54 11.21 39.45
N ALA C 224 10.60 10.95 40.24
CA ALA C 224 11.38 12.05 40.81
C ALA C 224 12.07 12.85 39.71
N ARG C 225 12.62 12.18 38.70
CA ARG C 225 13.26 12.88 37.60
C ARG C 225 12.25 13.72 36.82
N TYR C 226 11.05 13.17 36.59
CA TYR C 226 10.02 13.93 35.87
C TYR C 226 9.58 15.14 36.69
N MET C 227 9.44 14.99 38.00
CA MET C 227 9.07 16.13 38.85
C MET C 227 10.16 17.19 38.86
N GLU C 228 11.43 16.77 38.91
CA GLU C 228 12.52 17.73 38.87
C GLU C 228 12.57 18.47 37.53
N LEU C 229 12.33 17.75 36.44
CA LEU C 229 12.31 18.39 35.12
C LEU C 229 11.15 19.38 35.01
N VAL C 230 9.98 19.00 35.54
CA VAL C 230 8.83 19.91 35.50
C VAL C 230 9.10 21.16 36.34
N GLY C 231 9.72 20.98 37.51
CA GLY C 231 10.06 22.13 38.34
C GLY C 231 11.08 23.04 37.69
N TRP C 232 12.09 22.45 37.02
CA TRP C 232 13.08 23.26 36.34
C TRP C 232 12.48 23.99 35.14
N LEU C 233 11.52 23.37 34.46
CA LEU C 233 10.87 24.04 33.33
C LEU C 233 9.91 25.13 33.80
N VAL C 234 9.28 24.96 34.96
CA VAL C 234 8.36 25.96 35.49
C VAL C 234 9.17 27.13 36.07
N ASP C 235 9.85 26.87 37.18
CA ASP C 235 10.64 27.90 37.86
C ASP C 235 12.11 27.54 37.69
N LYS C 236 12.78 28.24 36.77
CA LYS C 236 14.19 28.00 36.51
C LYS C 236 14.67 28.83 35.32
N GLY C 237 13.91 28.82 34.23
CA GLY C 237 14.27 29.59 33.06
C GLY C 237 14.63 28.71 31.87
N ILE C 238 14.02 27.54 31.78
CA ILE C 238 14.25 26.59 30.69
C ILE C 238 12.98 26.45 29.89
N THR C 239 13.13 26.38 28.56
CA THR C 239 11.99 26.23 27.66
C THR C 239 12.02 24.87 26.96
N SER C 240 13.00 24.63 26.09
CA SER C 240 13.12 23.38 25.37
C SER C 240 14.09 22.45 26.10
N GLU C 241 14.34 21.28 25.49
CA GLU C 241 15.26 20.31 26.09
C GLU C 241 16.71 20.70 25.88
N LYS C 242 17.02 21.43 24.81
CA LYS C 242 18.40 21.83 24.55
C LYS C 242 18.91 22.77 25.63
N GLN C 243 18.09 23.74 26.05
CA GLN C 243 18.51 24.66 27.09
C GLN C 243 18.70 23.94 28.42
N TRP C 244 17.80 23.00 28.75
CA TRP C 244 17.95 22.25 29.99
C TRP C 244 19.16 21.33 29.95
N ILE C 245 19.54 20.85 28.77
CA ILE C 245 20.72 19.98 28.67
C ILE C 245 22.00 20.81 28.71
N GLN C 246 21.99 22.02 28.16
CA GLN C 246 23.16 22.87 28.15
C GLN C 246 23.35 23.65 29.44
N GLU C 247 22.30 23.80 30.26
CA GLU C 247 22.42 24.53 31.52
C GLU C 247 23.21 23.72 32.53
N ASP C 248 22.53 22.87 33.30
CA ASP C 248 23.18 22.06 34.32
C ASP C 248 23.95 20.92 33.66
N GLN C 249 25.19 20.73 34.11
CA GLN C 249 26.02 19.66 33.56
C GLN C 249 25.78 18.33 34.26
N ALA C 250 25.47 18.35 35.56
CA ALA C 250 25.22 17.11 36.29
C ALA C 250 23.84 16.54 35.98
N SER C 251 22.87 17.39 35.63
CA SER C 251 21.54 16.90 35.32
C SER C 251 21.53 16.03 34.07
N TYR C 252 22.28 16.44 33.04
CA TYR C 252 22.35 15.63 31.82
C TYR C 252 23.03 14.30 32.08
N ILE C 253 24.09 14.30 32.89
CA ILE C 253 24.78 13.06 33.23
C ILE C 253 23.87 12.14 34.02
N SER C 254 23.10 12.69 34.96
CA SER C 254 22.18 11.88 35.73
C SER C 254 21.07 11.30 34.85
N PHE C 255 20.56 12.10 33.92
CA PHE C 255 19.52 11.60 33.02
C PHE C 255 20.07 10.54 32.06
N ASN C 256 21.34 10.66 31.66
CA ASN C 256 21.93 9.64 30.80
C ASN C 256 22.22 8.36 31.55
N ALA C 257 22.60 8.47 32.83
CA ALA C 257 22.89 7.29 33.64
C ALA C 257 21.63 6.61 34.16
N ALA C 258 20.52 7.33 34.27
CA ALA C 258 19.27 6.75 34.75
C ALA C 258 18.68 5.81 33.72
N SER C 259 17.90 6.35 32.78
CA SER C 259 17.28 5.56 31.73
C SER C 259 17.42 6.30 30.40
N ASN C 260 16.96 5.66 29.33
CA ASN C 260 17.01 6.23 27.99
C ASN C 260 15.66 6.63 27.44
N SER C 261 14.59 6.48 28.22
CA SER C 261 13.26 6.85 27.77
C SER C 261 13.08 8.36 27.79
N ARG C 262 12.42 8.88 26.75
CA ARG C 262 12.17 10.32 26.63
C ARG C 262 10.70 10.66 26.56
N SER C 263 9.81 9.68 26.74
CA SER C 263 8.38 9.96 26.68
C SER C 263 7.94 10.85 27.84
N GLN C 264 8.43 10.57 29.05
CA GLN C 264 8.08 11.40 30.19
C GLN C 264 8.62 12.81 30.03
N ILE C 265 9.84 12.96 29.51
CA ILE C 265 10.41 14.28 29.30
C ILE C 265 9.61 15.05 28.26
N LYS C 266 9.20 14.36 27.18
CA LYS C 266 8.39 15.02 26.15
C LYS C 266 7.03 15.44 26.70
N ALA C 267 6.42 14.59 27.53
CA ALA C 267 5.13 14.94 28.13
C ALA C 267 5.28 16.13 29.07
N ALA C 268 6.35 16.17 29.86
CA ALA C 268 6.58 17.30 30.75
C ALA C 268 6.82 18.58 29.97
N LEU C 269 7.58 18.50 28.87
CA LEU C 269 7.81 19.68 28.05
C LEU C 269 6.53 20.17 27.41
N ASP C 270 5.68 19.25 26.94
CA ASP C 270 4.40 19.64 26.35
C ASP C 270 3.50 20.29 27.40
N ASN C 271 3.47 19.73 28.62
CA ASN C 271 2.67 20.32 29.67
C ASN C 271 3.16 21.71 30.05
N ALA C 272 4.49 21.89 30.12
CA ALA C 272 5.04 23.21 30.42
C ALA C 272 4.72 24.21 29.32
N GLY C 273 4.81 23.79 28.06
CA GLY C 273 4.45 24.67 26.97
C GLY C 273 2.99 25.05 26.98
N LYS C 274 2.11 24.09 27.29
CA LYS C 274 0.69 24.39 27.36
C LYS C 274 0.38 25.33 28.52
N ILE C 275 1.05 25.14 29.66
CA ILE C 275 0.82 26.03 30.79
C ILE C 275 1.35 27.43 30.51
N MET C 276 2.46 27.54 29.75
CA MET C 276 2.98 28.85 29.41
C MET C 276 2.12 29.55 28.37
N SER C 277 1.52 28.80 27.45
CA SER C 277 0.67 29.39 26.43
C SER C 277 -0.70 29.78 26.97
N LEU C 278 -1.25 28.99 27.89
CA LEU C 278 -2.56 29.30 28.45
C LEU C 278 -2.47 30.36 29.54
N THR C 279 -1.36 30.40 30.27
CA THR C 279 -1.17 31.38 31.34
C THR C 279 -0.87 32.75 30.76
N LYS C 280 0.35 32.94 30.26
CA LYS C 280 0.76 34.21 29.68
C LYS C 280 0.44 34.22 28.20
N THR C 281 -0.22 35.28 27.74
CA THR C 281 -0.60 35.42 26.34
C THR C 281 0.54 36.09 25.57
N ALA C 282 0.25 36.54 24.35
CA ALA C 282 1.24 37.19 23.52
C ALA C 282 1.47 38.62 24.01
N PRO C 283 0.47 39.26 24.61
CA PRO C 283 0.66 40.63 25.10
C PRO C 283 1.61 40.71 26.29
N ASP C 284 1.57 39.74 27.19
CA ASP C 284 2.48 39.74 28.34
C ASP C 284 3.90 39.36 27.95
N TYR C 285 4.09 38.74 26.79
CA TYR C 285 5.42 38.35 26.33
C TYR C 285 6.04 39.36 25.39
N LEU C 286 5.23 40.07 24.60
CA LEU C 286 5.77 41.06 23.69
C LEU C 286 6.02 42.40 24.36
N VAL C 287 5.31 42.69 25.45
CA VAL C 287 5.48 43.95 26.17
C VAL C 287 6.46 43.73 27.30
N GLY C 288 7.35 44.71 27.51
CA GLY C 288 8.36 44.64 28.54
C GLY C 288 7.95 45.38 29.81
N GLN C 289 8.88 45.43 30.75
CA GLN C 289 8.67 46.10 32.02
C GLN C 289 9.31 47.47 32.11
N GLN C 290 10.29 47.76 31.25
CA GLN C 290 10.98 49.04 31.26
C GLN C 290 10.94 49.64 29.85
N PRO C 291 10.77 50.94 29.75
CA PRO C 291 10.72 51.58 28.42
C PRO C 291 12.13 51.82 27.88
N VAL C 292 12.18 52.32 26.65
CA VAL C 292 13.46 52.61 26.02
C VAL C 292 14.06 53.90 26.53
N GLU C 293 13.23 54.93 26.74
CA GLU C 293 13.66 56.23 27.25
C GLU C 293 14.37 57.07 26.19
N ASP C 294 14.18 56.76 24.91
CA ASP C 294 14.81 57.49 23.83
C ASP C 294 13.85 57.55 22.66
N ILE C 295 13.48 58.77 22.24
CA ILE C 295 12.56 58.96 21.14
C ILE C 295 13.29 59.24 19.82
N SER C 296 14.59 58.94 19.77
CA SER C 296 15.38 59.17 18.56
C SER C 296 16.65 58.34 18.57
N SER C 297 16.57 57.11 19.11
CA SER C 297 17.72 56.21 19.18
C SER C 297 17.19 54.78 19.19
N ASN C 298 16.90 54.25 18.00
CA ASN C 298 16.40 52.90 17.85
C ASN C 298 16.37 52.55 16.38
N ARG C 299 16.31 51.24 16.10
CA ARG C 299 16.29 50.79 14.71
C ARG C 299 14.93 50.99 14.08
N ILE C 300 13.85 50.76 14.83
CA ILE C 300 12.51 50.93 14.29
C ILE C 300 12.25 52.40 13.95
N TYR C 301 12.66 53.32 14.84
CA TYR C 301 12.47 54.74 14.57
C TYR C 301 13.29 55.18 13.35
N LYS C 302 14.53 54.69 13.23
CA LYS C 302 15.34 55.04 12.06
C LYS C 302 14.73 54.50 10.78
N ILE C 303 14.19 53.28 10.82
CA ILE C 303 13.55 52.70 9.63
C ILE C 303 12.30 53.49 9.26
N LEU C 304 11.53 53.92 10.25
CA LEU C 304 10.33 54.69 9.98
C LEU C 304 10.68 56.07 9.42
N GLU C 305 11.78 56.66 9.90
CA GLU C 305 12.20 57.97 9.39
C GLU C 305 12.76 57.85 7.98
N LEU C 306 13.42 56.73 7.67
CA LEU C 306 13.97 56.55 6.34
C LEU C 306 12.89 56.20 5.32
N ASN C 307 11.89 55.41 5.72
CA ASN C 307 10.81 55.03 4.82
C ASN C 307 9.68 56.06 4.78
N GLY C 308 9.68 57.04 5.68
CA GLY C 308 8.64 58.05 5.69
C GLY C 308 7.37 57.58 6.35
N TYR C 309 7.38 57.47 7.68
CA TYR C 309 6.21 57.03 8.43
C TYR C 309 6.25 57.64 9.82
N ASP C 310 5.08 57.69 10.45
CA ASP C 310 4.98 58.26 11.79
C ASP C 310 5.43 57.24 12.83
N PRO C 311 6.07 57.69 13.90
CA PRO C 311 6.53 56.75 14.94
C PRO C 311 5.44 56.41 15.94
N GLN C 312 4.80 57.44 16.50
CA GLN C 312 3.74 57.20 17.48
C GLN C 312 2.53 56.52 16.84
N TYR C 313 2.15 56.94 15.64
CA TYR C 313 1.03 56.32 14.96
C TYR C 313 1.34 54.87 14.60
N ALA C 314 2.57 54.60 14.15
CA ALA C 314 2.95 53.22 13.85
C ALA C 314 2.96 52.36 15.11
N ALA C 315 3.46 52.89 16.22
CA ALA C 315 3.46 52.14 17.46
C ALA C 315 2.04 51.85 17.94
N SER C 316 1.15 52.83 17.81
CA SER C 316 -0.25 52.62 18.20
C SER C 316 -0.91 51.58 17.31
N VAL C 317 -0.64 51.62 16.00
CA VAL C 317 -1.21 50.63 15.09
C VAL C 317 -0.69 49.24 15.43
N PHE C 318 0.60 49.12 15.74
CA PHE C 318 1.17 47.83 16.11
C PHE C 318 0.57 47.31 17.40
N LEU C 319 0.37 48.20 18.40
CA LEU C 319 -0.22 47.77 19.66
C LEU C 319 -1.67 47.35 19.47
N GLY C 320 -2.39 48.03 18.57
CA GLY C 320 -3.77 47.65 18.30
C GLY C 320 -3.89 46.36 17.52
N TRP C 321 -2.94 46.10 16.63
CA TRP C 321 -2.97 44.85 15.86
C TRP C 321 -2.50 43.65 16.67
N ALA C 322 -1.54 43.85 17.57
CA ALA C 322 -1.02 42.76 18.41
C ALA C 322 -1.70 42.75 19.78
N THR C 323 -3.03 42.76 19.78
CA THR C 323 -3.79 42.74 21.02
C THR C 323 -4.84 41.65 21.00
N LYS C 324 -5.35 41.34 19.81
CA LYS C 324 -6.38 40.30 19.67
C LYS C 324 -7.74 40.83 20.08
N LYS C 325 -8.02 42.10 19.77
CA LYS C 325 -9.30 42.71 20.10
C LYS C 325 -9.95 43.42 18.92
N PHE C 326 -9.36 43.32 17.72
CA PHE C 326 -9.95 43.98 16.56
C PHE C 326 -11.12 43.19 15.99
N GLY C 327 -11.02 41.86 16.00
CA GLY C 327 -12.09 41.02 15.48
C GLY C 327 -11.65 40.14 14.33
N LYS C 328 -11.23 40.75 13.22
CA LYS C 328 -10.78 40.02 12.05
C LYS C 328 -9.41 40.43 11.55
N ARG C 329 -8.85 41.55 11.99
CA ARG C 329 -7.54 42.00 11.54
C ARG C 329 -6.48 41.23 12.33
N ASN C 330 -5.81 40.31 11.65
CA ASN C 330 -4.76 39.51 12.29
C ASN C 330 -3.50 39.36 11.46
N THR C 331 -3.43 39.95 10.27
CA THR C 331 -2.26 39.87 9.41
C THR C 331 -1.84 41.26 8.97
N ILE C 332 -0.69 41.32 8.29
CA ILE C 332 -0.16 42.59 7.81
C ILE C 332 0.61 42.35 6.52
N TRP C 333 0.12 42.92 5.42
CA TRP C 333 0.77 42.76 4.12
C TRP C 333 1.96 43.69 4.02
N LEU C 334 3.02 43.21 3.37
CA LEU C 334 4.24 43.99 3.19
C LEU C 334 4.73 43.82 1.75
N PHE C 335 5.29 44.90 1.21
CA PHE C 335 5.81 44.89 -0.16
C PHE C 335 7.31 45.16 -0.18
N GLY C 336 7.85 45.48 -1.34
CA GLY C 336 9.25 45.76 -1.48
C GLY C 336 10.06 44.51 -1.75
N PRO C 337 11.35 44.68 -2.02
CA PRO C 337 12.22 43.54 -2.29
C PRO C 337 12.76 42.96 -0.99
N ALA C 338 13.59 41.93 -1.13
CA ALA C 338 14.18 41.25 0.01
C ALA C 338 15.42 41.97 0.55
N THR C 339 15.92 42.98 -0.15
CA THR C 339 17.10 43.72 0.28
C THR C 339 16.75 44.97 1.09
N THR C 340 15.50 45.10 1.52
CA THR C 340 15.07 46.25 2.30
C THR C 340 15.18 46.03 3.81
N GLY C 341 15.72 44.89 4.23
CA GLY C 341 15.87 44.59 5.64
C GLY C 341 14.69 43.92 6.29
N LYS C 342 13.73 43.43 5.51
CA LYS C 342 12.56 42.76 6.08
C LYS C 342 12.89 41.34 6.56
N THR C 343 13.83 40.66 5.90
CA THR C 343 14.18 39.31 6.31
C THR C 343 14.83 39.30 7.69
N ASN C 344 15.72 40.26 7.96
CA ASN C 344 16.36 40.33 9.27
C ASN C 344 15.33 40.64 10.35
N ILE C 345 14.40 41.54 10.07
CA ILE C 345 13.35 41.87 11.05
C ILE C 345 12.47 40.66 11.32
N ALA C 346 12.12 39.92 10.27
CA ALA C 346 11.30 38.72 10.46
C ALA C 346 12.05 37.67 11.26
N GLU C 347 13.34 37.49 10.99
CA GLU C 347 14.12 36.53 11.75
C GLU C 347 14.24 36.94 13.22
N ALA C 348 14.41 38.24 13.48
CA ALA C 348 14.48 38.71 14.86
C ALA C 348 13.14 38.53 15.58
N ILE C 349 12.03 38.79 14.88
CA ILE C 349 10.72 38.61 15.49
C ILE C 349 10.43 37.13 15.75
N ALA C 350 10.94 36.25 14.88
CA ALA C 350 10.73 34.82 15.09
C ALA C 350 11.61 34.28 16.23
N HIS C 351 12.83 34.81 16.36
CA HIS C 351 13.72 34.37 17.41
C HIS C 351 13.42 34.99 18.77
N THR C 352 12.72 36.12 18.80
CA THR C 352 12.38 36.75 20.08
C THR C 352 11.33 35.96 20.84
N VAL C 353 10.51 35.17 20.14
CA VAL C 353 9.48 34.36 20.78
C VAL C 353 9.97 32.93 20.87
N PRO C 354 9.53 32.16 21.87
CA PRO C 354 9.99 30.77 21.99
C PRO C 354 9.30 29.85 21.00
N PHE C 355 7.97 29.82 21.04
CA PHE C 355 7.18 28.98 20.13
C PHE C 355 6.91 29.76 18.85
N TYR C 356 7.57 29.36 17.77
CA TYR C 356 7.42 30.01 16.48
C TYR C 356 7.11 28.94 15.42
N GLY C 357 6.08 29.20 14.62
CA GLY C 357 5.68 28.25 13.59
C GLY C 357 5.82 28.82 12.18
N CYS C 358 5.82 27.94 11.19
CA CYS C 358 5.95 28.34 9.80
C CYS C 358 4.77 27.80 9.00
N VAL C 359 4.55 28.41 7.83
CA VAL C 359 3.46 28.01 6.95
C VAL C 359 4.02 27.26 5.75
N ASN C 360 4.27 25.96 5.92
CA ASN C 360 4.82 25.12 4.86
C ASN C 360 3.68 24.78 3.90
N TRP C 361 3.48 25.64 2.91
CA TRP C 361 2.45 25.48 1.89
C TRP C 361 3.13 25.31 0.54
N THR C 362 3.33 24.07 0.12
CA THR C 362 3.98 23.78 -1.15
C THR C 362 3.10 22.89 -2.02
N ASN C 363 2.76 21.71 -1.50
CA ASN C 363 1.92 20.77 -2.24
C ASN C 363 0.45 21.18 -2.16
N GLU C 364 -0.33 20.67 -3.09
CA GLU C 364 -1.76 20.95 -3.16
C GLU C 364 -2.60 19.96 -2.39
N ASN C 365 -1.98 19.01 -1.68
CA ASN C 365 -2.72 18.02 -0.91
C ASN C 365 -2.92 18.45 0.55
N PHE C 366 -1.85 18.92 1.20
CA PHE C 366 -1.94 19.35 2.58
C PHE C 366 -1.97 20.88 2.64
N PRO C 367 -2.94 21.48 3.32
CA PRO C 367 -3.00 22.94 3.39
C PRO C 367 -2.04 23.52 4.41
N PHE C 368 -2.45 23.51 5.68
CA PHE C 368 -1.63 24.03 6.77
C PHE C 368 -1.40 22.91 7.78
N ASN C 369 -0.13 22.60 8.03
CA ASN C 369 0.23 21.55 8.97
C ASN C 369 1.07 22.02 10.14
N ASP C 370 1.84 23.09 9.98
CA ASP C 370 2.68 23.62 11.06
C ASP C 370 1.97 24.78 11.77
N CYS C 371 0.84 24.44 12.40
CA CYS C 371 0.03 25.41 13.13
C CYS C 371 -0.69 24.67 14.26
N VAL C 372 0.06 24.32 15.31
CA VAL C 372 -0.49 23.60 16.46
C VAL C 372 -0.63 24.57 17.63
N ASP C 373 -1.30 25.70 17.39
CA ASP C 373 -1.50 26.69 18.44
C ASP C 373 -0.24 27.52 18.65
N LYS C 374 0.37 27.98 17.55
CA LYS C 374 1.58 28.77 17.64
C LYS C 374 1.24 30.21 18.01
N MET C 375 2.11 30.82 18.83
CA MET C 375 1.89 32.19 19.25
C MET C 375 2.33 33.20 18.19
N VAL C 376 3.34 32.86 17.40
CA VAL C 376 3.84 33.74 16.34
C VAL C 376 4.11 32.87 15.12
N ILE C 377 3.35 33.09 14.05
CA ILE C 377 3.49 32.35 12.80
C ILE C 377 3.95 33.31 11.71
N TRP C 378 4.92 32.89 10.92
CA TRP C 378 5.47 33.70 9.84
C TRP C 378 5.14 33.03 8.51
N TRP C 379 4.61 33.81 7.58
CA TRP C 379 4.25 33.31 6.26
C TRP C 379 5.44 33.48 5.32
N GLU C 380 5.93 32.36 4.78
CA GLU C 380 7.07 32.38 3.87
C GLU C 380 6.61 32.72 2.45
N GLU C 381 6.37 31.69 1.64
CA GLU C 381 5.93 31.87 0.27
C GLU C 381 5.04 30.70 -0.11
N GLY C 382 4.75 30.57 -1.41
CA GLY C 382 3.92 29.49 -1.90
C GLY C 382 2.73 29.98 -2.70
N LYS C 383 2.36 29.24 -3.73
CA LYS C 383 1.22 29.60 -4.57
C LYS C 383 -0.06 29.21 -3.86
N MET C 384 -0.79 30.20 -3.36
CA MET C 384 -2.04 29.95 -2.65
C MET C 384 -3.14 29.66 -3.66
N THR C 385 -3.65 28.44 -3.66
CA THR C 385 -4.69 28.05 -4.59
C THR C 385 -6.05 28.57 -4.12
N ALA C 386 -7.02 28.52 -5.03
CA ALA C 386 -8.39 28.98 -4.73
C ALA C 386 -9.21 27.79 -4.24
N LYS C 387 -9.02 27.46 -2.96
CA LYS C 387 -9.73 26.35 -2.36
C LYS C 387 -9.66 26.42 -0.84
N VAL C 388 -8.53 26.90 -0.31
CA VAL C 388 -8.33 27.03 1.12
C VAL C 388 -8.61 28.45 1.62
N VAL C 389 -9.34 29.24 0.83
CA VAL C 389 -9.64 30.62 1.23
C VAL C 389 -10.51 30.63 2.48
N GLU C 390 -11.51 29.75 2.54
CA GLU C 390 -12.37 29.69 3.71
C GLU C 390 -11.61 29.23 4.94
N SER C 391 -10.73 28.23 4.77
CA SER C 391 -9.92 27.75 5.89
C SER C 391 -8.94 28.82 6.38
N ALA C 392 -8.42 29.65 5.47
CA ALA C 392 -7.53 30.73 5.88
C ALA C 392 -8.30 31.84 6.57
N LYS C 393 -9.51 32.14 6.10
CA LYS C 393 -10.31 33.19 6.73
C LYS C 393 -10.80 32.76 8.11
N ALA C 394 -11.10 31.47 8.28
CA ALA C 394 -11.53 30.99 9.59
C ALA C 394 -10.38 30.90 10.58
N ILE C 395 -9.15 30.87 10.09
CA ILE C 395 -7.98 30.80 10.96
C ILE C 395 -7.46 32.19 11.30
N LEU C 396 -7.50 33.12 10.34
CA LEU C 396 -7.03 34.48 10.56
C LEU C 396 -8.09 35.40 11.14
N GLY C 397 -9.33 34.93 11.27
CA GLY C 397 -10.42 35.73 11.81
C GLY C 397 -10.85 35.37 13.21
N GLY C 398 -10.24 34.38 13.83
CA GLY C 398 -10.59 33.98 15.17
C GLY C 398 -11.70 32.94 15.27
N SER C 399 -12.02 32.26 14.17
CA SER C 399 -13.08 31.25 14.18
C SER C 399 -12.50 29.96 14.73
N LYS C 400 -12.99 29.55 15.90
CA LYS C 400 -12.52 28.32 16.54
C LYS C 400 -13.20 27.12 15.89
N VAL C 401 -12.41 26.26 15.26
CA VAL C 401 -12.92 25.07 14.58
C VAL C 401 -11.94 23.92 14.81
N ARG C 402 -12.47 22.71 14.86
CA ARG C 402 -11.67 21.50 15.07
C ARG C 402 -11.37 20.90 13.70
N VAL C 403 -10.36 21.46 13.03
CA VAL C 403 -9.94 21.00 11.72
C VAL C 403 -8.77 20.02 11.88
N ASP C 404 -8.69 19.07 10.96
CA ASP C 404 -7.62 18.07 11.00
C ASP C 404 -6.33 18.67 10.43
N GLN C 405 -5.20 18.27 11.01
CA GLN C 405 -3.91 18.76 10.55
C GLN C 405 -3.46 18.05 9.28
N LYS C 406 -3.36 16.72 9.34
CA LYS C 406 -2.95 15.94 8.18
C LYS C 406 -3.86 14.74 7.98
N CYS C 407 -3.80 13.77 8.89
CA CYS C 407 -4.64 12.58 8.78
C CYS C 407 -4.90 11.98 10.16
N LYS C 408 -3.83 11.66 10.89
CA LYS C 408 -3.92 11.07 12.22
C LYS C 408 -3.59 12.08 13.32
N SER C 409 -4.02 13.33 13.15
CA SER C 409 -3.76 14.37 14.14
C SER C 409 -4.79 15.46 13.98
N SER C 410 -5.10 16.13 15.10
CA SER C 410 -6.08 17.20 15.11
C SER C 410 -5.75 18.17 16.24
N ALA C 411 -6.19 19.41 16.09
CA ALA C 411 -5.97 20.45 17.08
C ALA C 411 -7.13 21.43 17.03
N GLN C 412 -7.02 22.49 17.84
CA GLN C 412 -8.04 23.53 17.93
C GLN C 412 -7.43 24.86 17.49
N ILE C 413 -8.08 25.52 16.54
CA ILE C 413 -7.61 26.79 16.04
C ILE C 413 -7.99 27.89 17.04
N ASP C 414 -6.99 28.57 17.56
CA ASP C 414 -7.19 29.64 18.52
C ASP C 414 -7.03 31.00 17.86
N PRO C 415 -7.58 32.06 18.45
CA PRO C 415 -7.45 33.39 17.85
C PRO C 415 -6.10 34.03 18.15
N THR C 416 -5.14 33.86 17.24
CA THR C 416 -3.81 34.41 17.39
C THR C 416 -3.41 35.12 16.11
N PRO C 417 -2.67 36.23 16.21
CA PRO C 417 -2.26 36.94 14.99
C PRO C 417 -1.04 36.28 14.36
N VAL C 418 -1.02 36.32 13.02
CA VAL C 418 0.06 35.74 12.23
C VAL C 418 0.67 36.84 11.37
N ILE C 419 1.98 37.01 11.46
CA ILE C 419 2.67 38.03 10.69
C ILE C 419 2.92 37.53 9.27
N VAL C 420 2.97 38.46 8.32
CA VAL C 420 3.20 38.15 6.91
C VAL C 420 4.33 39.03 6.41
N THR C 421 5.34 38.41 5.81
CA THR C 421 6.49 39.14 5.29
C THR C 421 7.04 38.36 4.11
N SER C 422 6.84 38.87 2.90
CA SER C 422 7.31 38.22 1.69
C SER C 422 7.60 39.29 0.64
N ASN C 423 7.66 38.88 -0.62
CA ASN C 423 7.93 39.81 -1.71
C ASN C 423 6.95 39.72 -2.87
N THR C 424 6.08 38.72 -2.91
CA THR C 424 5.11 38.57 -3.98
C THR C 424 3.80 39.26 -3.60
N ASN C 425 2.73 38.95 -4.33
CA ASN C 425 1.42 39.53 -4.08
C ASN C 425 0.54 38.51 -3.37
N MET C 426 -0.10 38.94 -2.29
CA MET C 426 -0.97 38.06 -1.52
C MET C 426 -2.40 38.02 -2.05
N CYS C 427 -2.83 39.08 -2.74
CA CYS C 427 -4.18 39.13 -3.27
C CYS C 427 -4.35 38.27 -4.51
N ALA C 428 -3.29 38.02 -5.26
CA ALA C 428 -3.36 37.20 -6.46
C ALA C 428 -3.39 35.73 -6.05
N VAL C 429 -4.59 35.15 -6.02
CA VAL C 429 -4.76 33.75 -5.64
C VAL C 429 -4.36 32.89 -6.85
N ILE C 430 -3.12 32.40 -6.84
CA ILE C 430 -2.62 31.57 -7.92
C ILE C 430 -3.15 30.16 -7.77
N ASP C 431 -4.25 29.85 -8.45
CA ASP C 431 -4.86 28.51 -8.39
C ASP C 431 -4.11 27.60 -9.34
N GLY C 432 -3.00 27.06 -8.84
CA GLY C 432 -2.17 26.16 -9.62
C GLY C 432 -1.36 26.87 -10.69
N ASN C 433 -1.97 27.14 -11.83
CA ASN C 433 -1.31 27.82 -12.93
C ASN C 433 -1.95 29.14 -13.34
N SER C 434 -3.25 29.32 -13.07
CA SER C 434 -3.93 30.56 -13.41
C SER C 434 -3.91 31.51 -12.21
N THR C 435 -4.79 32.50 -12.20
CA THR C 435 -4.86 33.47 -11.12
C THR C 435 -6.33 33.83 -10.89
N THR C 436 -6.80 33.62 -9.67
CA THR C 436 -8.18 33.91 -9.31
C THR C 436 -8.25 35.29 -8.66
N PHE C 437 -9.16 36.13 -9.16
CA PHE C 437 -9.34 37.48 -8.64
C PHE C 437 -10.71 37.70 -8.00
N GLU C 438 -11.45 36.63 -7.73
CA GLU C 438 -12.77 36.77 -7.12
C GLU C 438 -12.68 37.03 -5.62
N HIS C 439 -11.72 36.44 -4.94
CA HIS C 439 -11.54 36.61 -3.50
C HIS C 439 -10.49 37.69 -3.27
N GLN C 440 -10.90 38.79 -2.65
CA GLN C 440 -9.99 39.89 -2.37
C GLN C 440 -10.50 40.74 -1.22
N GLN C 441 -11.83 40.82 -1.07
CA GLN C 441 -12.41 41.60 0.02
C GLN C 441 -12.07 41.05 1.39
N PRO C 442 -12.16 39.75 1.65
CA PRO C 442 -11.76 39.25 2.98
C PRO C 442 -10.28 39.40 3.25
N LEU C 443 -9.43 39.18 2.23
CA LEU C 443 -7.99 39.37 2.43
C LEU C 443 -7.64 40.82 2.69
N GLN C 444 -8.39 41.76 2.09
CA GLN C 444 -8.14 43.17 2.35
C GLN C 444 -8.70 43.61 3.70
N ASP C 445 -9.80 43.00 4.14
CA ASP C 445 -10.37 43.36 5.44
C ASP C 445 -9.57 42.78 6.60
N ARG C 446 -9.05 41.56 6.45
CA ARG C 446 -8.26 40.90 7.50
C ARG C 446 -6.77 41.00 7.22
N MET C 447 -6.28 42.22 7.03
CA MET C 447 -4.86 42.45 6.76
C MET C 447 -4.57 43.93 6.97
N PHE C 448 -3.31 44.30 6.75
CA PHE C 448 -2.87 45.68 6.91
C PHE C 448 -1.83 45.99 5.84
N LYS C 449 -2.10 46.99 5.02
CA LYS C 449 -1.19 47.37 3.95
C LYS C 449 -0.02 48.15 4.53
N PHE C 450 1.20 47.73 4.17
CA PHE C 450 2.41 48.39 4.64
C PHE C 450 3.36 48.55 3.47
N GLU C 451 3.69 49.79 3.13
CA GLU C 451 4.59 50.07 2.02
C GLU C 451 6.04 49.91 2.46
N LEU C 452 6.88 49.48 1.51
CA LEU C 452 8.30 49.29 1.79
C LEU C 452 9.11 49.35 0.51
N THR C 453 8.69 50.19 -0.44
CA THR C 453 9.39 50.33 -1.70
C THR C 453 10.58 51.27 -1.63
N ARG C 454 10.75 51.99 -0.52
CA ARG C 454 11.87 52.92 -0.38
C ARG C 454 13.14 52.15 -0.06
N ARG C 455 14.20 52.43 -0.80
CA ARG C 455 15.47 51.76 -0.59
C ARG C 455 16.18 52.34 0.63
N LEU C 456 16.76 51.46 1.44
CA LEU C 456 17.47 51.83 2.64
C LEU C 456 18.98 51.68 2.44
N ASP C 457 19.74 51.74 3.53
CA ASP C 457 21.18 51.61 3.47
C ASP C 457 21.58 50.14 3.54
N HIS C 458 22.88 49.90 3.52
CA HIS C 458 23.43 48.55 3.58
C HIS C 458 24.29 48.39 4.83
N ASP C 459 24.49 47.13 5.23
CA ASP C 459 25.28 46.80 6.41
C ASP C 459 24.52 47.09 7.71
N PHE C 460 23.29 46.58 7.77
CA PHE C 460 22.43 46.76 8.93
C PHE C 460 21.62 45.50 9.16
N GLY C 461 21.14 45.35 10.39
CA GLY C 461 20.34 44.21 10.78
C GLY C 461 20.79 43.69 12.13
N LYS C 462 20.20 42.57 12.53
CA LYS C 462 20.53 41.95 13.81
C LYS C 462 19.82 42.66 14.96
N VAL C 463 18.51 42.51 15.04
CA VAL C 463 17.72 43.14 16.09
C VAL C 463 17.51 42.14 17.21
N THR C 464 17.69 42.58 18.45
CA THR C 464 17.52 41.72 19.61
C THR C 464 16.09 41.83 20.15
N LYS C 465 15.86 41.17 21.28
CA LYS C 465 14.54 41.18 21.91
C LYS C 465 14.36 42.33 22.89
N GLN C 466 15.45 42.85 23.46
CA GLN C 466 15.33 43.96 24.41
C GLN C 466 14.81 45.22 23.73
N GLU C 467 15.31 45.52 22.53
CA GLU C 467 14.83 46.70 21.81
C GLU C 467 13.36 46.55 21.43
N VAL C 468 12.95 45.36 21.00
CA VAL C 468 11.55 45.13 20.65
C VAL C 468 10.67 45.28 21.88
N LYS C 469 11.11 44.75 23.02
CA LYS C 469 10.33 44.88 24.25
C LYS C 469 10.22 46.34 24.68
N ASP C 470 11.32 47.09 24.56
CA ASP C 470 11.28 48.51 24.92
C ASP C 470 10.35 49.28 23.99
N PHE C 471 10.37 48.97 22.69
CA PHE C 471 9.47 49.63 21.76
C PHE C 471 8.02 49.29 22.06
N PHE C 472 7.73 48.02 22.38
CA PHE C 472 6.38 47.63 22.73
C PHE C 472 5.90 48.33 24.01
N ARG C 473 6.79 48.45 25.00
CA ARG C 473 6.42 49.13 26.23
C ARG C 473 6.17 50.62 25.98
N TRP C 474 7.00 51.25 25.15
CA TRP C 474 6.79 52.66 24.82
C TRP C 474 5.51 52.88 24.03
N ALA C 475 5.15 51.94 23.16
CA ALA C 475 3.92 52.06 22.39
C ALA C 475 2.69 51.82 23.27
N LYS C 476 2.81 50.92 24.26
CA LYS C 476 1.68 50.65 25.15
C LYS C 476 1.49 51.75 26.18
N ASP C 477 2.57 52.37 26.64
CA ASP C 477 2.48 53.44 27.62
C ASP C 477 2.07 54.77 27.02
N HIS C 478 2.12 54.92 25.70
CA HIS C 478 1.74 56.16 25.02
C HIS C 478 0.89 55.77 23.81
N VAL C 479 -0.41 55.63 24.01
CA VAL C 479 -1.34 55.28 22.95
C VAL C 479 -1.97 56.55 22.40
N VAL C 480 -2.12 56.60 21.08
CA VAL C 480 -2.72 57.76 20.42
C VAL C 480 -3.94 57.33 19.65
N GLU C 481 -4.05 57.77 18.39
CA GLU C 481 -5.18 57.41 17.55
C GLU C 481 -5.00 56.02 16.98
N VAL C 482 -6.07 55.23 17.03
CA VAL C 482 -6.07 53.85 16.53
C VAL C 482 -7.33 53.67 15.69
N GLU C 483 -7.14 53.26 14.43
CA GLU C 483 -8.25 53.04 13.51
C GLU C 483 -8.25 51.59 13.05
N HIS C 484 -9.36 51.18 12.44
CA HIS C 484 -9.52 49.82 11.95
C HIS C 484 -9.60 49.80 10.43
N GLU C 485 -8.63 50.44 9.77
CA GLU C 485 -8.61 50.48 8.31
C GLU C 485 -7.77 49.35 7.74
N PHE C 486 -6.98 49.64 6.72
CA PHE C 486 -6.12 48.63 6.10
C PHE C 486 -5.05 49.28 5.24
N TYR C 487 -5.45 50.20 4.37
CA TYR C 487 -4.51 50.91 3.48
C TYR C 487 -3.82 51.99 4.30
N VAL C 488 -2.70 51.61 4.91
CA VAL C 488 -1.91 52.54 5.72
C VAL C 488 -0.85 53.15 4.82
N LYS C 489 -1.05 54.41 4.44
CA LYS C 489 -0.13 55.11 3.57
C LYS C 489 1.04 55.67 4.39
N LYS C 490 1.99 56.29 3.68
CA LYS C 490 3.17 56.88 4.33
C LYS C 490 2.76 58.23 4.93
N GLY C 491 2.25 58.18 6.16
CA GLY C 491 1.82 59.39 6.83
C GLY C 491 3.00 60.08 7.50
N GLY C 492 3.15 61.38 7.21
CA GLY C 492 4.22 62.16 7.79
C GLY C 492 5.49 62.14 6.95
N LYS D 221 26.89 0.98 34.42
CA LYS D 221 26.94 -0.01 33.35
C LYS D 221 26.56 0.62 32.01
N THR D 222 25.34 1.16 31.95
CA THR D 222 24.87 1.79 30.72
C THR D 222 25.44 3.19 30.54
N SER D 223 25.51 3.97 31.62
CA SER D 223 26.04 5.32 31.53
C SER D 223 27.52 5.31 31.19
N ALA D 224 28.28 4.42 31.81
CA ALA D 224 29.72 4.32 31.52
C ALA D 224 29.94 3.88 30.08
N ARG D 225 29.15 2.93 29.59
CA ARG D 225 29.28 2.49 28.21
C ARG D 225 28.93 3.60 27.23
N TYR D 226 27.88 4.38 27.54
CA TYR D 226 27.52 5.49 26.68
C TYR D 226 28.59 6.56 26.67
N MET D 227 29.19 6.84 27.83
CA MET D 227 30.26 7.83 27.89
C MET D 227 31.49 7.35 27.11
N GLU D 228 31.82 6.06 27.22
CA GLU D 228 32.95 5.52 26.47
C GLU D 228 32.69 5.58 24.97
N LEU D 229 31.47 5.27 24.55
CA LEU D 229 31.13 5.35 23.13
C LEU D 229 31.20 6.78 22.63
N VAL D 230 30.71 7.75 23.42
CA VAL D 230 30.77 9.15 23.02
C VAL D 230 32.23 9.60 22.92
N GLY D 231 33.07 9.18 23.86
CA GLY D 231 34.47 9.55 23.80
C GLY D 231 35.17 8.94 22.59
N TRP D 232 34.87 7.68 22.28
CA TRP D 232 35.46 7.05 21.11
C TRP D 232 34.99 7.68 19.81
N LEU D 233 33.73 8.13 19.77
CA LEU D 233 33.23 8.80 18.58
C LEU D 233 33.81 10.21 18.44
N VAL D 234 34.07 10.89 19.55
CA VAL D 234 34.65 12.23 19.48
C VAL D 234 36.13 12.17 19.14
N ASP D 235 36.84 11.17 19.65
CA ASP D 235 38.26 11.01 19.38
C ASP D 235 38.51 10.07 18.20
N LYS D 236 37.89 10.37 17.06
CA LYS D 236 38.05 9.55 15.86
C LYS D 236 37.60 10.31 14.62
N GLY D 237 36.94 9.63 13.70
CA GLY D 237 36.47 10.25 12.48
C GLY D 237 35.45 9.42 11.74
N ILE D 238 34.37 9.05 12.42
CA ILE D 238 33.30 8.25 11.85
C ILE D 238 32.20 9.20 11.37
N THR D 239 31.74 8.98 10.14
CA THR D 239 30.70 9.82 9.56
C THR D 239 29.66 8.97 8.82
N SER D 240 29.98 8.57 7.60
CA SER D 240 29.08 7.75 6.80
C SER D 240 29.30 6.28 7.11
N GLU D 241 28.62 5.40 6.36
CA GLU D 241 28.77 3.97 6.59
C GLU D 241 30.06 3.43 5.99
N LYS D 242 30.44 3.90 4.81
CA LYS D 242 31.67 3.42 4.18
C LYS D 242 32.90 3.84 4.98
N GLN D 243 32.94 5.09 5.45
CA GLN D 243 34.07 5.53 6.26
C GLN D 243 34.14 4.79 7.59
N TRP D 244 32.99 4.53 8.21
CA TRP D 244 32.97 3.78 9.46
C TRP D 244 33.40 2.34 9.26
N ILE D 245 33.06 1.74 8.12
CA ILE D 245 33.48 0.37 7.85
C ILE D 245 34.96 0.30 7.49
N GLN D 246 35.49 1.33 6.82
CA GLN D 246 36.91 1.35 6.48
C GLN D 246 37.80 1.66 7.67
N GLU D 247 37.33 2.50 8.59
CA GLU D 247 38.12 2.86 9.76
C GLU D 247 38.05 1.76 10.81
N ASP D 248 37.21 1.95 11.83
CA ASP D 248 37.05 0.97 12.90
C ASP D 248 36.05 -0.07 12.44
N GLN D 249 36.55 -1.21 11.97
CA GLN D 249 35.71 -2.29 11.49
C GLN D 249 35.46 -3.37 12.54
N ALA D 250 36.09 -3.28 13.71
CA ALA D 250 35.90 -4.28 14.75
C ALA D 250 34.62 -4.06 15.55
N SER D 251 34.01 -2.88 15.44
CA SER D 251 32.77 -2.63 16.18
C SER D 251 31.63 -3.51 15.70
N TYR D 252 31.51 -3.69 14.39
CA TYR D 252 30.46 -4.56 13.86
C TYR D 252 30.69 -6.01 14.26
N ILE D 253 31.94 -6.46 14.25
CA ILE D 253 32.25 -7.83 14.66
C ILE D 253 31.94 -8.03 16.14
N SER D 254 32.27 -7.03 16.96
CA SER D 254 31.97 -7.13 18.39
C SER D 254 30.47 -7.14 18.64
N PHE D 255 29.72 -6.32 17.90
CA PHE D 255 28.27 -6.30 18.07
C PHE D 255 27.63 -7.60 17.61
N ASN D 256 28.19 -8.22 16.56
CA ASN D 256 27.67 -9.50 16.10
C ASN D 256 28.02 -10.63 17.04
N ALA D 257 29.19 -10.57 17.68
CA ALA D 257 29.59 -11.61 18.61
C ALA D 257 28.88 -11.48 19.95
N ALA D 258 28.56 -10.26 20.37
CA ALA D 258 27.87 -10.05 21.65
C ALA D 258 26.38 -10.28 21.50
N SER D 259 25.58 -9.26 21.79
CA SER D 259 24.13 -9.34 21.70
C SER D 259 23.64 -8.58 20.47
N ASN D 260 22.45 -8.96 20.01
CA ASN D 260 21.82 -8.34 18.85
C ASN D 260 20.88 -7.21 19.24
N SER D 261 21.40 -6.25 19.99
CA SER D 261 20.60 -5.10 20.43
C SER D 261 21.54 -4.06 21.00
N ARG D 262 21.52 -2.86 20.43
CA ARG D 262 22.38 -1.77 20.87
C ARG D 262 21.67 -0.44 20.64
N SER D 263 20.49 -0.28 21.26
CA SER D 263 19.73 0.95 21.11
C SER D 263 20.46 2.13 21.72
N GLN D 264 21.04 1.96 22.91
CA GLN D 264 21.79 3.04 23.53
C GLN D 264 23.02 3.41 22.71
N ILE D 265 23.71 2.41 22.16
CA ILE D 265 24.88 2.68 21.34
C ILE D 265 24.48 3.43 20.07
N LYS D 266 23.35 3.03 19.45
CA LYS D 266 22.89 3.73 18.26
C LYS D 266 22.48 5.16 18.57
N ALA D 267 21.83 5.38 19.71
CA ALA D 267 21.46 6.74 20.10
C ALA D 267 22.69 7.60 20.37
N ALA D 268 23.70 7.02 21.03
CA ALA D 268 24.93 7.76 21.27
C ALA D 268 25.66 8.10 19.97
N LEU D 269 25.68 7.15 19.02
CA LEU D 269 26.30 7.42 17.73
C LEU D 269 25.55 8.50 16.96
N ASP D 270 24.22 8.47 17.01
CA ASP D 270 23.44 9.50 16.34
C ASP D 270 23.66 10.87 16.98
N ASN D 271 23.74 10.91 18.31
CA ASN D 271 24.00 12.18 18.99
C ASN D 271 25.39 12.71 18.64
N ALA D 272 26.39 11.83 18.59
CA ALA D 272 27.73 12.26 18.22
C ALA D 272 27.77 12.78 16.79
N GLY D 273 27.08 12.09 15.88
CA GLY D 273 27.03 12.56 14.49
C GLY D 273 26.33 13.91 14.37
N LYS D 274 25.24 14.10 15.11
CA LYS D 274 24.54 15.38 15.08
C LYS D 274 25.41 16.50 15.66
N ILE D 275 26.15 16.21 16.74
CA ILE D 275 27.02 17.21 17.33
C ILE D 275 28.18 17.54 16.40
N MET D 276 28.68 16.55 15.65
CA MET D 276 29.76 16.82 14.70
C MET D 276 29.27 17.58 13.49
N SER D 277 28.04 17.33 13.05
CA SER D 277 27.49 18.04 11.90
C SER D 277 27.08 19.46 12.24
N LEU D 278 26.57 19.69 13.46
CA LEU D 278 26.15 21.02 13.87
C LEU D 278 27.27 21.83 14.51
N THR D 279 28.32 21.18 14.99
CA THR D 279 29.44 21.88 15.63
C THR D 279 30.34 22.52 14.58
N LYS D 280 31.23 21.72 14.00
CA LYS D 280 32.16 22.22 12.99
C LYS D 280 31.43 22.35 11.66
N THR D 281 31.56 23.52 11.03
CA THR D 281 30.93 23.77 9.75
C THR D 281 31.92 23.61 8.60
N ALA D 282 32.67 24.66 8.31
CA ALA D 282 33.65 24.62 7.24
C ALA D 282 34.87 25.46 7.63
N PRO D 283 34.69 26.54 8.37
CA PRO D 283 35.86 27.35 8.77
C PRO D 283 36.78 26.65 9.74
N ASP D 284 36.23 25.86 10.67
CA ASP D 284 37.05 25.12 11.62
C ASP D 284 37.64 23.86 11.01
N TYR D 285 37.21 23.47 9.82
CA TYR D 285 37.73 22.27 9.16
C TYR D 285 38.70 22.59 8.02
N LEU D 286 38.55 23.74 7.38
CA LEU D 286 39.44 24.14 6.28
C LEU D 286 40.71 24.82 6.77
N VAL D 287 40.91 24.93 8.07
CA VAL D 287 42.10 25.57 8.63
C VAL D 287 43.22 24.53 8.66
N GLY D 288 44.28 24.76 7.89
CA GLY D 288 45.38 23.85 7.85
C GLY D 288 46.33 24.02 9.02
N GLN D 289 47.14 22.98 9.26
CA GLN D 289 48.10 22.99 10.35
C GLN D 289 49.47 23.51 9.92
N GLN D 290 49.71 23.68 8.63
CA GLN D 290 50.99 24.18 8.14
C GLN D 290 50.79 24.93 6.82
N PRO D 291 51.17 26.20 6.75
CA PRO D 291 51.00 26.95 5.50
C PRO D 291 52.11 26.63 4.51
N VAL D 292 51.71 26.44 3.26
CA VAL D 292 52.65 26.13 2.19
C VAL D 292 53.36 27.41 1.75
N GLU D 293 54.61 27.27 1.33
CA GLU D 293 55.41 28.40 0.87
C GLU D 293 55.55 28.46 -0.64
N ASP D 294 55.62 27.32 -1.32
CA ASP D 294 55.76 27.27 -2.77
C ASP D 294 54.37 27.38 -3.39
N ILE D 295 54.14 28.49 -4.10
CA ILE D 295 52.84 28.70 -4.73
C ILE D 295 52.71 27.96 -6.05
N SER D 296 53.83 27.49 -6.62
CA SER D 296 53.79 26.77 -7.89
C SER D 296 53.50 25.29 -7.73
N SER D 297 53.43 24.79 -6.50
CA SER D 297 53.15 23.38 -6.24
C SER D 297 51.67 23.08 -6.04
N ASN D 298 50.80 24.05 -6.33
CA ASN D 298 49.35 23.88 -6.17
C ASN D 298 48.69 24.02 -7.54
N ARG D 299 47.74 23.14 -7.82
CA ARG D 299 47.05 23.18 -9.11
C ARG D 299 46.02 24.30 -9.16
N ILE D 300 45.48 24.71 -8.01
CA ILE D 300 44.48 25.78 -7.99
C ILE D 300 45.10 27.10 -8.44
N TYR D 301 46.31 27.41 -7.99
CA TYR D 301 46.98 28.64 -8.41
C TYR D 301 47.28 28.62 -9.90
N LYS D 302 47.72 27.47 -10.42
CA LYS D 302 47.99 27.36 -11.84
C LYS D 302 46.72 27.53 -12.67
N ILE D 303 45.62 26.94 -12.19
CA ILE D 303 44.34 27.08 -12.90
C ILE D 303 43.87 28.53 -12.88
N LEU D 304 44.02 29.20 -11.74
CA LEU D 304 43.61 30.60 -11.66
C LEU D 304 44.49 31.49 -12.52
N GLU D 305 45.78 31.17 -12.65
CA GLU D 305 46.66 31.97 -13.50
C GLU D 305 46.38 31.72 -14.98
N LEU D 306 46.00 30.49 -15.33
CA LEU D 306 45.70 30.17 -16.72
C LEU D 306 44.32 30.67 -17.14
N ASN D 307 43.38 30.78 -16.20
CA ASN D 307 42.06 31.25 -16.55
C ASN D 307 42.05 32.76 -16.81
N GLY D 308 42.93 33.50 -16.13
CA GLY D 308 43.00 34.94 -16.32
C GLY D 308 42.36 35.71 -15.18
N TYR D 309 42.77 35.42 -13.95
CA TYR D 309 42.23 36.10 -12.78
C TYR D 309 43.29 36.11 -11.69
N ASP D 310 43.06 36.93 -10.68
CA ASP D 310 43.99 37.03 -9.56
C ASP D 310 43.82 35.83 -8.62
N PRO D 311 44.89 35.14 -8.26
CA PRO D 311 44.76 34.00 -7.36
C PRO D 311 44.57 34.41 -5.91
N GLN D 312 45.31 35.42 -5.47
CA GLN D 312 45.19 35.88 -4.09
C GLN D 312 43.82 36.49 -3.82
N TYR D 313 43.31 37.29 -4.76
CA TYR D 313 41.98 37.88 -4.59
C TYR D 313 40.90 36.81 -4.57
N ALA D 314 41.02 35.81 -5.45
CA ALA D 314 40.05 34.72 -5.45
C ALA D 314 40.10 33.92 -4.16
N ALA D 315 41.30 33.65 -3.64
CA ALA D 315 41.43 32.94 -2.38
C ALA D 315 40.84 33.74 -1.22
N SER D 316 41.07 35.06 -1.22
CA SER D 316 40.50 35.90 -0.17
C SER D 316 38.98 35.93 -0.25
N VAL D 317 38.43 36.01 -1.47
CA VAL D 317 36.98 36.00 -1.63
C VAL D 317 36.39 34.68 -1.17
N PHE D 318 37.06 33.57 -1.49
CA PHE D 318 36.58 32.27 -1.06
C PHE D 318 36.63 32.13 0.46
N LEU D 319 37.71 32.62 1.08
CA LEU D 319 37.81 32.56 2.54
C LEU D 319 36.77 33.46 3.21
N GLY D 320 36.44 34.60 2.60
CA GLY D 320 35.42 35.47 3.17
C GLY D 320 34.02 34.92 2.98
N TRP D 321 33.77 34.21 1.88
CA TRP D 321 32.45 33.63 1.65
C TRP D 321 32.24 32.36 2.46
N ALA D 322 33.30 31.58 2.69
CA ALA D 322 33.17 30.35 3.47
C ALA D 322 33.08 30.59 4.96
N THR D 323 33.49 31.77 5.43
CA THR D 323 33.45 32.09 6.85
C THR D 323 32.14 32.73 7.29
N LYS D 324 31.27 33.09 6.35
CA LYS D 324 29.99 33.70 6.69
C LYS D 324 30.17 35.17 7.03
N LYS D 325 31.00 35.87 6.26
CA LYS D 325 31.25 37.29 6.47
C LYS D 325 30.72 38.17 5.34
N PHE D 326 30.03 37.59 4.36
CA PHE D 326 29.49 38.39 3.26
C PHE D 326 28.16 39.03 3.64
N GLY D 327 27.21 38.24 4.11
CA GLY D 327 25.91 38.76 4.49
C GLY D 327 24.77 38.20 3.65
N LYS D 328 24.23 39.03 2.75
CA LYS D 328 23.13 38.59 1.91
C LYS D 328 23.64 37.74 0.75
N ARG D 329 24.78 38.10 0.16
CA ARG D 329 25.34 37.37 -0.96
C ARG D 329 26.12 36.16 -0.41
N ASN D 330 25.38 35.09 -0.16
CA ASN D 330 25.94 33.85 0.37
C ASN D 330 25.76 32.68 -0.60
N THR D 331 25.74 32.97 -1.90
CA THR D 331 25.56 31.94 -2.91
C THR D 331 26.50 32.24 -4.08
N ILE D 332 27.29 31.25 -4.47
CA ILE D 332 28.25 31.38 -5.56
C ILE D 332 27.73 30.56 -6.73
N TRP D 333 27.54 31.22 -7.88
CA TRP D 333 27.05 30.57 -9.08
C TRP D 333 28.17 30.51 -10.11
N LEU D 334 28.31 29.34 -10.74
CA LEU D 334 29.33 29.12 -11.76
C LEU D 334 28.71 29.15 -13.15
N PHE D 335 29.58 29.25 -14.15
CA PHE D 335 29.16 29.30 -15.55
C PHE D 335 30.05 28.37 -16.37
N GLY D 336 29.44 27.69 -17.34
CA GLY D 336 30.16 26.77 -18.18
C GLY D 336 29.47 25.43 -18.31
N PRO D 337 29.89 24.64 -19.30
CA PRO D 337 29.26 23.32 -19.49
C PRO D 337 29.92 22.24 -18.65
N ALA D 338 29.59 20.98 -18.94
CA ALA D 338 30.15 19.86 -18.21
C ALA D 338 31.54 19.47 -18.69
N THR D 339 31.97 19.98 -19.84
CA THR D 339 33.29 19.67 -20.40
C THR D 339 34.39 20.62 -19.91
N THR D 340 34.05 21.56 -19.01
CA THR D 340 35.05 22.49 -18.51
C THR D 340 35.95 21.88 -17.45
N GLY D 341 35.53 20.80 -16.80
CA GLY D 341 36.32 20.15 -15.78
C GLY D 341 36.09 20.66 -14.37
N LYS D 342 35.29 21.70 -14.19
CA LYS D 342 35.03 22.24 -12.86
C LYS D 342 34.09 21.36 -12.04
N THR D 343 33.26 20.54 -12.70
CA THR D 343 32.34 19.68 -11.97
C THR D 343 33.08 18.64 -11.14
N ASN D 344 34.14 18.04 -11.69
CA ASN D 344 34.92 17.07 -10.94
C ASN D 344 35.61 17.72 -9.76
N ILE D 345 36.15 18.93 -9.94
CA ILE D 345 36.81 19.63 -8.85
C ILE D 345 35.81 19.98 -7.76
N ALA D 346 34.61 20.41 -8.15
CA ALA D 346 33.58 20.72 -7.15
C ALA D 346 33.15 19.47 -6.39
N GLU D 347 33.00 18.35 -7.09
CA GLU D 347 32.63 17.10 -6.43
C GLU D 347 33.73 16.66 -5.47
N ALA D 348 34.99 16.80 -5.86
CA ALA D 348 36.09 16.43 -4.98
C ALA D 348 36.15 17.33 -3.75
N ILE D 349 35.91 18.63 -3.94
CA ILE D 349 35.91 19.55 -2.80
C ILE D 349 34.74 19.27 -1.87
N ALA D 350 33.60 18.84 -2.41
CA ALA D 350 32.45 18.52 -1.59
C ALA D 350 32.65 17.21 -0.84
N HIS D 351 33.29 16.23 -1.47
CA HIS D 351 33.53 14.94 -0.83
C HIS D 351 34.73 14.94 0.11
N THR D 352 35.63 15.93 0.01
CA THR D 352 36.78 15.99 0.89
C THR D 352 36.40 16.31 2.33
N VAL D 353 35.24 16.93 2.55
CA VAL D 353 34.79 17.27 3.90
C VAL D 353 34.05 16.07 4.48
N PRO D 354 33.58 16.16 5.74
CA PRO D 354 32.87 15.01 6.32
C PRO D 354 31.44 14.89 5.80
N PHE D 355 30.54 15.73 6.31
CA PHE D 355 29.15 15.72 5.88
C PHE D 355 28.99 16.52 4.60
N TYR D 356 28.20 15.97 3.67
CA TYR D 356 27.95 16.63 2.38
C TYR D 356 26.54 16.30 1.95
N GLY D 357 25.83 17.32 1.44
CA GLY D 357 24.46 17.13 0.98
C GLY D 357 24.25 17.58 -0.44
N CYS D 358 23.92 16.64 -1.32
CA CYS D 358 23.68 16.93 -2.73
C CYS D 358 22.22 17.30 -2.93
N VAL D 359 21.98 18.41 -3.64
CA VAL D 359 20.63 18.88 -3.91
C VAL D 359 20.15 18.18 -5.17
N ASN D 360 19.36 17.12 -4.98
CA ASN D 360 18.83 16.34 -6.10
C ASN D 360 17.47 16.92 -6.48
N TRP D 361 17.45 17.68 -7.57
CA TRP D 361 16.23 18.31 -8.06
C TRP D 361 15.55 17.35 -9.03
N THR D 362 14.71 16.47 -8.49
CA THR D 362 13.99 15.48 -9.29
C THR D 362 12.48 15.67 -9.32
N ASN D 363 11.91 16.44 -8.38
CA ASN D 363 10.48 16.67 -8.33
C ASN D 363 10.22 18.14 -8.01
N GLU D 364 9.02 18.59 -8.34
CA GLU D 364 8.59 19.96 -8.11
C GLU D 364 7.78 20.12 -6.82
N ASN D 365 8.11 19.33 -5.79
CA ASN D 365 7.38 19.41 -4.53
C ASN D 365 8.36 19.59 -3.37
N PHE D 366 9.38 18.75 -3.31
CA PHE D 366 10.39 18.80 -2.25
C PHE D 366 11.77 18.90 -2.89
N PRO D 367 12.40 20.07 -2.86
CA PRO D 367 13.73 20.21 -3.47
C PRO D 367 14.83 19.70 -2.57
N PHE D 368 14.62 19.80 -1.25
CA PHE D 368 15.60 19.36 -0.26
C PHE D 368 15.13 18.01 0.30
N ASN D 369 15.90 16.96 0.04
CA ASN D 369 15.57 15.63 0.52
C ASN D 369 16.43 15.24 1.71
N ASP D 370 17.64 14.73 1.43
CA ASP D 370 18.57 14.32 2.47
C ASP D 370 19.75 15.26 2.60
N CYS D 371 19.72 16.42 1.97
CA CYS D 371 20.80 17.40 2.03
C CYS D 371 20.63 18.41 3.15
N VAL D 372 19.61 18.26 3.99
CA VAL D 372 19.37 19.18 5.10
C VAL D 372 19.99 18.62 6.35
N ASP D 373 20.66 19.49 7.11
CA ASP D 373 21.32 19.07 8.35
C ASP D 373 22.65 18.38 8.05
N LYS D 374 23.56 19.09 7.37
CA LYS D 374 24.86 18.53 7.04
C LYS D 374 25.97 19.53 7.34
N MET D 375 26.93 19.67 6.43
CA MET D 375 28.04 20.59 6.63
C MET D 375 28.21 21.49 5.42
N VAL D 376 28.24 20.91 4.22
CA VAL D 376 28.39 21.65 2.98
C VAL D 376 27.32 21.16 2.01
N ILE D 377 26.44 22.06 1.60
CA ILE D 377 25.36 21.75 0.67
C ILE D 377 25.73 22.31 -0.69
N TRP D 378 25.75 21.44 -1.71
CA TRP D 378 26.08 21.83 -3.07
C TRP D 378 25.09 21.20 -4.04
N TRP D 379 24.83 21.91 -5.13
CA TRP D 379 23.91 21.47 -6.16
C TRP D 379 24.69 21.18 -7.44
N GLU D 380 24.47 19.99 -8.01
CA GLU D 380 25.15 19.58 -9.22
C GLU D 380 24.21 19.30 -10.39
N GLU D 381 22.91 19.18 -10.15
CA GLU D 381 21.95 18.92 -11.21
C GLU D 381 20.59 19.46 -10.81
N GLY D 382 19.75 19.69 -11.81
CA GLY D 382 18.41 20.20 -11.58
C GLY D 382 18.34 21.70 -11.83
N LYS D 383 17.16 22.14 -12.29
CA LYS D 383 16.91 23.53 -12.60
C LYS D 383 15.69 24.00 -11.81
N MET D 384 15.82 25.13 -11.13
CA MET D 384 14.72 25.67 -10.34
C MET D 384 13.71 26.34 -11.25
N THR D 385 12.43 26.08 -11.01
CA THR D 385 11.36 26.67 -11.80
C THR D 385 10.87 27.95 -11.12
N ALA D 386 9.68 28.43 -11.51
CA ALA D 386 9.13 29.64 -10.92
C ALA D 386 8.43 29.39 -9.60
N LYS D 387 8.02 28.15 -9.32
CA LYS D 387 7.34 27.82 -8.08
C LYS D 387 8.31 27.56 -6.92
N VAL D 388 9.61 27.53 -7.18
CA VAL D 388 10.61 27.30 -6.14
C VAL D 388 11.59 28.44 -5.97
N VAL D 389 11.56 29.46 -6.85
CA VAL D 389 12.50 30.57 -6.72
C VAL D 389 12.19 31.40 -5.48
N GLU D 390 10.91 31.56 -5.14
CA GLU D 390 10.54 32.32 -3.96
C GLU D 390 11.03 31.65 -2.68
N SER D 391 11.06 30.32 -2.67
CA SER D 391 11.59 29.60 -1.51
C SER D 391 13.12 29.56 -1.51
N ALA D 392 13.73 29.50 -2.69
CA ALA D 392 15.19 29.49 -2.76
C ALA D 392 15.78 30.82 -2.34
N LYS D 393 15.11 31.93 -2.70
CA LYS D 393 15.59 33.25 -2.31
C LYS D 393 15.58 33.45 -0.81
N ALA D 394 14.70 32.75 -0.08
CA ALA D 394 14.66 32.83 1.36
C ALA D 394 15.52 31.78 2.04
N ILE D 395 15.74 30.62 1.40
CA ILE D 395 16.58 29.58 1.99
C ILE D 395 18.05 29.93 1.83
N LEU D 396 18.48 30.18 0.59
CA LEU D 396 19.88 30.49 0.32
C LEU D 396 20.26 31.92 0.68
N GLY D 397 19.30 32.74 1.10
CA GLY D 397 19.59 34.12 1.46
C GLY D 397 20.36 34.28 2.75
N GLY D 398 20.35 33.27 3.62
CA GLY D 398 21.07 33.35 4.88
C GLY D 398 20.20 33.75 6.05
N SER D 399 19.07 33.05 6.21
CA SER D 399 18.14 33.33 7.29
C SER D 399 17.74 32.02 7.96
N LYS D 400 17.65 32.04 9.28
CA LYS D 400 17.28 30.86 10.06
C LYS D 400 15.77 30.81 10.20
N VAL D 401 15.16 29.74 9.68
CA VAL D 401 13.71 29.56 9.74
C VAL D 401 13.42 28.07 9.79
N ARG D 402 12.38 27.71 10.54
CA ARG D 402 11.97 26.32 10.68
C ARG D 402 10.98 25.97 9.58
N VAL D 403 11.34 24.99 8.75
CA VAL D 403 10.51 24.55 7.64
C VAL D 403 10.26 23.04 7.79
N ASP D 404 9.03 22.63 7.55
CA ASP D 404 8.66 21.21 7.65
C ASP D 404 8.76 20.56 6.28
N GLN D 405 9.38 19.38 6.23
CA GLN D 405 9.54 18.65 4.98
C GLN D 405 8.26 17.94 4.61
N LYS D 406 8.16 16.65 4.95
CA LYS D 406 6.97 15.87 4.63
C LYS D 406 5.86 16.16 5.62
N CYS D 407 5.82 15.42 6.73
CA CYS D 407 4.80 15.62 7.75
C CYS D 407 5.38 15.47 9.15
N LYS D 408 6.09 14.38 9.39
CA LYS D 408 6.71 14.10 10.69
C LYS D 408 8.18 14.47 10.71
N SER D 409 8.56 15.56 10.03
CA SER D 409 9.95 16.00 10.00
C SER D 409 9.96 17.51 9.80
N SER D 410 10.51 18.23 10.77
CA SER D 410 10.60 19.70 10.73
C SER D 410 12.03 20.09 11.08
N ALA D 411 12.79 20.53 10.09
CA ALA D 411 14.17 20.95 10.28
C ALA D 411 14.26 22.47 10.32
N GLN D 412 15.47 22.97 10.53
CA GLN D 412 15.73 24.41 10.60
C GLN D 412 16.93 24.71 9.70
N ILE D 413 16.67 25.34 8.57
CA ILE D 413 17.73 25.68 7.62
C ILE D 413 18.44 26.93 8.13
N ASP D 414 19.72 26.80 8.44
CA ASP D 414 20.55 27.88 8.93
C ASP D 414 21.34 28.52 7.80
N PRO D 415 22.03 29.62 8.06
CA PRO D 415 22.81 30.28 7.01
C PRO D 415 24.15 29.59 6.83
N THR D 416 24.31 28.90 5.70
CA THR D 416 25.52 28.17 5.36
C THR D 416 25.93 28.54 3.95
N PRO D 417 27.20 28.37 3.60
CA PRO D 417 27.67 28.71 2.25
C PRO D 417 27.33 27.59 1.27
N VAL D 418 26.42 27.89 0.35
CA VAL D 418 25.98 26.93 -0.67
C VAL D 418 26.49 27.41 -2.02
N ILE D 419 27.19 26.52 -2.72
CA ILE D 419 27.75 26.81 -4.04
C ILE D 419 26.88 26.15 -5.09
N VAL D 420 26.46 26.93 -6.09
CA VAL D 420 25.63 26.45 -7.18
C VAL D 420 26.51 26.21 -8.40
N THR D 421 26.50 24.99 -8.91
CA THR D 421 27.30 24.60 -10.07
C THR D 421 26.37 23.89 -11.06
N SER D 422 25.94 24.61 -12.08
CA SER D 422 25.05 24.04 -13.09
C SER D 422 25.48 24.46 -14.49
N ASN D 423 24.53 24.53 -15.42
CA ASN D 423 24.82 24.92 -16.79
C ASN D 423 23.87 26.00 -17.32
N THR D 424 22.60 25.95 -16.94
CA THR D 424 21.64 26.94 -17.40
C THR D 424 21.74 28.21 -16.57
N ASN D 425 21.00 29.24 -16.99
CA ASN D 425 21.00 30.52 -16.30
C ASN D 425 20.12 30.41 -15.06
N MET D 426 20.73 30.59 -13.88
CA MET D 426 19.99 30.51 -12.63
C MET D 426 19.15 31.74 -12.35
N CYS D 427 19.49 32.89 -12.97
CA CYS D 427 18.74 34.11 -12.75
C CYS D 427 17.44 34.16 -13.57
N ALA D 428 17.31 33.33 -14.59
CA ALA D 428 16.12 33.30 -15.42
C ALA D 428 15.03 32.53 -14.70
N VAL D 429 13.96 33.23 -14.30
CA VAL D 429 12.84 32.61 -13.60
C VAL D 429 11.98 31.89 -14.63
N ILE D 430 12.10 30.57 -14.69
CA ILE D 430 11.33 29.76 -15.64
C ILE D 430 9.94 29.56 -15.05
N ASP D 431 8.97 30.35 -15.52
CA ASP D 431 7.60 30.26 -15.05
C ASP D 431 6.89 29.14 -15.82
N GLY D 432 7.10 27.92 -15.34
CA GLY D 432 6.49 26.76 -15.96
C GLY D 432 7.16 26.35 -17.26
N ASN D 433 6.78 26.97 -18.36
CA ASN D 433 7.34 26.68 -19.67
C ASN D 433 8.07 27.87 -20.28
N SER D 434 7.60 29.08 -20.05
CA SER D 434 8.24 30.27 -20.61
C SER D 434 9.23 30.85 -19.60
N THR D 435 9.70 32.06 -19.85
CA THR D 435 10.65 32.75 -18.98
C THR D 435 10.16 34.16 -18.73
N THR D 436 9.90 34.49 -17.47
CA THR D 436 9.42 35.80 -17.06
C THR D 436 10.46 36.46 -16.17
N PHE D 437 10.87 37.67 -16.52
CA PHE D 437 11.86 38.43 -15.77
C PHE D 437 11.10 39.44 -14.89
N GLU D 438 10.68 38.98 -13.72
CA GLU D 438 9.95 39.82 -12.78
C GLU D 438 10.65 40.03 -11.45
N HIS D 439 11.66 39.21 -11.11
CA HIS D 439 12.37 39.37 -9.86
C HIS D 439 13.84 38.98 -10.02
N GLN D 440 14.45 39.42 -11.13
CA GLN D 440 15.84 39.11 -11.38
C GLN D 440 16.80 39.96 -10.56
N GLN D 441 16.37 41.15 -10.13
CA GLN D 441 17.25 42.01 -9.35
C GLN D 441 17.62 41.39 -8.01
N PRO D 442 16.70 40.82 -7.24
CA PRO D 442 17.12 40.19 -5.97
C PRO D 442 17.99 38.97 -6.17
N LEU D 443 17.70 38.15 -7.19
CA LEU D 443 18.54 36.99 -7.47
C LEU D 443 19.94 37.40 -7.92
N GLN D 444 20.06 38.53 -8.63
CA GLN D 444 21.38 39.01 -9.03
C GLN D 444 22.12 39.68 -7.88
N ASP D 445 21.40 40.30 -6.95
CA ASP D 445 22.05 40.94 -5.81
C ASP D 445 22.51 39.91 -4.78
N ARG D 446 21.72 38.86 -4.57
CA ARG D 446 22.04 37.81 -3.62
C ARG D 446 22.75 36.63 -4.26
N MET D 447 23.37 36.83 -5.42
CA MET D 447 24.07 35.77 -6.12
C MET D 447 25.34 36.33 -6.74
N PHE D 448 26.29 35.43 -7.01
CA PHE D 448 27.57 35.78 -7.60
C PHE D 448 27.64 35.29 -9.04
N LYS D 449 28.81 35.45 -9.66
CA LYS D 449 29.00 35.01 -11.04
C LYS D 449 30.50 34.81 -11.25
N PHE D 450 30.95 33.57 -11.12
CA PHE D 450 32.36 33.20 -11.28
C PHE D 450 32.47 32.34 -12.54
N GLU D 451 32.95 32.95 -13.62
CA GLU D 451 33.12 32.24 -14.88
C GLU D 451 34.54 31.70 -15.01
N LEU D 452 34.66 30.57 -15.70
CA LEU D 452 35.94 29.91 -15.93
C LEU D 452 36.29 30.00 -17.41
N THR D 453 37.53 30.38 -17.70
CA THR D 453 38.02 30.49 -19.07
C THR D 453 38.75 29.25 -19.54
N ARG D 454 39.85 28.90 -18.87
CA ARG D 454 40.62 27.72 -19.24
C ARG D 454 39.94 26.47 -18.69
N ARG D 455 39.79 25.47 -19.56
CA ARG D 455 39.16 24.22 -19.17
C ARG D 455 40.20 23.24 -18.62
N LEU D 456 39.74 22.04 -18.27
CA LEU D 456 40.62 21.02 -17.73
C LEU D 456 41.39 20.34 -18.87
N ASP D 457 42.65 20.02 -18.62
CA ASP D 457 43.50 19.36 -19.59
C ASP D 457 43.51 17.86 -19.35
N HIS D 458 44.27 17.16 -20.19
CA HIS D 458 44.37 15.70 -20.09
C HIS D 458 45.57 15.32 -19.23
N ASP D 459 45.39 14.32 -18.37
CA ASP D 459 46.43 13.83 -17.48
C ASP D 459 46.68 14.78 -16.31
N PHE D 460 45.67 15.57 -15.94
CA PHE D 460 45.78 16.51 -14.83
C PHE D 460 44.43 16.57 -14.12
N GLY D 461 44.44 16.27 -12.82
CA GLY D 461 43.21 16.30 -12.04
C GLY D 461 43.40 15.56 -10.73
N LYS D 462 42.27 15.17 -10.14
CA LYS D 462 42.29 14.45 -8.88
C LYS D 462 42.57 15.39 -7.71
N VAL D 463 41.55 16.09 -7.25
CA VAL D 463 41.71 17.03 -6.14
C VAL D 463 41.74 16.25 -4.83
N THR D 464 42.79 16.45 -4.04
CA THR D 464 42.95 15.77 -2.76
C THR D 464 42.43 16.67 -1.64
N LYS D 465 42.92 16.46 -0.42
CA LYS D 465 42.50 17.25 0.73
C LYS D 465 43.65 18.01 1.38
N GLN D 466 44.85 17.43 1.40
CA GLN D 466 45.98 18.11 2.02
C GLN D 466 46.36 19.38 1.25
N GLU D 467 46.37 19.30 -0.09
CA GLU D 467 46.69 20.47 -0.89
C GLU D 467 45.63 21.56 -0.72
N VAL D 468 44.36 21.17 -0.66
CA VAL D 468 43.29 22.15 -0.46
C VAL D 468 43.40 22.79 0.91
N LYS D 469 43.73 22.01 1.93
CA LYS D 469 43.90 22.58 3.27
C LYS D 469 45.09 23.53 3.32
N ASP D 470 46.19 23.17 2.65
CA ASP D 470 47.35 24.05 2.61
C ASP D 470 47.04 25.35 1.88
N PHE D 471 46.30 25.26 0.78
CA PHE D 471 45.91 26.46 0.04
C PHE D 471 44.99 27.35 0.88
N PHE D 472 44.05 26.73 1.60
CA PHE D 472 43.16 27.52 2.47
C PHE D 472 43.95 28.19 3.58
N ARG D 473 44.91 27.48 4.17
CA ARG D 473 45.71 28.08 5.23
C ARG D 473 46.57 29.22 4.70
N TRP D 474 47.14 29.06 3.50
CA TRP D 474 47.94 30.12 2.91
C TRP D 474 47.08 31.33 2.55
N ALA D 475 45.83 31.10 2.13
CA ALA D 475 44.94 32.22 1.80
C ALA D 475 44.47 32.93 3.06
N LYS D 476 44.27 32.18 4.15
CA LYS D 476 43.83 32.80 5.40
C LYS D 476 44.97 33.52 6.11
N ASP D 477 46.20 33.04 5.98
CA ASP D 477 47.34 33.68 6.62
C ASP D 477 47.75 34.98 5.95
N HIS D 478 47.34 35.21 4.70
CA HIS D 478 47.67 36.43 3.96
C HIS D 478 46.39 36.98 3.36
N VAL D 479 45.72 37.89 4.08
CA VAL D 479 44.47 38.50 3.64
C VAL D 479 44.80 39.85 3.02
N VAL D 480 44.18 40.13 1.87
CA VAL D 480 44.41 41.39 1.17
C VAL D 480 43.08 42.12 1.01
N GLU D 481 42.92 42.84 -0.10
CA GLU D 481 41.69 43.57 -0.36
C GLU D 481 40.62 42.62 -0.89
N VAL D 482 39.43 42.69 -0.30
CA VAL D 482 38.31 41.85 -0.69
C VAL D 482 37.17 42.77 -1.12
N GLU D 483 36.71 42.60 -2.36
CA GLU D 483 35.63 43.41 -2.89
C GLU D 483 34.27 42.76 -2.60
N HIS D 484 33.21 43.52 -2.87
CA HIS D 484 31.84 43.04 -2.64
C HIS D 484 30.95 43.67 -3.71
N GLU D 485 30.77 42.96 -4.82
CA GLU D 485 29.94 43.44 -5.92
C GLU D 485 29.33 42.22 -6.62
N PHE D 486 28.72 42.46 -7.78
CA PHE D 486 28.10 41.39 -8.54
C PHE D 486 29.07 40.80 -9.55
N TYR D 487 29.32 41.51 -10.63
CA TYR D 487 30.25 41.04 -11.66
C TYR D 487 31.68 41.28 -11.21
N VAL D 488 32.47 40.22 -11.15
CA VAL D 488 33.86 40.32 -10.73
C VAL D 488 34.69 40.86 -11.88
N LYS D 489 35.49 41.89 -11.61
CA LYS D 489 36.32 42.49 -12.65
C LYS D 489 37.56 41.62 -12.90
N LYS D 490 38.17 41.85 -14.06
CA LYS D 490 39.37 41.10 -14.46
C LYS D 490 40.57 41.69 -13.74
N GLY D 491 40.79 41.19 -12.52
CA GLY D 491 41.89 41.64 -11.68
C GLY D 491 43.04 40.64 -11.70
N GLY D 492 44.25 41.16 -11.72
CA GLY D 492 45.43 40.32 -11.74
C GLY D 492 45.88 39.92 -13.14
N LYS E 221 24.59 -20.87 25.13
CA LYS E 221 25.49 -20.80 23.99
C LYS E 221 25.02 -19.75 22.99
N THR E 222 25.68 -18.59 23.02
CA THR E 222 25.34 -17.50 22.11
C THR E 222 26.59 -16.89 21.50
N SER E 223 27.44 -16.27 22.34
CA SER E 223 28.65 -15.65 21.83
C SER E 223 29.62 -16.70 21.28
N ALA E 224 29.76 -17.83 21.99
CA ALA E 224 30.65 -18.89 21.50
C ALA E 224 30.14 -19.47 20.20
N ARG E 225 28.83 -19.67 20.08
CA ARG E 225 28.25 -20.19 18.85
C ARG E 225 28.44 -19.22 17.70
N TYR E 226 28.26 -17.92 17.96
CA TYR E 226 28.47 -16.92 16.92
C TYR E 226 29.92 -16.88 16.48
N MET E 227 30.85 -16.98 17.44
CA MET E 227 32.27 -16.99 17.09
C MET E 227 32.62 -18.22 16.27
N GLU E 228 32.08 -19.38 16.64
CA GLU E 228 32.34 -20.61 15.88
C GLU E 228 31.77 -20.50 14.47
N LEU E 229 30.57 -19.93 14.33
CA LEU E 229 29.99 -19.75 13.00
C LEU E 229 30.81 -18.79 12.16
N VAL E 230 31.29 -17.70 12.76
CA VAL E 230 32.12 -16.75 12.03
C VAL E 230 33.42 -17.40 11.59
N GLY E 231 34.03 -18.20 12.47
CA GLY E 231 35.25 -18.90 12.11
C GLY E 231 35.04 -19.91 10.99
N TRP E 232 33.93 -20.65 11.05
CA TRP E 232 33.63 -21.61 9.99
C TRP E 232 33.32 -20.92 8.67
N LEU E 233 32.71 -19.75 8.71
CA LEU E 233 32.44 -19.01 7.47
C LEU E 233 33.70 -18.39 6.90
N VAL E 234 34.63 -17.97 7.76
CA VAL E 234 35.87 -17.38 7.28
C VAL E 234 36.83 -18.44 6.76
N ASP E 235 36.84 -19.62 7.38
CA ASP E 235 37.73 -20.68 6.93
C ASP E 235 37.13 -21.45 5.75
N LYS E 236 35.84 -21.74 5.80
CA LYS E 236 35.20 -22.47 4.71
C LYS E 236 34.97 -21.59 3.48
N GLY E 237 34.69 -20.31 3.69
CA GLY E 237 34.46 -19.40 2.58
C GLY E 237 33.10 -19.56 1.95
N ILE E 238 32.04 -19.35 2.75
CA ILE E 238 30.67 -19.48 2.29
C ILE E 238 30.06 -18.08 2.21
N THR E 239 29.32 -17.82 1.14
CA THR E 239 28.67 -16.53 0.92
C THR E 239 27.16 -16.60 1.18
N SER E 240 26.44 -17.44 0.44
CA SER E 240 25.01 -17.59 0.59
C SER E 240 24.68 -19.02 0.99
N GLU E 241 23.40 -19.38 0.92
CA GLU E 241 22.96 -20.72 1.27
C GLU E 241 23.24 -21.73 0.17
N LYS E 242 23.18 -21.30 -1.10
CA LYS E 242 23.44 -22.22 -2.20
C LYS E 242 24.88 -22.71 -2.20
N GLN E 243 25.83 -21.80 -1.97
CA GLN E 243 27.24 -22.21 -1.93
C GLN E 243 27.51 -23.13 -0.75
N TRP E 244 26.89 -22.85 0.40
CA TRP E 244 27.08 -23.71 1.57
C TRP E 244 26.45 -25.08 1.36
N ILE E 245 25.33 -25.15 0.64
CA ILE E 245 24.72 -26.44 0.36
C ILE E 245 25.50 -27.22 -0.69
N GLN E 246 26.11 -26.52 -1.64
CA GLN E 246 26.89 -27.21 -2.67
C GLN E 246 28.23 -27.70 -2.13
N GLU E 247 28.86 -26.91 -1.27
CA GLU E 247 30.15 -27.30 -0.69
C GLU E 247 29.95 -28.06 0.61
N ASP E 248 30.61 -27.61 1.68
CA ASP E 248 30.49 -28.26 2.98
C ASP E 248 29.18 -27.85 3.63
N GLN E 249 28.22 -28.77 3.68
CA GLN E 249 26.91 -28.52 4.26
C GLN E 249 26.79 -29.05 5.69
N ALA E 250 27.92 -29.35 6.34
CA ALA E 250 27.88 -29.86 7.70
C ALA E 250 27.62 -28.75 8.72
N SER E 251 28.13 -27.55 8.47
CA SER E 251 27.92 -26.44 9.41
C SER E 251 26.45 -26.06 9.50
N TYR E 252 25.77 -26.00 8.35
CA TYR E 252 24.34 -25.67 8.35
C TYR E 252 23.53 -26.74 9.06
N ILE E 253 23.87 -28.02 8.84
CA ILE E 253 23.15 -29.11 9.50
C ILE E 253 23.38 -29.04 11.00
N SER E 254 24.61 -28.76 11.42
CA SER E 254 24.90 -28.65 12.86
C SER E 254 24.15 -27.47 13.48
N PHE E 255 24.09 -26.34 12.78
CA PHE E 255 23.38 -25.18 13.30
C PHE E 255 21.88 -25.44 13.37
N ASN E 256 21.33 -26.20 12.42
CA ASN E 256 19.91 -26.53 12.45
C ASN E 256 19.59 -27.55 13.53
N ALA E 257 20.52 -28.47 13.80
CA ALA E 257 20.27 -29.48 14.83
C ALA E 257 20.49 -28.92 16.23
N ALA E 258 21.37 -27.94 16.39
CA ALA E 258 21.64 -27.34 17.70
C ALA E 258 20.54 -26.37 18.08
N SER E 259 20.79 -25.08 17.93
CA SER E 259 19.82 -24.06 18.28
C SER E 259 18.74 -23.96 17.18
N ASN E 260 17.67 -23.25 17.50
CA ASN E 260 16.57 -23.05 16.58
C ASN E 260 16.48 -21.63 16.02
N SER E 261 17.06 -20.64 16.70
CA SER E 261 17.01 -19.27 16.22
C SER E 261 18.01 -19.07 15.08
N ARG E 262 17.53 -18.43 14.01
CA ARG E 262 18.37 -18.16 12.84
C ARG E 262 18.72 -16.70 12.67
N SER E 263 18.38 -15.85 13.63
CA SER E 263 18.70 -14.42 13.52
C SER E 263 20.20 -14.19 13.53
N GLN E 264 20.92 -14.86 14.42
CA GLN E 264 22.38 -14.71 14.47
C GLN E 264 23.03 -15.22 13.19
N ILE E 265 22.54 -16.35 12.66
CA ILE E 265 23.09 -16.88 11.42
C ILE E 265 22.83 -15.93 10.26
N LYS E 266 21.63 -15.36 10.20
CA LYS E 266 21.32 -14.41 9.15
C LYS E 266 22.17 -13.15 9.26
N ALA E 267 22.39 -12.67 10.48
CA ALA E 267 23.24 -11.49 10.67
C ALA E 267 24.68 -11.79 10.25
N ALA E 268 25.19 -12.98 10.61
CA ALA E 268 26.54 -13.34 10.21
C ALA E 268 26.66 -13.47 8.69
N LEU E 269 25.65 -14.04 8.05
CA LEU E 269 25.67 -14.17 6.59
C LEU E 269 25.63 -12.79 5.93
N ASP E 270 24.81 -11.88 6.46
CA ASP E 270 24.75 -10.53 5.91
C ASP E 270 26.07 -9.79 6.09
N ASN E 271 26.70 -9.95 7.26
CA ASN E 271 27.99 -9.32 7.49
C ASN E 271 29.06 -9.88 6.55
N ALA E 272 29.05 -11.20 6.34
CA ALA E 272 30.02 -11.79 5.42
C ALA E 272 29.79 -11.31 4.00
N GLY E 273 28.53 -11.21 3.57
CA GLY E 273 28.23 -10.71 2.24
C GLY E 273 28.64 -9.26 2.07
N LYS E 274 28.42 -8.44 3.10
CA LYS E 274 28.82 -7.04 3.03
C LYS E 274 30.35 -6.91 2.98
N ILE E 275 31.06 -7.74 3.75
CA ILE E 275 32.52 -7.68 3.73
C ILE E 275 33.06 -8.18 2.40
N MET E 276 32.38 -9.13 1.77
CA MET E 276 32.82 -9.62 0.46
C MET E 276 32.53 -8.63 -0.65
N SER E 277 31.41 -7.90 -0.55
CA SER E 277 31.03 -6.92 -1.55
C SER E 277 31.79 -5.60 -1.45
N LEU E 278 32.08 -5.15 -0.22
CA LEU E 278 32.79 -3.88 -0.02
C LEU E 278 34.16 -4.21 0.57
N THR E 279 35.22 -3.87 -0.15
CA THR E 279 36.58 -4.13 0.31
C THR E 279 37.58 -3.30 -0.50
N LYS E 280 37.36 -3.18 -1.80
CA LYS E 280 38.24 -2.41 -2.66
C LYS E 280 37.50 -1.89 -3.88
N THR E 281 38.18 -1.81 -5.02
CA THR E 281 37.59 -1.34 -6.26
C THR E 281 37.19 -2.51 -7.15
N ALA E 282 36.54 -2.19 -8.26
CA ALA E 282 36.09 -3.21 -9.21
C ALA E 282 37.29 -3.73 -10.00
N PRO E 283 38.29 -2.89 -10.27
CA PRO E 283 39.46 -3.37 -11.03
C PRO E 283 40.51 -4.04 -10.17
N ASP E 284 40.43 -3.93 -8.84
CA ASP E 284 41.43 -4.56 -7.98
C ASP E 284 41.22 -6.06 -7.87
N TYR E 285 39.99 -6.54 -8.08
CA TYR E 285 39.68 -7.96 -7.99
C TYR E 285 39.91 -8.71 -9.31
N LEU E 286 40.26 -8.00 -10.37
CA LEU E 286 40.51 -8.62 -11.67
C LEU E 286 41.98 -8.72 -12.02
N VAL E 287 42.88 -8.31 -11.13
CA VAL E 287 44.32 -8.36 -11.36
C VAL E 287 44.87 -9.56 -10.61
N GLY E 288 45.39 -10.54 -11.35
CA GLY E 288 45.96 -11.73 -10.76
C GLY E 288 47.47 -11.64 -10.59
N GLN E 289 48.03 -12.75 -10.10
CA GLN E 289 49.46 -12.83 -9.88
C GLN E 289 50.25 -13.07 -11.17
N GLN E 290 49.60 -13.56 -12.22
CA GLN E 290 50.30 -13.81 -13.47
C GLN E 290 50.48 -12.50 -14.23
N PRO E 291 51.65 -12.28 -14.84
CA PRO E 291 51.86 -11.03 -15.59
C PRO E 291 51.31 -11.11 -17.00
N VAL E 292 52.20 -10.97 -17.99
CA VAL E 292 51.80 -11.02 -19.40
C VAL E 292 51.59 -12.48 -19.81
N GLU E 293 52.69 -13.20 -20.00
CA GLU E 293 52.62 -14.60 -20.40
C GLU E 293 52.30 -14.72 -21.88
N ASP E 294 51.02 -14.66 -22.23
CA ASP E 294 50.57 -14.77 -23.62
C ASP E 294 49.50 -13.73 -23.87
N ILE E 295 49.65 -12.95 -24.94
CA ILE E 295 48.68 -11.93 -25.27
C ILE E 295 47.43 -12.54 -25.90
N SER E 296 47.61 -13.29 -26.99
CA SER E 296 46.51 -13.93 -27.70
C SER E 296 46.18 -15.23 -26.97
N SER E 297 45.08 -15.23 -26.21
CA SER E 297 44.66 -16.41 -25.48
C SER E 297 43.17 -16.37 -25.18
N ASN E 298 42.50 -15.31 -25.64
CA ASN E 298 41.07 -15.13 -25.43
C ASN E 298 40.37 -14.89 -26.77
N ARG E 299 39.04 -14.97 -26.75
CA ARG E 299 38.25 -14.76 -27.95
C ARG E 299 38.10 -13.29 -28.32
N ILE E 300 38.37 -12.38 -27.38
CA ILE E 300 38.24 -10.96 -27.68
C ILE E 300 39.27 -10.52 -28.72
N TYR E 301 40.50 -11.00 -28.59
CA TYR E 301 41.53 -10.65 -29.57
C TYR E 301 41.19 -11.20 -30.95
N LYS E 302 40.68 -12.44 -31.00
CA LYS E 302 40.29 -13.02 -32.28
C LYS E 302 39.13 -12.25 -32.90
N ILE E 303 38.16 -11.83 -32.09
CA ILE E 303 37.03 -11.06 -32.61
C ILE E 303 37.50 -9.71 -33.12
N LEU E 304 38.43 -9.07 -32.40
CA LEU E 304 38.94 -7.78 -32.85
C LEU E 304 39.77 -7.91 -34.13
N GLU E 305 40.49 -9.02 -34.28
CA GLU E 305 41.27 -9.24 -35.50
C GLU E 305 40.36 -9.57 -36.68
N LEU E 306 39.26 -10.27 -36.43
CA LEU E 306 38.33 -10.60 -37.51
C LEU E 306 37.49 -9.40 -37.92
N ASN E 307 37.11 -8.54 -36.97
CA ASN E 307 36.32 -7.37 -37.31
C ASN E 307 37.17 -6.25 -37.89
N GLY E 308 38.39 -6.10 -37.38
CA GLY E 308 39.28 -5.05 -37.87
C GLY E 308 39.50 -3.95 -36.86
N TYR E 309 40.18 -4.26 -35.76
CA TYR E 309 40.47 -3.28 -34.72
C TYR E 309 41.80 -3.64 -34.06
N ASP E 310 42.19 -2.81 -33.10
CA ASP E 310 43.45 -3.05 -32.39
C ASP E 310 43.18 -3.61 -31.00
N PRO E 311 44.01 -4.54 -30.54
CA PRO E 311 43.78 -5.11 -29.20
C PRO E 311 44.30 -4.22 -28.09
N GLN E 312 45.39 -3.49 -28.36
CA GLN E 312 45.96 -2.61 -27.35
C GLN E 312 45.01 -1.45 -27.02
N TYR E 313 44.38 -0.88 -28.04
CA TYR E 313 43.43 0.21 -27.81
C TYR E 313 42.22 -0.27 -27.02
N ALA E 314 41.72 -1.47 -27.35
CA ALA E 314 40.59 -2.02 -26.62
C ALA E 314 40.96 -2.31 -25.17
N ALA E 315 42.16 -2.84 -24.94
CA ALA E 315 42.60 -3.10 -23.57
C ALA E 315 42.76 -1.80 -22.78
N SER E 316 43.29 -0.76 -23.42
CA SER E 316 43.42 0.53 -22.75
C SER E 316 42.06 1.13 -22.42
N VAL E 317 41.10 1.01 -23.35
CA VAL E 317 39.76 1.52 -23.10
C VAL E 317 39.09 0.76 -21.96
N PHE E 318 39.29 -0.56 -21.92
CA PHE E 318 38.71 -1.35 -20.84
C PHE E 318 39.34 -0.99 -19.50
N LEU E 319 40.66 -0.79 -19.47
CA LEU E 319 41.33 -0.40 -18.23
C LEU E 319 40.90 0.98 -17.77
N GLY E 320 40.65 1.90 -18.71
CA GLY E 320 40.19 3.22 -18.34
C GLY E 320 38.74 3.23 -17.87
N TRP E 321 37.91 2.36 -18.44
CA TRP E 321 36.51 2.30 -18.02
C TRP E 321 36.33 1.55 -16.71
N ALA E 322 37.16 0.54 -16.45
CA ALA E 322 37.04 -0.21 -15.20
C ALA E 322 37.66 0.53 -14.02
N THR E 323 38.65 1.39 -14.27
CA THR E 323 39.29 2.14 -13.21
C THR E 323 38.73 3.54 -13.03
N LYS E 324 38.00 4.05 -14.02
CA LYS E 324 37.42 5.39 -13.95
C LYS E 324 38.47 6.45 -14.23
N LYS E 325 39.38 6.15 -15.17
CA LYS E 325 40.43 7.12 -15.51
C LYS E 325 39.92 8.22 -16.41
N PHE E 326 38.88 7.95 -17.21
CA PHE E 326 38.35 8.97 -18.11
C PHE E 326 37.44 9.95 -17.36
N GLY E 327 36.67 9.46 -16.40
CA GLY E 327 35.78 10.32 -15.64
C GLY E 327 34.35 10.25 -16.11
N LYS E 328 34.15 10.30 -17.43
CA LYS E 328 32.82 10.24 -18.03
C LYS E 328 32.51 8.91 -18.70
N ARG E 329 33.48 8.33 -19.40
CA ARG E 329 33.29 7.05 -20.08
C ARG E 329 33.41 5.93 -19.05
N ASN E 330 32.28 5.53 -18.48
CA ASN E 330 32.25 4.48 -17.47
C ASN E 330 31.11 3.50 -17.72
N THR E 331 30.71 3.33 -18.97
CA THR E 331 29.63 2.41 -19.33
C THR E 331 29.88 1.89 -20.72
N ILE E 332 29.75 0.58 -20.89
CA ILE E 332 29.96 -0.09 -22.18
C ILE E 332 28.59 -0.41 -22.76
N TRP E 333 28.32 0.11 -23.96
CA TRP E 333 27.07 -0.10 -24.65
C TRP E 333 27.30 -0.95 -25.89
N LEU E 334 26.42 -1.91 -26.12
CA LEU E 334 26.50 -2.81 -27.27
C LEU E 334 25.34 -2.54 -28.23
N PHE E 335 25.55 -2.94 -29.48
CA PHE E 335 24.55 -2.74 -30.52
C PHE E 335 24.69 -3.85 -31.55
N GLY E 336 23.56 -4.29 -32.09
CA GLY E 336 23.55 -5.34 -33.08
C GLY E 336 22.62 -6.48 -32.71
N PRO E 337 22.48 -7.46 -33.60
CA PRO E 337 21.62 -8.60 -33.33
C PRO E 337 22.29 -9.60 -32.39
N ALA E 338 21.52 -10.61 -32.00
CA ALA E 338 22.04 -11.64 -31.10
C ALA E 338 22.96 -12.61 -31.80
N THR E 339 22.87 -12.72 -33.14
CA THR E 339 23.71 -13.63 -33.91
C THR E 339 24.96 -12.95 -34.46
N THR E 340 25.53 -11.99 -33.74
CA THR E 340 26.73 -11.28 -34.16
C THR E 340 27.90 -11.42 -33.22
N GLY E 341 27.67 -11.41 -31.90
CA GLY E 341 28.75 -11.53 -30.95
C GLY E 341 28.67 -10.51 -29.83
N LYS E 342 27.74 -10.70 -28.90
CA LYS E 342 27.57 -9.79 -27.78
C LYS E 342 26.95 -10.51 -26.59
N THR E 343 25.97 -11.38 -26.85
CA THR E 343 25.31 -12.11 -25.77
C THR E 343 26.29 -13.05 -25.07
N ASN E 344 27.12 -13.75 -25.83
CA ASN E 344 28.11 -14.65 -25.23
C ASN E 344 29.13 -13.88 -24.40
N ILE E 345 29.58 -12.72 -24.91
CA ILE E 345 30.52 -11.90 -24.16
C ILE E 345 29.90 -11.39 -22.88
N ALA E 346 28.63 -10.97 -22.94
CA ALA E 346 27.95 -10.50 -21.74
C ALA E 346 27.79 -11.62 -20.72
N GLU E 347 27.44 -12.83 -21.19
CA GLU E 347 27.30 -13.96 -20.29
C GLU E 347 28.63 -14.32 -19.65
N ALA E 348 29.72 -14.27 -20.43
CA ALA E 348 31.04 -14.55 -19.87
C ALA E 348 31.45 -13.51 -18.85
N ILE E 349 31.16 -12.23 -19.12
CA ILE E 349 31.50 -11.18 -18.17
C ILE E 349 30.67 -11.29 -16.91
N ALA E 350 29.42 -11.74 -17.02
CA ALA E 350 28.58 -11.92 -15.84
C ALA E 350 29.00 -13.13 -15.03
N HIS E 351 29.45 -14.20 -15.69
CA HIS E 351 29.87 -15.40 -14.99
C HIS E 351 31.28 -15.29 -14.42
N THR E 352 32.11 -14.38 -14.95
CA THR E 352 33.47 -14.22 -14.44
C THR E 352 33.50 -13.61 -13.05
N VAL E 353 32.45 -12.89 -12.66
CA VAL E 353 32.40 -12.27 -11.33
C VAL E 353 31.21 -12.87 -10.56
N PRO E 354 31.43 -13.36 -9.34
CA PRO E 354 30.32 -13.94 -8.58
C PRO E 354 29.40 -12.87 -7.99
N PHE E 355 29.97 -11.74 -7.59
CA PHE E 355 29.20 -10.63 -7.02
C PHE E 355 28.84 -9.63 -8.11
N TYR E 356 27.89 -10.04 -8.95
CA TYR E 356 27.42 -9.23 -10.06
C TYR E 356 25.93 -8.96 -9.91
N GLY E 357 25.47 -7.82 -10.44
CA GLY E 357 24.09 -7.43 -10.37
C GLY E 357 23.48 -7.31 -11.76
N CYS E 358 22.15 -7.24 -11.78
CA CYS E 358 21.41 -7.13 -13.04
C CYS E 358 20.11 -6.39 -12.75
N VAL E 359 19.89 -5.29 -13.46
CA VAL E 359 18.67 -4.49 -13.29
C VAL E 359 17.66 -5.00 -14.31
N ASN E 360 16.92 -6.04 -13.91
CA ASN E 360 15.91 -6.63 -14.78
C ASN E 360 14.66 -5.76 -14.78
N TRP E 361 14.17 -5.44 -15.98
CA TRP E 361 12.97 -4.61 -16.13
C TRP E 361 11.73 -5.51 -16.19
N THR E 362 11.40 -6.07 -15.03
CA THR E 362 10.24 -6.95 -14.94
C THR E 362 8.94 -6.17 -14.76
N ASN E 363 8.98 -5.04 -14.09
CA ASN E 363 7.80 -4.20 -13.87
C ASN E 363 8.10 -2.78 -14.31
N GLU E 364 7.03 -2.06 -14.69
CA GLU E 364 7.13 -0.68 -15.13
C GLU E 364 6.87 0.33 -14.02
N ASN E 365 7.14 -0.03 -12.76
CA ASN E 365 6.93 0.87 -11.65
C ASN E 365 8.19 0.99 -10.80
N PHE E 366 8.73 -0.15 -10.36
CA PHE E 366 9.93 -0.19 -9.53
C PHE E 366 10.87 -1.24 -10.11
N PRO E 367 11.57 -0.92 -11.21
CA PRO E 367 12.49 -1.90 -11.80
C PRO E 367 13.82 -1.96 -11.08
N PHE E 368 14.22 -0.85 -10.47
CA PHE E 368 15.49 -0.77 -9.75
C PHE E 368 15.30 -1.40 -8.37
N ASN E 369 15.89 -2.57 -8.17
CA ASN E 369 15.79 -3.27 -6.89
C ASN E 369 17.15 -3.72 -6.41
N ASP E 370 17.70 -4.78 -7.02
CA ASP E 370 19.00 -5.31 -6.65
C ASP E 370 20.08 -4.43 -7.29
N CYS E 371 20.44 -3.36 -6.59
CA CYS E 371 21.45 -2.43 -7.07
C CYS E 371 22.55 -2.14 -6.06
N VAL E 372 22.47 -2.68 -4.84
CA VAL E 372 23.47 -2.45 -3.82
C VAL E 372 24.15 -3.79 -3.50
N ASP E 373 25.42 -3.69 -3.08
CA ASP E 373 26.23 -4.85 -2.73
C ASP E 373 26.73 -5.62 -3.95
N LYS E 374 26.79 -4.97 -5.11
CA LYS E 374 27.25 -5.61 -6.33
C LYS E 374 28.24 -4.69 -7.03
N MET E 375 29.01 -5.28 -7.95
CA MET E 375 30.01 -4.55 -8.72
C MET E 375 29.62 -4.46 -10.19
N VAL E 376 29.59 -5.59 -10.90
CA VAL E 376 29.23 -5.61 -12.31
C VAL E 376 27.69 -5.55 -12.40
N ILE E 377 27.16 -4.39 -12.76
CA ILE E 377 25.72 -4.18 -12.88
C ILE E 377 25.34 -4.38 -14.34
N TRP E 378 24.47 -5.34 -14.60
CA TRP E 378 24.02 -5.63 -15.95
C TRP E 378 22.83 -4.75 -16.32
N TRP E 379 22.59 -4.62 -17.63
CA TRP E 379 21.50 -3.81 -18.13
C TRP E 379 21.03 -4.42 -19.46
N GLU E 380 19.73 -4.64 -19.58
CA GLU E 380 19.13 -5.20 -20.79
C GLU E 380 18.17 -4.19 -21.40
N GLU E 381 17.44 -4.63 -22.42
CA GLU E 381 16.48 -3.76 -23.10
C GLU E 381 15.18 -3.69 -22.30
N GLY E 382 14.33 -2.75 -22.70
CA GLY E 382 13.05 -2.54 -22.05
C GLY E 382 12.59 -1.10 -22.21
N LYS E 383 11.32 -0.89 -21.92
CA LYS E 383 10.70 0.45 -22.03
C LYS E 383 11.04 1.23 -20.77
N MET E 384 12.23 1.83 -20.78
CA MET E 384 12.72 2.62 -19.65
C MET E 384 12.08 4.00 -19.73
N THR E 385 11.05 4.23 -18.90
CA THR E 385 10.37 5.51 -18.88
C THR E 385 11.18 6.55 -18.13
N ALA E 386 10.77 7.81 -18.27
CA ALA E 386 11.45 8.93 -17.61
C ALA E 386 11.04 8.95 -16.15
N LYS E 387 11.97 8.59 -15.26
CA LYS E 387 11.69 8.58 -13.83
C LYS E 387 12.99 8.45 -13.03
N VAL E 388 13.76 7.40 -13.30
CA VAL E 388 15.02 7.16 -12.61
C VAL E 388 16.23 7.39 -13.51
N VAL E 389 16.02 7.99 -14.69
CA VAL E 389 17.13 8.23 -15.60
C VAL E 389 18.09 9.26 -15.02
N GLU E 390 17.55 10.29 -14.37
CA GLU E 390 18.41 11.31 -13.77
C GLU E 390 19.24 10.75 -12.63
N SER E 391 18.71 9.77 -11.89
CA SER E 391 19.47 9.14 -10.82
C SER E 391 20.47 8.12 -11.36
N ALA E 392 20.14 7.46 -12.47
CA ALA E 392 21.06 6.49 -13.06
C ALA E 392 22.22 7.18 -13.77
N LYS E 393 21.99 8.36 -14.35
CA LYS E 393 23.06 9.07 -15.03
C LYS E 393 24.12 9.56 -14.06
N ALA E 394 23.73 9.93 -12.83
CA ALA E 394 24.71 10.38 -11.85
C ALA E 394 25.50 9.22 -11.26
N ILE E 395 24.94 8.00 -11.31
CA ILE E 395 25.64 6.84 -10.79
C ILE E 395 26.49 6.14 -11.84
N LEU E 396 26.12 6.25 -13.12
CA LEU E 396 26.88 5.62 -14.19
C LEU E 396 28.17 6.37 -14.53
N GLY E 397 28.34 7.58 -14.03
CA GLY E 397 29.53 8.36 -14.30
C GLY E 397 30.49 8.41 -13.13
N GLY E 398 29.98 8.18 -11.93
CA GLY E 398 30.81 8.21 -10.73
C GLY E 398 30.31 9.20 -9.69
N SER E 399 29.46 8.72 -8.79
CA SER E 399 28.91 9.57 -7.73
C SER E 399 28.40 8.67 -6.61
N LYS E 400 27.94 9.29 -5.53
CA LYS E 400 27.41 8.58 -4.36
C LYS E 400 26.12 9.26 -3.94
N VAL E 401 24.98 8.59 -4.15
CA VAL E 401 23.68 9.11 -3.78
C VAL E 401 22.73 7.94 -3.55
N ARG E 402 21.59 8.23 -2.94
CA ARG E 402 20.57 7.24 -2.65
C ARG E 402 19.36 7.45 -3.54
N VAL E 403 18.73 6.34 -3.91
CA VAL E 403 17.54 6.35 -4.77
C VAL E 403 16.49 5.46 -4.12
N ASP E 404 15.31 6.03 -3.89
CA ASP E 404 14.19 5.32 -3.27
C ASP E 404 13.08 5.15 -4.30
N GLN E 405 12.56 3.93 -4.41
CA GLN E 405 11.49 3.62 -5.35
C GLN E 405 10.26 2.99 -4.71
N LYS E 406 10.32 2.57 -3.45
CA LYS E 406 9.18 1.95 -2.80
C LYS E 406 9.17 2.26 -1.31
N CYS E 407 9.11 1.23 -0.47
CA CYS E 407 9.10 1.42 0.98
C CYS E 407 10.51 1.58 1.51
N LYS E 408 11.08 0.50 2.04
CA LYS E 408 12.44 0.52 2.60
C LYS E 408 13.42 0.44 1.44
N SER E 409 14.01 1.60 1.08
CA SER E 409 14.96 1.63 -0.02
C SER E 409 16.08 2.64 0.19
N SER E 410 16.35 3.05 1.43
CA SER E 410 17.40 4.02 1.71
C SER E 410 18.74 3.30 1.71
N ALA E 411 19.50 3.46 0.63
CA ALA E 411 20.80 2.82 0.49
C ALA E 411 21.65 3.64 -0.45
N GLN E 412 22.90 3.88 -0.07
CA GLN E 412 23.81 4.66 -0.89
C GLN E 412 24.35 3.80 -2.04
N ILE E 413 24.41 4.40 -3.23
CA ILE E 413 24.88 3.72 -4.43
C ILE E 413 26.35 4.07 -4.61
N ASP E 414 27.21 3.06 -4.61
CA ASP E 414 28.64 3.28 -4.77
C ASP E 414 28.99 3.39 -6.25
N PRO E 415 30.15 3.99 -6.56
CA PRO E 415 30.55 4.14 -7.97
C PRO E 415 31.17 2.84 -8.48
N THR E 416 30.51 2.22 -9.45
CA THR E 416 30.96 0.97 -10.04
C THR E 416 30.63 1.00 -11.52
N PRO E 417 31.32 0.19 -12.32
CA PRO E 417 31.05 0.18 -13.77
C PRO E 417 29.83 -0.68 -14.09
N VAL E 418 28.97 -0.15 -14.96
CA VAL E 418 27.75 -0.83 -15.39
C VAL E 418 27.88 -1.15 -16.87
N ILE E 419 27.54 -2.38 -17.24
CA ILE E 419 27.60 -2.85 -18.61
C ILE E 419 26.19 -2.89 -19.18
N VAL E 420 26.02 -2.33 -20.38
CA VAL E 420 24.74 -2.28 -21.06
C VAL E 420 24.82 -3.18 -22.28
N THR E 421 23.95 -4.19 -22.35
CA THR E 421 23.91 -5.13 -23.46
C THR E 421 22.45 -5.28 -23.90
N SER E 422 22.16 -4.84 -25.13
CA SER E 422 20.82 -4.92 -25.67
C SER E 422 20.89 -5.17 -27.17
N ASN E 423 19.80 -5.70 -27.72
CA ASN E 423 19.73 -5.99 -29.15
C ASN E 423 19.33 -4.78 -29.97
N THR E 424 18.43 -3.95 -29.45
CA THR E 424 17.98 -2.76 -30.17
C THR E 424 18.82 -1.56 -29.72
N ASN E 425 18.34 -0.34 -29.98
CA ASN E 425 19.04 0.88 -29.62
C ASN E 425 18.54 1.35 -28.26
N MET E 426 19.45 1.47 -27.30
CA MET E 426 19.11 1.90 -25.95
C MET E 426 19.56 3.34 -25.67
N CYS E 427 20.03 4.05 -26.68
CA CYS E 427 20.48 5.42 -26.48
C CYS E 427 19.33 6.42 -26.38
N ALA E 428 18.16 6.07 -26.90
CA ALA E 428 16.99 6.94 -26.86
C ALA E 428 16.13 6.58 -25.67
N VAL E 429 15.72 7.59 -24.90
CA VAL E 429 14.89 7.37 -23.72
C VAL E 429 13.46 7.14 -24.16
N ILE E 430 12.86 6.05 -23.70
CA ILE E 430 11.49 5.72 -24.05
C ILE E 430 10.54 6.57 -23.21
N ASP E 431 9.45 7.03 -23.84
CA ASP E 431 8.46 7.86 -23.16
C ASP E 431 7.26 7.02 -22.75
N GLY E 432 7.53 5.98 -21.96
CA GLY E 432 6.49 5.09 -21.50
C GLY E 432 6.22 3.93 -22.44
N ASN E 433 5.73 4.23 -23.64
CA ASN E 433 5.44 3.20 -24.63
C ASN E 433 5.99 3.49 -26.01
N SER E 434 6.55 4.68 -26.26
CA SER E 434 7.11 5.04 -27.55
C SER E 434 8.56 5.47 -27.38
N THR E 435 9.36 5.24 -28.42
CA THR E 435 10.77 5.60 -28.42
C THR E 435 10.89 7.05 -28.84
N THR E 436 11.30 7.90 -27.91
CA THR E 436 11.47 9.33 -28.15
C THR E 436 12.93 9.73 -27.89
N PHE E 437 13.20 11.02 -27.99
CA PHE E 437 14.54 11.58 -27.77
C PHE E 437 14.42 12.74 -26.81
N GLU E 438 15.10 12.64 -25.67
CA GLU E 438 15.07 13.71 -24.67
C GLU E 438 16.40 13.80 -23.94
N HIS E 439 16.88 12.67 -23.42
CA HIS E 439 18.15 12.60 -22.69
C HIS E 439 19.13 11.66 -23.39
N GLN E 440 19.21 11.75 -24.71
CA GLN E 440 20.12 10.90 -25.46
C GLN E 440 21.55 11.41 -25.42
N GLN E 441 21.73 12.73 -25.30
CA GLN E 441 23.08 13.28 -25.25
C GLN E 441 23.88 12.82 -24.05
N PRO E 442 23.35 12.82 -22.82
CA PRO E 442 24.14 12.31 -21.70
C PRO E 442 24.43 10.83 -21.79
N LEU E 443 23.46 10.03 -22.27
CA LEU E 443 23.70 8.60 -22.43
C LEU E 443 24.75 8.32 -23.51
N GLN E 444 24.81 9.16 -24.54
CA GLN E 444 25.82 8.99 -25.58
C GLN E 444 27.19 9.49 -25.12
N ASP E 445 27.23 10.52 -24.28
CA ASP E 445 28.50 11.04 -23.78
C ASP E 445 29.10 10.14 -22.70
N ARG E 446 28.27 9.54 -21.86
CA ARG E 446 28.76 8.66 -20.80
C ARG E 446 28.96 7.23 -21.25
N MET E 447 28.12 6.74 -22.16
CA MET E 447 28.25 5.38 -22.66
C MET E 447 29.33 5.30 -23.73
N PHE E 448 29.70 4.06 -24.06
CA PHE E 448 30.73 3.80 -25.07
C PHE E 448 30.09 3.03 -26.22
N LYS E 449 30.40 3.46 -27.44
CA LYS E 449 29.86 2.83 -28.64
C LYS E 449 30.76 1.67 -29.04
N PHE E 450 30.16 0.50 -29.23
CA PHE E 450 30.87 -0.72 -29.63
C PHE E 450 30.10 -1.36 -30.78
N GLU E 451 30.45 -0.98 -32.00
CA GLU E 451 29.80 -1.49 -33.19
C GLU E 451 30.43 -2.83 -33.60
N LEU E 452 29.63 -3.66 -34.27
CA LEU E 452 30.08 -4.96 -34.73
C LEU E 452 29.59 -5.19 -36.15
N THR E 453 30.35 -5.97 -36.92
CA THR E 453 30.01 -6.27 -38.29
C THR E 453 30.14 -7.76 -38.57
N ARG E 454 30.97 -8.45 -37.80
CA ARG E 454 31.17 -9.88 -37.97
C ARG E 454 30.01 -10.66 -37.37
N ARG E 455 29.71 -11.80 -37.98
CA ARG E 455 28.63 -12.65 -37.54
C ARG E 455 29.14 -13.66 -36.51
N LEU E 456 28.20 -14.20 -35.73
CA LEU E 456 28.53 -15.17 -34.69
C LEU E 456 28.75 -16.54 -35.34
N ASP E 457 29.94 -17.10 -35.14
CA ASP E 457 30.26 -18.41 -35.71
C ASP E 457 29.76 -19.53 -34.82
N HIS E 458 30.67 -20.34 -34.29
CA HIS E 458 30.31 -21.45 -33.43
C HIS E 458 31.41 -21.65 -32.38
N ASP E 459 30.99 -22.10 -31.20
CA ASP E 459 31.92 -22.34 -30.10
C ASP E 459 32.38 -21.03 -29.44
N PHE E 460 31.46 -20.08 -29.31
CA PHE E 460 31.73 -18.79 -28.71
C PHE E 460 31.12 -18.76 -27.31
N GLY E 461 31.95 -18.52 -26.31
CA GLY E 461 31.51 -18.46 -24.93
C GLY E 461 32.27 -19.44 -24.05
N LYS E 462 32.04 -19.28 -22.74
CA LYS E 462 32.69 -20.14 -21.75
C LYS E 462 34.12 -19.68 -21.50
N VAL E 463 34.32 -18.38 -21.32
CA VAL E 463 35.65 -17.83 -21.08
C VAL E 463 36.00 -18.02 -19.61
N THR E 464 37.20 -18.52 -19.35
CA THR E 464 37.65 -18.75 -17.98
C THR E 464 38.10 -17.44 -17.35
N LYS E 465 38.25 -17.47 -16.01
CA LYS E 465 38.67 -16.30 -15.28
C LYS E 465 40.17 -16.04 -15.43
N GLN E 466 40.96 -17.08 -15.69
CA GLN E 466 42.40 -16.89 -15.84
C GLN E 466 42.73 -16.06 -17.06
N GLU E 467 42.05 -16.30 -18.18
CA GLU E 467 42.30 -15.51 -19.38
C GLU E 467 41.89 -14.06 -19.18
N VAL E 468 40.77 -13.83 -18.49
CA VAL E 468 40.33 -12.46 -18.22
C VAL E 468 41.32 -11.75 -17.32
N LYS E 469 41.83 -12.44 -16.30
CA LYS E 469 42.82 -11.85 -15.41
C LYS E 469 44.11 -11.53 -16.15
N ASP E 470 44.54 -12.43 -17.03
CA ASP E 470 45.75 -12.18 -17.82
C ASP E 470 45.56 -10.98 -18.75
N PHE E 471 44.39 -10.88 -19.38
CA PHE E 471 44.12 -9.75 -20.25
C PHE E 471 44.09 -8.44 -19.46
N PHE E 472 43.48 -8.45 -18.27
CA PHE E 472 43.45 -7.26 -17.44
C PHE E 472 44.86 -6.85 -17.00
N ARG E 473 45.69 -7.84 -16.64
CA ARG E 473 47.07 -7.53 -16.25
C ARG E 473 47.86 -6.97 -17.43
N TRP E 474 47.67 -7.53 -18.62
CA TRP E 474 48.38 -7.02 -19.79
C TRP E 474 47.90 -5.62 -20.17
N ALA E 475 46.61 -5.33 -19.97
CA ALA E 475 46.12 -3.98 -20.26
C ALA E 475 46.58 -2.97 -19.23
N LYS E 476 46.71 -3.39 -17.96
CA LYS E 476 47.18 -2.48 -16.92
C LYS E 476 48.68 -2.24 -16.99
N ASP E 477 49.45 -3.25 -17.38
CA ASP E 477 50.90 -3.08 -17.47
C ASP E 477 51.30 -2.39 -18.77
N HIS E 478 50.65 -2.72 -19.88
CA HIS E 478 50.94 -2.14 -21.18
C HIS E 478 49.79 -1.20 -21.53
N VAL E 479 50.02 0.10 -21.38
CA VAL E 479 49.03 1.13 -21.67
C VAL E 479 49.56 2.01 -22.79
N VAL E 480 48.66 2.44 -23.66
CA VAL E 480 49.03 3.30 -24.79
C VAL E 480 48.56 4.72 -24.52
N GLU E 481 48.02 5.37 -25.54
CA GLU E 481 47.54 6.74 -25.40
C GLU E 481 46.17 6.75 -24.73
N VAL E 482 45.80 7.92 -24.22
CA VAL E 482 44.51 8.12 -23.54
C VAL E 482 43.58 8.83 -24.50
N GLU E 483 42.41 8.23 -24.75
CA GLU E 483 41.42 8.78 -25.64
C GLU E 483 40.11 9.01 -24.89
N HIS E 484 39.28 9.89 -25.44
CA HIS E 484 38.00 10.21 -24.83
C HIS E 484 37.03 10.54 -25.97
N GLU E 485 36.25 9.55 -26.40
CA GLU E 485 35.28 9.72 -27.47
C GLU E 485 34.21 8.66 -27.33
N PHE E 486 33.25 8.67 -28.26
CA PHE E 486 32.16 7.70 -28.24
C PHE E 486 32.48 6.45 -29.05
N TYR E 487 33.07 6.61 -30.23
CA TYR E 487 33.42 5.47 -31.06
C TYR E 487 34.76 4.88 -30.65
N VAL E 488 35.15 3.79 -31.31
CA VAL E 488 36.42 3.11 -31.04
C VAL E 488 37.30 3.25 -32.27
N LYS E 489 38.51 3.76 -32.07
CA LYS E 489 39.46 3.95 -33.15
C LYS E 489 40.31 2.69 -33.34
N LYS E 490 40.85 2.56 -34.55
CA LYS E 490 41.67 1.41 -34.92
C LYS E 490 43.16 1.72 -34.83
N GLY E 491 43.55 2.73 -34.04
CA GLY E 491 44.95 3.06 -33.91
C GLY E 491 45.66 2.21 -32.88
N GLY E 492 46.94 1.97 -33.11
CA GLY E 492 47.76 1.17 -32.23
C GLY E 492 48.36 -0.05 -32.90
N LYS F 221 17.82 -33.83 26.51
CA LYS F 221 16.45 -34.27 26.32
C LYS F 221 15.89 -33.77 24.99
N THR F 222 15.90 -32.46 24.81
CA THR F 222 15.38 -31.87 23.58
C THR F 222 16.38 -32.01 22.43
N SER F 223 17.68 -31.87 22.73
CA SER F 223 18.69 -31.99 21.68
C SER F 223 18.74 -33.40 21.11
N ALA F 224 18.66 -34.41 21.98
CA ALA F 224 18.67 -35.80 21.51
C ALA F 224 17.43 -36.10 20.67
N ARG F 225 16.27 -35.60 21.09
CA ARG F 225 15.05 -35.81 20.31
C ARG F 225 15.13 -35.12 18.96
N TYR F 226 15.68 -33.90 18.92
CA TYR F 226 15.84 -33.19 17.66
C TYR F 226 16.81 -33.92 16.73
N MET F 227 17.90 -34.44 17.29
CA MET F 227 18.86 -35.19 16.47
C MET F 227 18.23 -36.47 15.93
N GLU F 228 17.45 -37.16 16.76
CA GLU F 228 16.77 -38.38 16.30
C GLU F 228 15.76 -38.07 15.20
N LEU F 229 15.02 -36.96 15.36
CA LEU F 229 14.06 -36.57 14.32
C LEU F 229 14.76 -36.21 13.03
N VAL F 230 15.89 -35.49 13.12
CA VAL F 230 16.64 -35.13 11.92
C VAL F 230 17.19 -36.38 11.23
N GLY F 231 17.68 -37.35 12.02
CA GLY F 231 18.17 -38.59 11.43
C GLY F 231 17.07 -39.39 10.77
N TRP F 232 15.88 -39.45 11.40
CA TRP F 232 14.77 -40.17 10.80
C TRP F 232 14.27 -39.48 9.55
N LEU F 233 14.31 -38.15 9.50
CA LEU F 233 13.90 -37.44 8.30
C LEU F 233 14.93 -37.56 7.18
N VAL F 234 16.21 -37.66 7.52
CA VAL F 234 17.24 -37.80 6.49
C VAL F 234 17.30 -39.22 5.96
N ASP F 235 17.06 -40.22 6.80
CA ASP F 235 17.08 -41.62 6.40
C ASP F 235 15.72 -42.14 5.95
N LYS F 236 14.94 -41.32 5.25
CA LYS F 236 13.63 -41.73 4.78
C LYS F 236 13.33 -41.12 3.41
N GLY F 237 13.84 -39.92 3.16
CA GLY F 237 13.62 -39.24 1.90
C GLY F 237 12.24 -38.64 1.79
N ILE F 238 12.13 -37.35 2.07
CA ILE F 238 10.86 -36.62 2.01
C ILE F 238 10.90 -35.72 0.79
N THR F 239 10.05 -36.02 -0.19
CA THR F 239 9.98 -35.24 -1.43
C THR F 239 8.65 -34.54 -1.64
N SER F 240 7.56 -35.09 -1.11
CA SER F 240 6.23 -34.49 -1.26
C SER F 240 5.46 -34.65 0.03
N GLU F 241 4.30 -33.99 0.11
CA GLU F 241 3.47 -34.08 1.30
C GLU F 241 2.59 -35.32 1.28
N LYS F 242 1.93 -35.59 0.15
CA LYS F 242 1.07 -36.77 0.07
C LYS F 242 1.86 -38.06 0.18
N GLN F 243 3.01 -38.12 -0.50
CA GLN F 243 3.85 -39.33 -0.42
C GLN F 243 4.39 -39.51 0.99
N TRP F 244 4.80 -38.42 1.64
CA TRP F 244 5.32 -38.53 3.01
C TRP F 244 4.22 -38.93 3.99
N ILE F 245 2.99 -38.50 3.74
CA ILE F 245 1.89 -38.89 4.63
C ILE F 245 1.46 -40.33 4.38
N GLN F 246 1.55 -40.80 3.14
CA GLN F 246 1.17 -42.18 2.84
C GLN F 246 2.24 -43.18 3.24
N GLU F 247 3.51 -42.78 3.21
CA GLU F 247 4.59 -43.69 3.59
C GLU F 247 4.76 -43.75 5.09
N ASP F 248 5.24 -42.66 5.69
CA ASP F 248 5.45 -42.62 7.13
C ASP F 248 4.12 -42.47 7.86
N GLN F 249 4.05 -43.04 9.07
CA GLN F 249 2.83 -42.97 9.88
C GLN F 249 3.07 -42.65 11.34
N ALA F 250 4.22 -42.99 11.92
CA ALA F 250 4.50 -42.70 13.31
C ALA F 250 5.16 -41.35 13.54
N SER F 251 5.56 -40.65 12.46
CA SER F 251 6.19 -39.34 12.62
C SER F 251 5.23 -38.32 13.21
N TYR F 252 3.97 -38.32 12.74
CA TYR F 252 2.99 -37.40 13.28
C TYR F 252 2.69 -37.69 14.74
N ILE F 253 2.59 -38.97 15.10
CA ILE F 253 2.34 -39.33 16.50
C ILE F 253 3.51 -38.91 17.38
N SER F 254 4.73 -39.11 16.88
CA SER F 254 5.92 -38.70 17.64
C SER F 254 5.97 -37.19 17.82
N PHE F 255 5.64 -36.44 16.77
CA PHE F 255 5.64 -34.98 16.87
C PHE F 255 4.54 -34.48 17.79
N ASN F 256 3.39 -35.18 17.83
CA ASN F 256 2.32 -34.77 18.74
C ASN F 256 2.63 -35.13 20.18
N ALA F 257 3.35 -36.23 20.41
CA ALA F 257 3.70 -36.63 21.76
C ALA F 257 4.89 -35.85 22.31
N ALA F 258 5.79 -35.38 21.44
CA ALA F 258 6.96 -34.64 21.88
C ALA F 258 6.63 -33.16 22.04
N SER F 259 7.49 -32.29 21.52
CA SER F 259 7.28 -30.85 21.61
C SER F 259 6.39 -30.35 20.50
N ASN F 260 6.74 -29.19 19.92
CA ASN F 260 5.96 -28.57 18.85
C ASN F 260 6.92 -27.78 17.95
N SER F 261 7.84 -28.50 17.30
CA SER F 261 8.79 -27.89 16.39
C SER F 261 8.11 -27.53 15.07
N ARG F 262 8.72 -26.59 14.36
CA ARG F 262 8.18 -26.14 13.08
C ARG F 262 9.26 -25.49 12.22
N SER F 263 9.91 -24.46 12.75
CA SER F 263 10.93 -23.74 11.97
C SER F 263 12.12 -24.63 11.66
N GLN F 264 12.63 -25.34 12.67
CA GLN F 264 13.78 -26.21 12.46
C GLN F 264 13.43 -27.37 11.51
N ILE F 265 12.23 -27.93 11.66
CA ILE F 265 11.81 -29.03 10.78
C ILE F 265 11.69 -28.53 9.34
N LYS F 266 11.11 -27.34 9.15
CA LYS F 266 10.99 -26.78 7.81
C LYS F 266 12.36 -26.48 7.21
N ALA F 267 13.29 -25.95 8.01
CA ALA F 267 14.63 -25.69 7.51
C ALA F 267 15.34 -26.98 7.12
N ALA F 268 15.20 -28.03 7.93
CA ALA F 268 15.82 -29.31 7.60
C ALA F 268 15.21 -29.90 6.34
N LEU F 269 13.89 -29.79 6.18
CA LEU F 269 13.24 -30.30 4.97
C LEU F 269 13.69 -29.53 3.74
N ASP F 270 13.81 -28.21 3.85
CA ASP F 270 14.28 -27.41 2.73
C ASP F 270 15.73 -27.75 2.37
N ASN F 271 16.58 -27.95 3.38
CA ASN F 271 17.96 -28.33 3.12
C ASN F 271 18.04 -29.69 2.44
N ALA F 272 17.24 -30.65 2.91
CA ALA F 272 17.23 -31.98 2.28
C ALA F 272 16.74 -31.90 0.84
N GLY F 273 15.69 -31.11 0.59
CA GLY F 273 15.21 -30.95 -0.77
C GLY F 273 16.23 -30.30 -1.68
N LYS F 274 16.93 -29.28 -1.18
CA LYS F 274 17.96 -28.63 -1.98
C LYS F 274 19.12 -29.58 -2.26
N ILE F 275 19.52 -30.39 -1.28
CA ILE F 275 20.59 -31.34 -1.49
C ILE F 275 20.18 -32.43 -2.47
N MET F 276 18.91 -32.83 -2.45
CA MET F 276 18.43 -33.84 -3.39
C MET F 276 18.28 -33.30 -4.80
N SER F 277 17.92 -32.01 -4.93
CA SER F 277 17.75 -31.41 -6.25
C SER F 277 19.10 -30.97 -6.83
N LEU F 278 19.68 -29.93 -6.26
CA LEU F 278 20.96 -29.41 -6.74
C LEU F 278 22.09 -30.21 -6.10
N THR F 279 22.48 -31.29 -6.78
CA THR F 279 23.55 -32.15 -6.29
C THR F 279 23.99 -33.13 -7.36
N LYS F 280 23.02 -33.70 -8.09
CA LYS F 280 23.34 -34.65 -9.15
C LYS F 280 22.86 -34.14 -10.50
N THR F 281 22.53 -35.05 -11.41
CA THR F 281 22.07 -34.70 -12.74
C THR F 281 20.68 -35.30 -12.98
N ALA F 282 19.96 -34.72 -13.94
CA ALA F 282 18.63 -35.18 -14.28
C ALA F 282 18.72 -36.41 -15.16
N PRO F 283 19.83 -36.59 -15.89
CA PRO F 283 19.95 -37.77 -16.76
C PRO F 283 20.34 -39.04 -16.03
N ASP F 284 20.79 -38.96 -14.77
CA ASP F 284 21.18 -40.14 -14.02
C ASP F 284 19.98 -40.91 -13.49
N TYR F 285 18.81 -40.27 -13.37
CA TYR F 285 17.62 -40.93 -12.87
C TYR F 285 16.79 -41.60 -13.96
N LEU F 286 17.24 -41.54 -15.22
CA LEU F 286 16.53 -42.14 -16.34
C LEU F 286 17.26 -43.34 -16.93
N VAL F 287 18.34 -43.78 -16.29
CA VAL F 287 19.11 -44.93 -16.79
C VAL F 287 18.39 -46.22 -16.40
N GLY F 288 18.46 -47.21 -17.29
CA GLY F 288 17.83 -48.49 -17.05
C GLY F 288 18.84 -49.57 -16.70
N GLN F 289 18.30 -50.76 -16.43
CA GLN F 289 19.11 -51.92 -16.07
C GLN F 289 19.29 -52.90 -17.21
N GLN F 290 18.45 -52.83 -18.25
CA GLN F 290 18.56 -53.73 -19.39
C GLN F 290 18.12 -52.95 -20.62
N PRO F 291 18.86 -53.03 -21.72
CA PRO F 291 18.48 -52.29 -22.92
C PRO F 291 17.37 -53.00 -23.69
N VAL F 292 16.56 -52.21 -24.38
CA VAL F 292 15.45 -52.74 -25.16
C VAL F 292 15.98 -53.31 -26.47
N GLU F 293 15.31 -54.36 -26.95
CA GLU F 293 15.69 -55.02 -28.20
C GLU F 293 14.61 -55.00 -29.26
N ASP F 294 13.34 -55.05 -28.87
CA ASP F 294 12.23 -55.04 -29.81
C ASP F 294 11.83 -53.60 -30.10
N ILE F 295 11.95 -53.18 -31.37
CA ILE F 295 11.59 -51.82 -31.74
C ILE F 295 10.09 -51.64 -31.92
N SER F 296 9.34 -52.73 -32.08
CA SER F 296 7.90 -52.67 -32.26
C SER F 296 7.12 -52.86 -30.95
N SER F 297 7.79 -52.73 -29.81
CA SER F 297 7.15 -52.89 -28.52
C SER F 297 6.94 -51.58 -27.77
N ASN F 298 7.84 -50.61 -27.91
CA ASN F 298 7.71 -49.34 -27.24
C ASN F 298 6.80 -48.40 -28.03
N ARG F 299 6.07 -47.55 -27.31
CA ARG F 299 5.18 -46.61 -27.95
C ARG F 299 5.92 -45.42 -28.56
N ILE F 300 7.03 -45.00 -27.95
CA ILE F 300 7.78 -43.88 -28.49
C ILE F 300 8.40 -44.23 -29.84
N TYR F 301 8.93 -45.44 -29.97
CA TYR F 301 9.51 -45.85 -31.25
C TYR F 301 8.43 -45.95 -32.33
N LYS F 302 7.26 -46.47 -31.97
CA LYS F 302 6.17 -46.56 -32.94
C LYS F 302 5.71 -45.16 -33.36
N ILE F 303 5.62 -44.23 -32.42
CA ILE F 303 5.21 -42.87 -32.75
C ILE F 303 6.25 -42.19 -33.64
N LEU F 304 7.53 -42.41 -33.36
CA LEU F 304 8.58 -41.83 -34.19
C LEU F 304 8.60 -42.44 -35.59
N GLU F 305 8.28 -43.73 -35.71
CA GLU F 305 8.23 -44.36 -37.02
C GLU F 305 7.00 -43.92 -37.81
N LEU F 306 5.88 -43.68 -37.13
CA LEU F 306 4.66 -43.24 -37.81
C LEU F 306 4.72 -41.77 -38.18
N ASN F 307 5.45 -40.96 -37.41
CA ASN F 307 5.54 -39.53 -37.71
C ASN F 307 6.42 -39.25 -38.92
N GLY F 308 7.33 -40.15 -39.26
CA GLY F 308 8.20 -39.96 -40.41
C GLY F 308 9.50 -39.25 -40.05
N TYR F 309 10.22 -39.78 -39.07
CA TYR F 309 11.48 -39.20 -38.64
C TYR F 309 12.43 -40.32 -38.23
N ASP F 310 13.70 -39.96 -38.07
CA ASP F 310 14.71 -40.93 -37.69
C ASP F 310 14.62 -41.20 -36.19
N PRO F 311 14.55 -42.47 -35.77
CA PRO F 311 14.46 -42.75 -34.32
C PRO F 311 15.81 -42.64 -33.62
N GLN F 312 16.85 -43.18 -34.25
CA GLN F 312 18.18 -43.12 -33.65
C GLN F 312 18.69 -41.68 -33.57
N TYR F 313 18.48 -40.90 -34.62
CA TYR F 313 18.91 -39.50 -34.60
C TYR F 313 18.14 -38.71 -33.55
N ALA F 314 16.84 -38.96 -33.42
CA ALA F 314 16.06 -38.26 -32.40
C ALA F 314 16.51 -38.65 -31.00
N ALA F 315 16.80 -39.94 -30.79
CA ALA F 315 17.28 -40.38 -29.49
C ALA F 315 18.64 -39.76 -29.16
N SER F 316 19.53 -39.68 -30.15
CA SER F 316 20.82 -39.05 -29.93
C SER F 316 20.68 -37.57 -29.62
N VAL F 317 19.78 -36.88 -30.32
CA VAL F 317 19.56 -35.46 -30.07
C VAL F 317 18.99 -35.25 -28.66
N PHE F 318 18.07 -36.12 -28.25
CA PHE F 318 17.50 -36.02 -26.91
C PHE F 318 18.56 -36.28 -25.84
N LEU F 319 19.42 -37.27 -26.07
CA LEU F 319 20.48 -37.56 -25.10
C LEU F 319 21.49 -36.42 -25.02
N GLY F 320 21.77 -35.77 -26.15
CA GLY F 320 22.68 -34.64 -26.15
C GLY F 320 22.09 -33.40 -25.51
N TRP F 321 20.78 -33.20 -25.67
CA TRP F 321 20.13 -32.04 -25.07
C TRP F 321 19.89 -32.22 -23.58
N ALA F 322 19.62 -33.45 -23.14
CA ALA F 322 19.38 -33.71 -21.72
C ALA F 322 20.66 -33.71 -20.90
N THR F 323 21.82 -33.93 -21.53
CA THR F 323 23.09 -33.95 -20.80
C THR F 323 23.67 -32.55 -20.61
N LYS F 324 23.13 -31.54 -21.27
CA LYS F 324 23.61 -30.16 -21.17
C LYS F 324 24.91 -29.92 -21.93
N LYS F 325 25.20 -30.75 -22.93
CA LYS F 325 26.42 -30.62 -23.73
C LYS F 325 26.10 -30.49 -25.22
N PHE F 326 24.97 -29.87 -25.56
CA PHE F 326 24.57 -29.68 -26.94
C PHE F 326 25.05 -28.35 -27.50
N GLY F 327 24.85 -27.26 -26.76
CA GLY F 327 25.27 -25.95 -27.21
C GLY F 327 24.31 -24.85 -26.82
N LYS F 328 23.96 -23.99 -27.77
CA LYS F 328 23.04 -22.89 -27.51
C LYS F 328 21.58 -23.30 -27.58
N ARG F 329 21.28 -24.49 -28.09
CA ARG F 329 19.90 -24.98 -28.19
C ARG F 329 19.60 -25.94 -27.04
N ASN F 330 19.41 -25.35 -25.86
CA ASN F 330 19.11 -26.11 -24.66
C ASN F 330 17.63 -26.37 -24.46
N THR F 331 16.78 -25.88 -25.36
CA THR F 331 15.35 -26.07 -25.26
C THR F 331 14.82 -26.71 -26.54
N ILE F 332 13.82 -27.56 -26.39
CA ILE F 332 13.20 -28.26 -27.52
C ILE F 332 11.70 -28.00 -27.46
N TRP F 333 11.17 -27.33 -28.49
CA TRP F 333 9.76 -27.01 -28.57
C TRP F 333 9.14 -27.75 -29.75
N LEU F 334 7.97 -28.33 -29.53
CA LEU F 334 7.25 -29.07 -30.54
C LEU F 334 6.07 -28.26 -31.06
N PHE F 335 5.74 -28.47 -32.33
CA PHE F 335 4.63 -27.76 -32.98
C PHE F 335 3.90 -28.78 -33.86
N GLY F 336 2.78 -29.28 -33.37
CA GLY F 336 1.99 -30.25 -34.10
C GLY F 336 0.52 -29.88 -34.15
N PRO F 337 -0.34 -30.89 -34.25
CA PRO F 337 -1.79 -30.64 -34.30
C PRO F 337 -2.35 -30.54 -32.88
N ALA F 338 -3.68 -30.35 -32.82
CA ALA F 338 -4.36 -30.24 -31.54
C ALA F 338 -4.50 -31.60 -30.87
N THR F 339 -5.51 -32.37 -31.27
CA THR F 339 -5.75 -33.70 -30.72
C THR F 339 -4.81 -34.68 -31.40
N THR F 340 -3.60 -34.82 -30.85
CA THR F 340 -2.60 -35.72 -31.39
C THR F 340 -2.21 -36.81 -30.40
N GLY F 341 -1.62 -36.45 -29.26
CA GLY F 341 -1.22 -37.42 -28.27
C GLY F 341 0.07 -37.07 -27.56
N LYS F 342 0.66 -35.94 -27.94
CA LYS F 342 1.91 -35.51 -27.32
C LYS F 342 1.70 -34.93 -25.92
N THR F 343 0.48 -34.46 -25.62
CA THR F 343 0.22 -33.90 -24.29
C THR F 343 0.34 -34.95 -23.21
N ASN F 344 -0.20 -36.15 -23.45
CA ASN F 344 -0.09 -37.23 -22.48
C ASN F 344 1.35 -37.66 -22.27
N ILE F 345 2.14 -37.72 -23.35
CA ILE F 345 3.54 -38.08 -23.23
C ILE F 345 4.31 -37.02 -22.45
N ALA F 346 4.01 -35.74 -22.71
CA ALA F 346 4.67 -34.67 -21.97
C ALA F 346 4.30 -34.70 -20.49
N GLU F 347 3.03 -34.97 -20.18
CA GLU F 347 2.61 -35.07 -18.79
C GLU F 347 3.28 -36.25 -18.09
N ALA F 348 3.41 -37.38 -18.79
CA ALA F 348 4.08 -38.53 -18.20
C ALA F 348 5.56 -38.25 -17.97
N ILE F 349 6.21 -37.58 -18.92
CA ILE F 349 7.62 -37.26 -18.75
C ILE F 349 7.82 -36.24 -17.62
N ALA F 350 6.86 -35.35 -17.42
CA ALA F 350 6.97 -34.38 -16.33
C ALA F 350 6.70 -35.03 -14.97
N HIS F 351 5.77 -35.98 -14.92
CA HIS F 351 5.44 -36.64 -13.67
C HIS F 351 6.38 -37.79 -13.33
N THR F 352 7.21 -38.24 -14.28
CA THR F 352 8.14 -39.33 -14.00
C THR F 352 9.24 -38.90 -13.03
N VAL F 353 9.55 -37.61 -12.98
CA VAL F 353 10.57 -37.09 -12.07
C VAL F 353 9.92 -36.74 -10.74
N PRO F 354 10.69 -36.57 -9.68
CA PRO F 354 10.09 -36.22 -8.39
C PRO F 354 9.67 -34.76 -8.31
N PHE F 355 10.55 -33.86 -8.74
CA PHE F 355 10.28 -32.42 -8.73
C PHE F 355 9.98 -31.97 -10.16
N TYR F 356 8.87 -31.26 -10.32
CA TYR F 356 8.46 -30.76 -11.63
C TYR F 356 7.77 -29.41 -11.44
N GLY F 357 8.23 -28.41 -12.17
CA GLY F 357 7.64 -27.08 -12.09
C GLY F 357 7.10 -26.57 -13.40
N CYS F 358 5.81 -26.26 -13.44
CA CYS F 358 5.16 -25.77 -14.64
C CYS F 358 5.16 -24.24 -14.65
N VAL F 359 5.16 -23.68 -15.86
CA VAL F 359 5.16 -22.24 -16.04
C VAL F 359 3.73 -21.74 -16.18
N ASN F 360 3.00 -21.70 -15.07
CA ASN F 360 1.62 -21.25 -15.08
C ASN F 360 1.59 -19.72 -15.17
N TRP F 361 0.93 -19.21 -16.21
CA TRP F 361 0.83 -17.77 -16.43
C TRP F 361 -0.45 -17.22 -15.81
N THR F 362 -0.54 -17.35 -14.48
CA THR F 362 -1.70 -16.86 -13.74
C THR F 362 -1.64 -15.36 -13.54
N ASN F 363 -0.61 -14.88 -12.85
CA ASN F 363 -0.44 -13.45 -12.59
C ASN F 363 0.38 -12.84 -13.71
N GLU F 364 -0.22 -11.89 -14.43
CA GLU F 364 0.45 -11.23 -15.54
C GLU F 364 1.47 -10.19 -15.08
N ASN F 365 1.40 -9.74 -13.83
CA ASN F 365 2.35 -8.75 -13.33
C ASN F 365 3.71 -9.33 -13.03
N PHE F 366 3.81 -10.64 -12.82
CA PHE F 366 5.08 -11.29 -12.53
C PHE F 366 5.46 -12.24 -13.65
N PRO F 367 6.76 -12.38 -13.94
CA PRO F 367 7.18 -13.29 -15.02
C PRO F 367 7.26 -14.74 -14.55
N PHE F 368 8.47 -15.21 -14.29
CA PHE F 368 8.69 -16.58 -13.84
C PHE F 368 8.42 -16.65 -12.34
N ASN F 369 7.50 -17.53 -11.95
CA ASN F 369 7.14 -17.71 -10.54
C ASN F 369 7.41 -19.13 -10.06
N ASP F 370 6.76 -20.14 -10.65
CA ASP F 370 6.96 -21.53 -10.25
C ASP F 370 8.19 -22.07 -10.96
N CYS F 371 9.36 -21.78 -10.37
CA CYS F 371 10.61 -22.24 -10.95
C CYS F 371 11.68 -22.56 -9.92
N VAL F 372 11.36 -22.56 -8.62
CA VAL F 372 12.32 -22.87 -7.57
C VAL F 372 11.91 -24.16 -6.90
N ASP F 373 12.92 -24.96 -6.52
CA ASP F 373 12.72 -26.25 -5.87
C ASP F 373 12.35 -27.37 -6.83
N LYS F 374 12.56 -27.17 -8.13
CA LYS F 374 12.24 -28.18 -9.13
C LYS F 374 13.43 -28.32 -10.08
N MET F 375 13.16 -28.85 -11.27
CA MET F 375 14.21 -29.04 -12.27
C MET F 375 13.61 -29.07 -13.67
N VAL F 376 12.58 -29.87 -13.88
CA VAL F 376 11.93 -29.98 -15.18
C VAL F 376 10.98 -28.81 -15.34
N ILE F 377 11.24 -27.97 -16.34
CA ILE F 377 10.43 -26.80 -16.63
C ILE F 377 9.62 -27.09 -17.88
N TRP F 378 8.29 -27.02 -17.76
CA TRP F 378 7.37 -27.27 -18.86
C TRP F 378 6.47 -26.06 -19.07
N TRP F 379 6.31 -25.66 -20.31
CA TRP F 379 5.48 -24.52 -20.69
C TRP F 379 4.19 -25.02 -21.32
N GLU F 380 3.06 -24.53 -20.83
CA GLU F 380 1.75 -24.91 -21.34
C GLU F 380 1.08 -23.79 -22.11
N GLU F 381 0.79 -22.67 -21.45
CA GLU F 381 0.14 -21.54 -22.11
C GLU F 381 0.79 -20.22 -21.70
N GLY F 382 0.04 -19.13 -21.76
CA GLY F 382 0.57 -17.83 -21.40
C GLY F 382 1.20 -17.10 -22.56
N LYS F 383 0.73 -15.87 -22.83
CA LYS F 383 1.25 -15.07 -23.91
C LYS F 383 2.50 -14.35 -23.44
N MET F 384 3.65 -14.73 -23.97
CA MET F 384 4.92 -14.12 -23.58
C MET F 384 5.11 -12.82 -24.35
N THR F 385 5.54 -11.77 -23.64
CA THR F 385 5.76 -10.47 -24.25
C THR F 385 7.23 -10.33 -24.64
N ALA F 386 7.67 -9.09 -24.86
CA ALA F 386 9.07 -8.87 -25.24
C ALA F 386 10.00 -8.98 -24.04
N LYS F 387 9.58 -8.45 -22.88
CA LYS F 387 10.40 -8.52 -21.68
C LYS F 387 10.57 -9.96 -21.21
N VAL F 388 9.50 -10.76 -21.26
CA VAL F 388 9.59 -12.16 -20.85
C VAL F 388 10.51 -12.92 -21.79
N VAL F 389 10.42 -12.65 -23.09
CA VAL F 389 11.30 -13.32 -24.05
C VAL F 389 12.75 -12.93 -23.83
N GLU F 390 13.00 -11.63 -23.56
CA GLU F 390 14.37 -11.20 -23.31
C GLU F 390 14.92 -11.78 -22.02
N SER F 391 14.07 -11.98 -21.01
CA SER F 391 14.53 -12.59 -19.76
C SER F 391 14.78 -14.08 -19.93
N ALA F 392 13.97 -14.76 -20.76
CA ALA F 392 14.14 -16.18 -20.99
C ALA F 392 15.30 -16.49 -21.93
N LYS F 393 15.66 -15.57 -22.82
CA LYS F 393 16.77 -15.81 -23.73
C LYS F 393 18.11 -15.85 -23.00
N ALA F 394 18.23 -15.19 -21.84
CA ALA F 394 19.48 -15.23 -21.10
C ALA F 394 19.72 -16.60 -20.47
N ILE F 395 18.65 -17.35 -20.20
CA ILE F 395 18.80 -18.68 -19.63
C ILE F 395 18.68 -19.79 -20.66
N LEU F 396 18.03 -19.53 -21.80
CA LEU F 396 17.88 -20.53 -22.84
C LEU F 396 19.12 -20.66 -23.74
N GLY F 397 20.09 -19.76 -23.60
CA GLY F 397 21.28 -19.81 -24.41
C GLY F 397 22.47 -20.42 -23.69
N GLY F 398 22.30 -20.70 -22.40
CA GLY F 398 23.34 -21.28 -21.59
C GLY F 398 23.98 -20.35 -20.57
N SER F 399 23.38 -19.21 -20.27
CA SER F 399 23.92 -18.28 -19.31
C SER F 399 23.28 -18.49 -17.94
N LYS F 400 23.70 -17.68 -16.95
CA LYS F 400 23.18 -17.77 -15.59
C LYS F 400 23.02 -16.36 -15.06
N VAL F 401 21.79 -16.01 -14.68
CA VAL F 401 21.48 -14.69 -14.14
C VAL F 401 20.44 -14.84 -13.04
N ARG F 402 20.20 -13.76 -12.32
CA ARG F 402 19.24 -13.73 -11.22
C ARG F 402 17.96 -13.07 -11.72
N VAL F 403 16.86 -13.82 -11.69
CA VAL F 403 15.56 -13.35 -12.12
C VAL F 403 14.68 -13.16 -10.89
N ASP F 404 13.98 -12.01 -10.84
CA ASP F 404 13.11 -11.70 -9.72
C ASP F 404 11.69 -12.16 -10.02
N GLN F 405 11.02 -12.69 -8.99
CA GLN F 405 9.65 -13.16 -9.13
C GLN F 405 8.64 -12.41 -8.29
N LYS F 406 9.06 -11.69 -7.26
CA LYS F 406 8.14 -10.95 -6.41
C LYS F 406 8.72 -9.59 -6.04
N CYS F 407 8.56 -9.19 -4.78
CA CYS F 407 9.07 -7.91 -4.29
C CYS F 407 10.35 -8.18 -3.51
N LYS F 408 11.48 -8.20 -4.22
CA LYS F 408 12.77 -8.46 -3.61
C LYS F 408 12.97 -9.95 -3.38
N SER F 409 13.27 -10.69 -4.44
CA SER F 409 13.49 -12.14 -4.34
C SER F 409 14.41 -12.54 -5.50
N SER F 410 15.71 -12.51 -5.23
CA SER F 410 16.72 -12.87 -6.22
C SER F 410 17.18 -14.30 -5.98
N ALA F 411 17.24 -15.09 -7.04
CA ALA F 411 17.67 -16.48 -6.96
C ALA F 411 18.47 -16.83 -8.20
N GLN F 412 19.48 -17.68 -8.03
CA GLN F 412 20.33 -18.10 -9.14
C GLN F 412 19.57 -19.12 -9.99
N ILE F 413 19.40 -18.82 -11.26
CA ILE F 413 18.70 -19.69 -12.20
C ILE F 413 19.76 -20.43 -12.99
N ASP F 414 19.99 -21.69 -12.66
CA ASP F 414 20.98 -22.50 -13.34
C ASP F 414 20.44 -22.99 -14.68
N PRO F 415 21.32 -23.35 -15.61
CA PRO F 415 20.85 -23.84 -16.92
C PRO F 415 20.45 -25.31 -16.84
N THR F 416 19.23 -25.60 -17.29
CA THR F 416 18.71 -26.96 -17.27
C THR F 416 17.95 -27.24 -18.56
N PRO F 417 17.62 -28.50 -18.85
CA PRO F 417 16.89 -28.83 -20.08
C PRO F 417 15.40 -28.56 -19.91
N VAL F 418 14.92 -27.52 -20.61
CA VAL F 418 13.51 -27.13 -20.56
C VAL F 418 12.81 -27.70 -21.79
N ILE F 419 11.74 -28.45 -21.55
CA ILE F 419 10.96 -29.07 -22.63
C ILE F 419 9.69 -28.25 -22.81
N VAL F 420 9.45 -27.79 -24.03
CA VAL F 420 8.28 -26.99 -24.36
C VAL F 420 7.37 -27.84 -25.24
N THR F 421 6.06 -27.81 -24.93
CA THR F 421 5.08 -28.59 -25.68
C THR F 421 3.76 -27.83 -25.62
N SER F 422 3.37 -27.23 -26.75
CA SER F 422 2.13 -26.47 -26.84
C SER F 422 1.63 -26.51 -28.27
N ASN F 423 0.51 -25.84 -28.51
CA ASN F 423 -0.09 -25.76 -29.84
C ASN F 423 0.15 -24.45 -30.55
N THR F 424 0.38 -23.36 -29.80
CA THR F 424 0.61 -22.07 -30.40
C THR F 424 2.04 -21.96 -30.91
N ASN F 425 2.25 -21.04 -31.85
CA ASN F 425 3.57 -20.82 -32.43
C ASN F 425 4.42 -20.01 -31.46
N MET F 426 5.54 -20.59 -31.03
CA MET F 426 6.43 -19.91 -30.10
C MET F 426 7.42 -18.97 -30.79
N CYS F 427 7.48 -18.99 -32.12
CA CYS F 427 8.40 -18.10 -32.83
C CYS F 427 7.88 -16.67 -32.90
N ALA F 428 6.57 -16.48 -32.83
CA ALA F 428 5.98 -15.15 -32.88
C ALA F 428 6.11 -14.50 -31.52
N VAL F 429 6.97 -13.50 -31.40
CA VAL F 429 7.19 -12.79 -30.14
C VAL F 429 6.24 -11.60 -30.10
N ILE F 430 5.44 -11.52 -29.04
CA ILE F 430 4.48 -10.43 -28.87
C ILE F 430 5.22 -9.21 -28.34
N ASP F 431 4.89 -8.04 -28.89
CA ASP F 431 5.53 -6.78 -28.47
C ASP F 431 4.63 -6.07 -27.46
N GLY F 432 4.45 -6.73 -26.32
CA GLY F 432 3.63 -6.18 -25.25
C GLY F 432 2.15 -6.30 -25.53
N ASN F 433 1.57 -5.28 -26.17
CA ASN F 433 0.16 -5.27 -26.50
C ASN F 433 -0.13 -5.60 -27.96
N SER F 434 0.90 -5.62 -28.81
CA SER F 434 0.74 -5.93 -30.23
C SER F 434 1.68 -7.06 -30.61
N THR F 435 1.67 -7.42 -31.89
CA THR F 435 2.50 -8.48 -32.43
C THR F 435 3.51 -7.89 -33.38
N THR F 436 4.79 -8.20 -33.16
CA THR F 436 5.89 -7.70 -34.00
C THR F 436 6.89 -8.82 -34.16
N PHE F 437 7.01 -9.33 -35.39
CA PHE F 437 7.95 -10.42 -35.70
C PHE F 437 9.34 -9.82 -35.91
N GLU F 438 10.04 -9.61 -34.81
CA GLU F 438 11.38 -9.04 -34.82
C GLU F 438 12.46 -9.98 -34.30
N HIS F 439 12.12 -10.94 -33.44
CA HIS F 439 13.06 -11.88 -32.87
C HIS F 439 12.77 -13.25 -33.48
N GLN F 440 13.30 -13.49 -34.68
CA GLN F 440 13.11 -14.74 -35.39
C GLN F 440 14.40 -15.54 -35.53
N GLN F 441 15.49 -14.91 -35.97
CA GLN F 441 16.76 -15.62 -36.12
C GLN F 441 17.31 -16.11 -34.79
N PRO F 442 17.33 -15.32 -33.72
CA PRO F 442 17.83 -15.86 -32.44
C PRO F 442 16.93 -16.94 -31.87
N LEU F 443 15.61 -16.79 -32.00
CA LEU F 443 14.70 -17.83 -31.52
C LEU F 443 14.84 -19.11 -32.30
N GLN F 444 15.17 -19.03 -33.59
CA GLN F 444 15.37 -20.23 -34.39
C GLN F 444 16.74 -20.85 -34.13
N ASP F 445 17.75 -20.03 -33.82
CA ASP F 445 19.08 -20.57 -33.54
C ASP F 445 19.17 -21.18 -32.14
N ARG F 446 18.43 -20.64 -31.17
CA ARG F 446 18.44 -21.15 -29.80
C ARG F 446 17.34 -22.18 -29.55
N MET F 447 16.96 -22.94 -30.57
CA MET F 447 15.92 -23.96 -30.43
C MET F 447 15.91 -24.79 -31.71
N PHE F 448 14.96 -25.72 -31.77
CA PHE F 448 14.84 -26.59 -32.95
C PHE F 448 13.44 -26.48 -33.55
N LYS F 449 13.07 -27.45 -34.39
CA LYS F 449 11.76 -27.46 -35.03
C LYS F 449 11.37 -28.92 -35.25
N PHE F 450 10.66 -29.48 -34.28
CA PHE F 450 10.20 -30.87 -34.32
C PHE F 450 8.69 -30.87 -34.52
N GLU F 451 8.24 -31.15 -35.74
CA GLU F 451 6.83 -31.19 -36.07
C GLU F 451 6.34 -32.62 -36.17
N LEU F 452 5.03 -32.78 -36.06
CA LEU F 452 4.38 -34.09 -36.13
C LEU F 452 3.44 -34.12 -37.32
N THR F 453 3.17 -35.34 -37.78
CA THR F 453 2.28 -35.55 -38.93
C THR F 453 1.22 -36.61 -38.67
N ARG F 454 1.59 -37.73 -38.03
CA ARG F 454 0.63 -38.78 -37.75
C ARG F 454 -0.15 -38.47 -36.48
N ARG F 455 -1.37 -39.00 -36.42
CA ARG F 455 -2.27 -38.80 -35.29
C ARG F 455 -2.53 -40.14 -34.62
N LEU F 456 -2.59 -40.13 -33.29
CA LEU F 456 -2.84 -41.33 -32.52
C LEU F 456 -4.34 -41.53 -32.30
N ASP F 457 -4.72 -42.79 -32.09
CA ASP F 457 -6.12 -43.13 -31.86
C ASP F 457 -6.41 -43.30 -30.37
N HIS F 458 -7.38 -44.14 -30.04
CA HIS F 458 -7.74 -44.37 -28.65
C HIS F 458 -6.94 -45.54 -28.08
N ASP F 459 -6.62 -45.44 -26.80
CA ASP F 459 -5.85 -46.48 -26.12
C ASP F 459 -4.38 -46.37 -26.47
N PHE F 460 -3.86 -45.15 -26.50
CA PHE F 460 -2.45 -44.91 -26.83
C PHE F 460 -1.70 -44.18 -25.74
N GLY F 461 -2.36 -43.80 -24.65
CA GLY F 461 -1.72 -43.10 -23.56
C GLY F 461 -1.25 -44.03 -22.46
N LYS F 462 -0.93 -43.43 -21.31
CA LYS F 462 -0.47 -44.19 -20.15
C LYS F 462 1.00 -44.55 -20.31
N VAL F 463 1.87 -43.54 -20.27
CA VAL F 463 3.31 -43.76 -20.40
C VAL F 463 3.85 -44.21 -19.05
N THR F 464 4.56 -45.34 -19.05
CA THR F 464 5.13 -45.88 -17.82
C THR F 464 6.56 -45.39 -17.64
N LYS F 465 7.37 -46.17 -16.92
CA LYS F 465 8.76 -45.83 -16.67
C LYS F 465 9.76 -46.86 -17.16
N GLN F 466 9.38 -48.14 -17.18
CA GLN F 466 10.30 -49.18 -17.65
C GLN F 466 10.63 -49.01 -19.12
N GLU F 467 9.62 -48.71 -19.95
CA GLU F 467 9.86 -48.51 -21.37
C GLU F 467 10.72 -47.28 -21.61
N VAL F 468 10.48 -46.21 -20.86
CA VAL F 468 11.30 -45.01 -21.01
C VAL F 468 12.74 -45.27 -20.60
N LYS F 469 12.93 -46.03 -19.51
CA LYS F 469 14.30 -46.37 -19.08
C LYS F 469 14.99 -47.24 -20.11
N ASP F 470 14.28 -48.20 -20.69
CA ASP F 470 14.88 -49.06 -21.72
C ASP F 470 15.24 -48.24 -22.95
N PHE F 471 14.38 -47.31 -23.35
CA PHE F 471 14.69 -46.46 -24.50
C PHE F 471 15.90 -45.57 -24.22
N PHE F 472 15.98 -45.02 -23.01
CA PHE F 472 17.14 -44.19 -22.66
C PHE F 472 18.42 -45.01 -22.66
N ARG F 473 18.36 -46.25 -22.13
CA ARG F 473 19.53 -47.11 -22.13
C ARG F 473 19.95 -47.47 -23.55
N TRP F 474 18.99 -47.77 -24.43
CA TRP F 474 19.32 -48.09 -25.81
C TRP F 474 19.88 -46.89 -26.55
N ALA F 475 19.40 -45.68 -26.23
CA ALA F 475 19.95 -44.49 -26.87
C ALA F 475 21.34 -44.15 -26.36
N LYS F 476 21.60 -44.41 -25.08
CA LYS F 476 22.92 -44.12 -24.52
C LYS F 476 23.96 -45.17 -24.91
N ASP F 477 23.53 -46.41 -25.13
CA ASP F 477 24.47 -47.46 -25.52
C ASP F 477 24.90 -47.35 -26.98
N HIS F 478 24.12 -46.65 -27.81
CA HIS F 478 24.43 -46.48 -29.23
C HIS F 478 24.21 -45.01 -29.57
N VAL F 479 25.30 -44.25 -29.60
CA VAL F 479 25.26 -42.82 -29.90
C VAL F 479 25.94 -42.61 -31.26
N VAL F 480 25.26 -41.89 -32.15
CA VAL F 480 25.78 -41.61 -33.48
C VAL F 480 26.24 -40.15 -33.55
N GLU F 481 26.47 -39.67 -34.77
CA GLU F 481 26.91 -38.29 -34.96
C GLU F 481 25.72 -37.34 -34.85
N VAL F 482 25.86 -36.29 -34.05
CA VAL F 482 24.81 -35.31 -33.86
C VAL F 482 25.03 -34.16 -34.82
N GLU F 483 23.97 -33.74 -35.49
CA GLU F 483 24.01 -32.66 -36.45
C GLU F 483 23.53 -31.36 -35.80
N HIS F 484 23.37 -30.31 -36.62
CA HIS F 484 22.92 -29.01 -36.13
C HIS F 484 22.17 -28.34 -37.26
N GLU F 485 20.84 -28.43 -37.24
CA GLU F 485 20.01 -27.83 -38.26
C GLU F 485 18.62 -27.57 -37.69
N PHE F 486 17.98 -26.51 -38.19
CA PHE F 486 16.63 -26.17 -37.72
C PHE F 486 15.58 -27.10 -38.30
N TYR F 487 15.74 -27.48 -39.57
CA TYR F 487 14.79 -28.38 -40.24
C TYR F 487 15.32 -29.81 -40.14
N VAL F 488 14.52 -30.67 -39.51
CA VAL F 488 14.90 -32.07 -39.35
C VAL F 488 14.71 -32.81 -40.66
N LYS F 489 15.45 -33.90 -40.83
CA LYS F 489 15.38 -34.71 -42.04
C LYS F 489 14.11 -35.56 -41.97
N LYS F 490 13.12 -35.24 -42.81
CA LYS F 490 11.86 -35.97 -42.85
C LYS F 490 12.09 -37.27 -43.61
N GLY F 491 12.47 -38.32 -42.88
CA GLY F 491 12.72 -39.61 -43.48
C GLY F 491 12.35 -40.77 -42.58
N GLY F 492 11.19 -41.38 -42.83
CA GLY F 492 10.72 -42.50 -42.03
C GLY F 492 9.32 -42.95 -42.39
N LYS G 221 0.00 -29.46 27.53
CA LYS G 221 -1.25 -28.70 27.54
C LYS G 221 -1.92 -28.71 26.17
N THR G 222 -1.12 -28.40 25.14
CA THR G 222 -1.66 -28.37 23.78
C THR G 222 -1.81 -29.78 23.20
N SER G 223 -0.81 -30.65 23.43
CA SER G 223 -0.89 -32.01 22.90
C SER G 223 -1.99 -32.80 23.58
N ALA G 224 -2.15 -32.66 24.90
CA ALA G 224 -3.22 -33.36 25.59
C ALA G 224 -4.58 -32.87 25.15
N ARG G 225 -4.73 -31.56 24.95
CA ARG G 225 -6.00 -31.02 24.48
C ARG G 225 -6.31 -31.50 23.07
N TYR G 226 -5.30 -31.56 22.20
CA TYR G 226 -5.52 -32.05 20.84
C TYR G 226 -5.90 -33.52 20.85
N MET G 227 -5.26 -34.32 21.71
CA MET G 227 -5.61 -35.73 21.81
C MET G 227 -7.03 -35.92 22.33
N GLU G 228 -7.42 -35.12 23.33
CA GLU G 228 -8.78 -35.21 23.86
C GLU G 228 -9.80 -34.81 22.80
N LEU G 229 -9.50 -33.76 22.01
CA LEU G 229 -10.41 -33.35 20.95
C LEU G 229 -10.52 -34.43 19.88
N VAL G 230 -9.41 -35.05 19.52
CA VAL G 230 -9.44 -36.12 18.52
C VAL G 230 -10.24 -37.31 19.03
N GLY G 231 -10.08 -37.65 20.32
CA GLY G 231 -10.85 -38.74 20.88
C GLY G 231 -12.33 -38.45 20.93
N TRP G 232 -12.69 -37.21 21.29
CA TRP G 232 -14.10 -36.83 21.32
C TRP G 232 -14.70 -36.80 19.92
N LEU G 233 -13.92 -36.42 18.92
CA LEU G 233 -14.42 -36.43 17.55
C LEU G 233 -14.55 -37.84 16.99
N VAL G 234 -13.66 -38.74 17.40
CA VAL G 234 -13.73 -40.12 16.93
C VAL G 234 -14.86 -40.89 17.62
N ASP G 235 -15.09 -40.59 18.90
CA ASP G 235 -16.16 -41.27 19.64
C ASP G 235 -17.54 -40.74 19.28
N LYS G 236 -17.64 -39.49 18.85
CA LYS G 236 -18.91 -38.89 18.47
C LYS G 236 -19.31 -39.17 17.04
N GLY G 237 -18.34 -39.45 16.16
CA GLY G 237 -18.64 -39.73 14.77
C GLY G 237 -18.94 -38.48 13.97
N ILE G 238 -18.05 -37.49 14.04
CA ILE G 238 -18.21 -36.23 13.33
C ILE G 238 -17.42 -36.30 12.03
N THR G 239 -18.03 -35.82 10.95
CA THR G 239 -17.40 -35.82 9.63
C THR G 239 -17.25 -34.42 9.05
N SER G 240 -18.29 -33.59 9.16
CA SER G 240 -18.26 -32.23 8.65
C SER G 240 -18.11 -31.24 9.80
N GLU G 241 -18.19 -29.96 9.47
CA GLU G 241 -18.06 -28.88 10.46
C GLU G 241 -19.40 -28.26 10.85
N LYS G 242 -20.27 -27.99 9.88
CA LYS G 242 -21.56 -27.38 10.19
C LYS G 242 -22.43 -28.33 11.00
N GLN G 243 -22.46 -29.61 10.63
CA GLN G 243 -23.25 -30.59 11.39
C GLN G 243 -22.70 -30.77 12.80
N TRP G 244 -21.37 -30.81 12.94
CA TRP G 244 -20.77 -30.95 14.26
C TRP G 244 -21.02 -29.72 15.13
N ILE G 245 -21.08 -28.53 14.51
CA ILE G 245 -21.35 -27.33 15.28
C ILE G 245 -22.83 -27.23 15.66
N GLN G 246 -23.73 -27.71 14.80
CA GLN G 246 -25.15 -27.67 15.09
C GLN G 246 -25.59 -28.76 16.06
N GLU G 247 -24.90 -29.91 16.08
CA GLU G 247 -25.27 -31.00 16.98
C GLU G 247 -24.41 -30.97 18.24
N ASP G 248 -23.12 -31.28 18.09
CA ASP G 248 -22.20 -31.31 19.22
C ASP G 248 -21.86 -29.87 19.62
N GLN G 249 -22.73 -29.30 20.44
CA GLN G 249 -22.55 -27.93 20.92
C GLN G 249 -21.70 -27.84 22.18
N ALA G 250 -21.43 -28.96 22.84
CA ALA G 250 -20.63 -28.93 24.05
C ALA G 250 -19.13 -28.93 23.76
N SER G 251 -18.71 -29.55 22.65
CA SER G 251 -17.29 -29.58 22.31
C SER G 251 -16.77 -28.19 21.98
N TYR G 252 -17.53 -27.40 21.24
CA TYR G 252 -17.11 -26.05 20.92
C TYR G 252 -17.05 -25.18 22.17
N ILE G 253 -18.02 -25.33 23.08
CA ILE G 253 -18.00 -24.57 24.33
C ILE G 253 -16.79 -24.95 25.18
N SER G 254 -16.49 -26.25 25.24
CA SER G 254 -15.32 -26.70 26.01
C SER G 254 -14.02 -26.18 25.40
N PHE G 255 -13.92 -26.19 24.07
CA PHE G 255 -12.72 -25.67 23.41
C PHE G 255 -12.58 -24.17 23.61
N ASN G 256 -13.70 -23.44 23.64
CA ASN G 256 -13.63 -21.99 23.87
C ASN G 256 -13.30 -21.67 25.32
N ALA G 257 -13.76 -22.50 26.26
CA ALA G 257 -13.46 -22.27 27.67
C ALA G 257 -12.03 -22.66 28.01
N ALA G 258 -11.50 -23.71 27.37
CA ALA G 258 -10.14 -24.15 27.65
C ALA G 258 -9.15 -23.45 26.72
N SER G 259 -8.17 -24.19 26.21
CA SER G 259 -7.18 -23.62 25.32
C SER G 259 -7.74 -23.48 23.91
N ASN G 260 -7.30 -22.42 23.23
CA ASN G 260 -7.74 -22.13 21.87
C ASN G 260 -6.69 -22.67 20.90
N SER G 261 -7.01 -23.79 20.25
CA SER G 261 -6.11 -24.44 19.29
C SER G 261 -6.90 -24.62 17.98
N ARG G 262 -6.75 -23.66 17.08
CA ARG G 262 -7.45 -23.72 15.80
C ARG G 262 -6.61 -24.34 14.69
N SER G 263 -5.28 -24.21 14.76
CA SER G 263 -4.42 -24.78 13.74
C SER G 263 -4.49 -26.30 13.73
N GLN G 264 -4.47 -26.92 14.92
CA GLN G 264 -4.57 -28.37 14.99
C GLN G 264 -5.92 -28.86 14.49
N ILE G 265 -7.00 -28.15 14.82
CA ILE G 265 -8.32 -28.53 14.35
C ILE G 265 -8.41 -28.41 12.84
N LYS G 266 -7.84 -27.34 12.27
CA LYS G 266 -7.85 -27.17 10.83
C LYS G 266 -7.03 -28.25 10.14
N ALA G 267 -5.88 -28.62 10.72
CA ALA G 267 -5.07 -29.69 10.14
C ALA G 267 -5.80 -31.03 10.20
N ALA G 268 -6.48 -31.31 11.31
CA ALA G 268 -7.25 -32.54 11.41
C ALA G 268 -8.40 -32.57 10.42
N LEU G 269 -9.08 -31.44 10.24
CA LEU G 269 -10.17 -31.38 9.27
C LEU G 269 -9.65 -31.58 7.84
N ASP G 270 -8.50 -30.98 7.52
CA ASP G 270 -7.91 -31.17 6.20
C ASP G 270 -7.49 -32.61 5.98
N ASN G 271 -6.92 -33.25 7.00
CA ASN G 271 -6.53 -34.65 6.87
C ASN G 271 -7.76 -35.54 6.69
N ALA G 272 -8.84 -35.26 7.43
CA ALA G 272 -10.05 -36.05 7.27
C ALA G 272 -10.65 -35.86 5.87
N GLY G 273 -10.65 -34.63 5.37
CA GLY G 273 -11.16 -34.38 4.03
C GLY G 273 -10.32 -35.08 2.97
N LYS G 274 -9.00 -35.07 3.13
CA LYS G 274 -8.13 -35.75 2.18
C LYS G 274 -8.34 -37.27 2.23
N ILE G 275 -8.53 -37.82 3.43
CA ILE G 275 -8.76 -39.25 3.55
C ILE G 275 -10.11 -39.64 2.96
N MET G 276 -11.11 -38.76 3.08
CA MET G 276 -12.41 -39.04 2.50
C MET G 276 -12.40 -38.90 0.98
N SER G 277 -11.62 -37.96 0.45
CA SER G 277 -11.54 -37.79 -0.99
C SER G 277 -10.67 -38.86 -1.66
N LEU G 278 -9.68 -39.39 -0.94
CA LEU G 278 -8.81 -40.42 -1.50
C LEU G 278 -9.55 -41.76 -1.60
N THR G 279 -9.92 -42.32 -0.45
CA THR G 279 -10.64 -43.59 -0.43
C THR G 279 -12.11 -43.36 -0.74
N LYS G 280 -12.59 -43.98 -1.81
CA LYS G 280 -13.98 -43.84 -2.22
C LYS G 280 -14.20 -42.53 -2.97
N THR G 281 -14.29 -42.60 -4.29
CA THR G 281 -14.49 -41.41 -5.12
C THR G 281 -15.95 -40.97 -5.08
N ALA G 282 -16.72 -41.37 -6.08
CA ALA G 282 -18.14 -41.01 -6.15
C ALA G 282 -18.99 -42.27 -6.21
N PRO G 283 -18.58 -43.29 -6.98
CA PRO G 283 -19.39 -44.51 -7.04
C PRO G 283 -19.40 -45.30 -5.74
N ASP G 284 -18.28 -45.31 -5.02
CA ASP G 284 -18.21 -46.00 -3.74
C ASP G 284 -18.76 -45.17 -2.59
N TYR G 285 -19.17 -43.93 -2.84
CA TYR G 285 -19.71 -43.07 -1.80
C TYR G 285 -21.19 -42.78 -1.96
N LEU G 286 -21.69 -42.66 -3.19
CA LEU G 286 -23.09 -42.39 -3.46
C LEU G 286 -23.83 -43.65 -3.91
N VAL G 287 -23.46 -44.80 -3.34
CA VAL G 287 -24.07 -46.08 -3.67
C VAL G 287 -24.55 -46.70 -2.36
N GLY G 288 -25.87 -46.83 -2.21
CA GLY G 288 -26.44 -47.40 -1.02
C GLY G 288 -26.52 -48.92 -1.06
N GLN G 289 -26.73 -49.51 0.12
CA GLN G 289 -26.83 -50.95 0.23
C GLN G 289 -28.18 -51.49 -0.22
N GLN G 290 -29.21 -50.64 -0.26
CA GLN G 290 -30.54 -51.08 -0.67
C GLN G 290 -30.75 -50.79 -2.15
N PRO G 291 -31.60 -51.57 -2.82
CA PRO G 291 -31.85 -51.35 -4.24
C PRO G 291 -32.84 -50.21 -4.46
N VAL G 292 -33.06 -49.90 -5.74
CA VAL G 292 -33.98 -48.82 -6.09
C VAL G 292 -35.43 -49.27 -5.96
N GLU G 293 -35.73 -50.53 -6.28
CA GLU G 293 -37.08 -51.05 -6.18
C GLU G 293 -37.92 -50.58 -7.36
N ASP G 294 -38.47 -49.37 -7.26
CA ASP G 294 -39.29 -48.78 -8.31
C ASP G 294 -38.45 -47.89 -9.20
N ILE G 295 -38.75 -47.88 -10.49
CA ILE G 295 -38.00 -47.05 -11.43
C ILE G 295 -38.41 -45.59 -11.33
N SER G 296 -39.66 -45.33 -10.92
CA SER G 296 -40.16 -43.97 -10.80
C SER G 296 -39.94 -43.50 -9.36
N SER G 297 -38.69 -43.13 -9.08
CA SER G 297 -38.31 -42.66 -7.75
C SER G 297 -37.07 -41.78 -7.81
N ASN G 298 -36.96 -40.99 -8.88
CA ASN G 298 -35.80 -40.11 -9.05
C ASN G 298 -36.20 -38.97 -9.98
N ARG G 299 -35.72 -37.77 -9.68
CA ARG G 299 -36.04 -36.61 -10.50
C ARG G 299 -35.22 -36.60 -11.79
N ILE G 300 -33.96 -37.03 -11.73
CA ILE G 300 -33.12 -37.05 -12.92
C ILE G 300 -33.64 -38.06 -13.94
N TYR G 301 -34.07 -39.24 -13.48
CA TYR G 301 -34.62 -40.23 -14.40
C TYR G 301 -35.91 -39.74 -15.03
N LYS G 302 -36.77 -39.08 -14.24
CA LYS G 302 -38.01 -38.55 -14.79
C LYS G 302 -37.74 -37.45 -15.80
N ILE G 303 -36.75 -36.59 -15.53
CA ILE G 303 -36.41 -35.54 -16.48
C ILE G 303 -35.84 -36.12 -17.77
N LEU G 304 -35.01 -37.17 -17.65
CA LEU G 304 -34.45 -37.80 -18.84
C LEU G 304 -35.53 -38.52 -19.65
N GLU G 305 -36.52 -39.09 -18.97
CA GLU G 305 -37.62 -39.75 -19.68
C GLU G 305 -38.55 -38.74 -20.35
N LEU G 306 -38.76 -37.58 -19.72
CA LEU G 306 -39.61 -36.56 -20.31
C LEU G 306 -38.93 -35.81 -21.44
N ASN G 307 -37.61 -35.64 -21.37
CA ASN G 307 -36.90 -34.94 -22.43
C ASN G 307 -36.73 -35.78 -23.68
N GLY G 308 -36.77 -37.11 -23.56
CA GLY G 308 -36.62 -38.00 -24.69
C GLY G 308 -35.29 -38.71 -24.78
N TYR G 309 -34.37 -38.45 -23.85
CA TYR G 309 -33.06 -39.09 -23.89
C TYR G 309 -33.15 -40.50 -23.31
N ASP G 310 -32.11 -41.29 -23.57
CA ASP G 310 -32.07 -42.66 -23.08
C ASP G 310 -31.69 -42.66 -21.61
N PRO G 311 -32.37 -43.44 -20.76
CA PRO G 311 -32.02 -43.46 -19.34
C PRO G 311 -30.85 -44.38 -19.05
N GLN G 312 -30.86 -45.58 -19.65
CA GLN G 312 -29.77 -46.53 -19.42
C GLN G 312 -28.46 -46.02 -19.98
N TYR G 313 -28.49 -45.42 -21.18
CA TYR G 313 -27.26 -44.87 -21.75
C TYR G 313 -26.72 -43.71 -20.93
N ALA G 314 -27.61 -42.86 -20.44
CA ALA G 314 -27.18 -41.74 -19.59
C ALA G 314 -26.59 -42.25 -18.28
N ALA G 315 -27.20 -43.27 -17.68
CA ALA G 315 -26.67 -43.84 -16.45
C ALA G 315 -25.30 -44.48 -16.68
N SER G 316 -25.14 -45.17 -17.81
CA SER G 316 -23.84 -45.78 -18.12
C SER G 316 -22.78 -44.72 -18.35
N VAL G 317 -23.14 -43.62 -19.04
CA VAL G 317 -22.19 -42.54 -19.27
C VAL G 317 -21.79 -41.89 -17.95
N PHE G 318 -22.77 -41.69 -17.06
CA PHE G 318 -22.46 -41.11 -15.76
C PHE G 318 -21.57 -42.02 -14.92
N LEU G 319 -21.82 -43.33 -14.96
CA LEU G 319 -20.99 -44.26 -14.21
C LEU G 319 -19.59 -44.32 -14.79
N GLY G 320 -19.45 -44.21 -16.11
CA GLY G 320 -18.13 -44.20 -16.71
C GLY G 320 -17.36 -42.92 -16.46
N TRP G 321 -18.07 -41.79 -16.37
CA TRP G 321 -17.41 -40.51 -16.11
C TRP G 321 -17.04 -40.36 -14.63
N ALA G 322 -17.86 -40.88 -13.73
CA ALA G 322 -17.61 -40.79 -12.30
C ALA G 322 -16.68 -41.89 -11.78
N THR G 323 -16.27 -42.83 -12.64
CA THR G 323 -15.39 -43.91 -12.24
C THR G 323 -14.01 -43.85 -12.87
N LYS G 324 -13.77 -42.91 -13.78
CA LYS G 324 -12.48 -42.77 -14.45
C LYS G 324 -12.25 -43.85 -15.50
N LYS G 325 -13.32 -44.38 -16.08
CA LYS G 325 -13.23 -45.42 -17.10
C LYS G 325 -13.42 -44.87 -18.51
N PHE G 326 -13.41 -43.55 -18.68
CA PHE G 326 -13.57 -42.94 -19.98
C PHE G 326 -12.26 -42.48 -20.62
N GLY G 327 -11.19 -42.36 -19.83
CA GLY G 327 -9.91 -41.94 -20.35
C GLY G 327 -9.84 -40.45 -20.61
N LYS G 328 -9.82 -40.07 -21.89
CA LYS G 328 -9.76 -38.66 -22.27
C LYS G 328 -11.12 -37.99 -22.32
N ARG G 329 -12.20 -38.72 -22.12
CA ARG G 329 -13.56 -38.17 -22.13
C ARG G 329 -14.07 -37.92 -20.73
N ASN G 330 -13.33 -37.14 -19.96
CA ASN G 330 -13.71 -36.80 -18.58
C ASN G 330 -14.34 -35.43 -18.50
N THR G 331 -15.32 -35.17 -19.37
CA THR G 331 -16.01 -33.88 -19.39
C THR G 331 -17.43 -34.11 -19.88
N ILE G 332 -18.40 -33.51 -19.19
CA ILE G 332 -19.81 -33.63 -19.54
C ILE G 332 -20.43 -32.25 -19.46
N TRP G 333 -20.94 -31.76 -20.59
CA TRP G 333 -21.57 -30.44 -20.66
C TRP G 333 -23.08 -30.59 -20.68
N LEU G 334 -23.75 -29.72 -19.94
CA LEU G 334 -25.21 -29.72 -19.84
C LEU G 334 -25.72 -28.41 -20.44
N PHE G 335 -26.18 -28.47 -21.69
CA PHE G 335 -26.69 -27.29 -22.36
C PHE G 335 -28.12 -27.02 -21.94
N GLY G 336 -28.41 -25.76 -21.65
CA GLY G 336 -29.74 -25.35 -21.23
C GLY G 336 -29.88 -23.85 -21.14
N PRO G 337 -31.12 -23.37 -21.13
CA PRO G 337 -31.34 -21.91 -21.05
C PRO G 337 -31.35 -21.42 -19.61
N ALA G 338 -32.43 -20.73 -19.22
CA ALA G 338 -32.55 -20.21 -17.86
C ALA G 338 -33.05 -21.28 -16.91
N THR G 339 -34.26 -21.10 -16.38
CA THR G 339 -34.87 -22.05 -15.46
C THR G 339 -35.43 -23.21 -16.27
N THR G 340 -34.57 -24.18 -16.55
CA THR G 340 -34.95 -25.37 -17.31
C THR G 340 -35.19 -26.59 -16.43
N GLY G 341 -34.21 -26.95 -15.61
CA GLY G 341 -34.34 -28.11 -14.74
C GLY G 341 -33.02 -28.74 -14.37
N LYS G 342 -31.93 -28.21 -14.94
CA LYS G 342 -30.60 -28.73 -14.67
C LYS G 342 -29.84 -27.93 -13.62
N THR G 343 -30.12 -26.64 -13.50
CA THR G 343 -29.42 -25.82 -12.51
C THR G 343 -29.76 -26.26 -11.09
N ASN G 344 -31.03 -26.55 -10.82
CA ASN G 344 -31.41 -27.01 -9.49
C ASN G 344 -30.79 -28.37 -9.18
N ILE G 345 -30.74 -29.27 -10.15
CA ILE G 345 -30.12 -30.57 -9.94
C ILE G 345 -28.63 -30.42 -9.67
N ALA G 346 -27.96 -29.54 -10.41
CA ALA G 346 -26.55 -29.30 -10.18
C ALA G 346 -26.30 -28.70 -8.80
N GLU G 347 -27.15 -27.76 -8.39
CA GLU G 347 -27.00 -27.17 -7.05
C GLU G 347 -27.22 -28.21 -5.97
N ALA G 348 -28.20 -29.08 -6.15
CA ALA G 348 -28.45 -30.13 -5.17
C ALA G 348 -27.28 -31.12 -5.10
N ILE G 349 -26.72 -31.48 -6.26
CA ILE G 349 -25.58 -32.39 -6.28
C ILE G 349 -24.35 -31.75 -5.65
N ALA G 350 -24.20 -30.43 -5.80
CA ALA G 350 -23.06 -29.75 -5.19
C ALA G 350 -23.23 -29.60 -3.70
N HIS G 351 -24.47 -29.38 -3.23
CA HIS G 351 -24.73 -29.22 -1.81
C HIS G 351 -24.81 -30.55 -1.08
N THR G 352 -25.02 -31.67 -1.80
CA THR G 352 -25.09 -32.97 -1.15
C THR G 352 -23.74 -33.40 -0.60
N VAL G 353 -22.66 -32.91 -1.17
CA VAL G 353 -21.30 -33.23 -0.73
C VAL G 353 -20.81 -32.10 0.18
N PRO G 354 -20.34 -32.41 1.39
CA PRO G 354 -19.88 -31.32 2.27
C PRO G 354 -18.51 -30.77 1.88
N PHE G 355 -17.59 -31.62 1.46
CA PHE G 355 -16.26 -31.16 1.07
C PHE G 355 -16.11 -31.18 -0.45
N TYR G 356 -16.94 -30.43 -1.15
CA TYR G 356 -16.91 -30.35 -2.61
C TYR G 356 -16.19 -29.08 -3.06
N GLY G 357 -15.94 -29.01 -4.36
CA GLY G 357 -15.26 -27.88 -4.95
C GLY G 357 -16.14 -27.16 -5.95
N CYS G 358 -15.98 -25.84 -6.02
CA CYS G 358 -16.76 -25.01 -6.91
C CYS G 358 -15.81 -24.15 -7.74
N VAL G 359 -16.13 -24.01 -9.03
CA VAL G 359 -15.31 -23.22 -9.95
C VAL G 359 -15.65 -21.75 -9.71
N ASN G 360 -14.80 -21.06 -8.96
CA ASN G 360 -15.00 -19.64 -8.66
C ASN G 360 -14.31 -18.78 -9.71
N TRP G 361 -14.92 -18.74 -10.89
CA TRP G 361 -14.40 -17.97 -12.02
C TRP G 361 -14.94 -16.55 -11.92
N THR G 362 -14.32 -15.77 -11.03
CA THR G 362 -14.71 -14.38 -10.81
C THR G 362 -13.65 -13.37 -11.18
N ASN G 363 -12.42 -13.81 -11.50
CA ASN G 363 -11.34 -12.91 -11.87
C ASN G 363 -10.72 -13.39 -13.18
N GLU G 364 -9.88 -12.53 -13.76
CA GLU G 364 -9.23 -12.86 -15.02
C GLU G 364 -8.05 -13.80 -14.80
N ASN G 365 -7.07 -13.37 -14.00
CA ASN G 365 -5.89 -14.16 -13.71
C ASN G 365 -6.03 -15.00 -12.43
N PHE G 366 -7.22 -15.02 -11.83
CA PHE G 366 -7.49 -15.78 -10.61
C PHE G 366 -8.50 -16.86 -10.93
N PRO G 367 -8.06 -18.05 -11.33
CA PRO G 367 -9.02 -19.11 -11.66
C PRO G 367 -9.53 -19.84 -10.42
N PHE G 368 -8.92 -20.97 -10.09
CA PHE G 368 -9.33 -21.73 -8.92
C PHE G 368 -8.76 -21.11 -7.64
N ASN G 369 -9.39 -21.44 -6.52
CA ASN G 369 -8.97 -20.92 -5.23
C ASN G 369 -9.38 -21.86 -4.10
N ASP G 370 -10.39 -22.70 -4.36
CA ASP G 370 -10.91 -23.65 -3.38
C ASP G 370 -11.39 -24.89 -4.14
N CYS G 371 -10.43 -25.69 -4.61
CA CYS G 371 -10.75 -26.90 -5.35
C CYS G 371 -9.58 -27.88 -5.30
N VAL G 372 -8.92 -27.97 -4.15
CA VAL G 372 -7.79 -28.87 -3.96
C VAL G 372 -8.28 -30.10 -3.20
N ASP G 373 -8.24 -31.25 -3.86
CA ASP G 373 -8.68 -32.51 -3.26
C ASP G 373 -10.21 -32.60 -3.21
N LYS G 374 -10.87 -32.09 -4.24
CA LYS G 374 -12.33 -32.10 -4.33
C LYS G 374 -12.73 -33.00 -5.48
N MET G 375 -13.46 -34.08 -5.18
CA MET G 375 -13.91 -35.02 -6.20
C MET G 375 -15.15 -34.55 -6.94
N VAL G 376 -15.85 -33.55 -6.43
CA VAL G 376 -17.06 -33.01 -7.06
C VAL G 376 -16.77 -31.58 -7.47
N ILE G 377 -16.93 -31.29 -8.76
CA ILE G 377 -16.70 -29.97 -9.32
C ILE G 377 -18.02 -29.44 -9.85
N TRP G 378 -18.43 -28.26 -9.38
CA TRP G 378 -19.68 -27.63 -9.79
C TRP G 378 -19.37 -26.47 -10.72
N TRP G 379 -20.23 -26.28 -11.72
CA TRP G 379 -20.07 -25.20 -12.69
C TRP G 379 -21.43 -24.55 -12.92
N GLU G 380 -21.45 -23.22 -12.87
CA GLU G 380 -22.68 -22.46 -13.08
C GLU G 380 -22.58 -21.48 -14.24
N GLU G 381 -21.52 -20.68 -14.30
CA GLU G 381 -21.33 -19.72 -15.38
C GLU G 381 -19.88 -19.25 -15.34
N GLY G 382 -19.51 -18.43 -16.30
CA GLY G 382 -18.16 -17.92 -16.39
C GLY G 382 -17.44 -18.31 -17.67
N LYS G 383 -17.25 -17.35 -18.56
CA LYS G 383 -16.58 -17.59 -19.84
C LYS G 383 -15.09 -17.37 -19.64
N MET G 384 -14.30 -18.43 -19.81
CA MET G 384 -12.85 -18.33 -19.66
C MET G 384 -12.23 -17.70 -20.89
N THR G 385 -11.24 -16.84 -20.67
CA THR G 385 -10.55 -16.17 -21.75
C THR G 385 -9.41 -17.03 -22.27
N ALA G 386 -8.69 -16.50 -23.27
CA ALA G 386 -7.56 -17.22 -23.88
C ALA G 386 -6.33 -17.01 -22.99
N LYS G 387 -6.24 -17.83 -21.94
CA LYS G 387 -5.12 -17.76 -21.01
C LYS G 387 -5.17 -18.92 -20.02
N VAL G 388 -6.22 -19.73 -20.10
CA VAL G 388 -6.37 -20.87 -19.20
C VAL G 388 -6.99 -22.04 -19.98
N VAL G 389 -7.26 -21.82 -21.27
CA VAL G 389 -7.84 -22.88 -22.09
C VAL G 389 -6.85 -24.01 -22.28
N GLU G 390 -5.57 -23.68 -22.46
CA GLU G 390 -4.56 -24.73 -22.63
C GLU G 390 -4.39 -25.57 -21.38
N SER G 391 -4.56 -24.97 -20.20
CA SER G 391 -4.48 -25.73 -18.96
C SER G 391 -5.76 -26.52 -18.68
N ALA G 392 -6.91 -26.00 -19.11
CA ALA G 392 -8.16 -26.72 -18.91
C ALA G 392 -8.30 -27.89 -19.86
N LYS G 393 -7.74 -27.79 -21.07
CA LYS G 393 -7.83 -28.89 -22.02
C LYS G 393 -7.03 -30.11 -21.56
N ALA G 394 -5.89 -29.88 -20.89
CA ALA G 394 -5.09 -30.99 -20.39
C ALA G 394 -5.68 -31.58 -19.12
N ILE G 395 -6.52 -30.83 -18.41
CA ILE G 395 -7.12 -31.35 -17.18
C ILE G 395 -8.48 -32.00 -17.42
N LEU G 396 -9.19 -31.61 -18.48
CA LEU G 396 -10.48 -32.20 -18.78
C LEU G 396 -10.38 -33.61 -19.36
N GLY G 397 -9.19 -34.03 -19.78
CA GLY G 397 -9.02 -35.36 -20.34
C GLY G 397 -8.45 -36.35 -19.35
N GLY G 398 -8.57 -36.04 -18.06
CA GLY G 398 -8.07 -36.91 -17.02
C GLY G 398 -6.56 -36.88 -16.91
N SER G 399 -6.00 -35.69 -16.74
CA SER G 399 -4.56 -35.50 -16.62
C SER G 399 -4.24 -34.91 -15.24
N LYS G 400 -3.00 -34.44 -15.09
CA LYS G 400 -2.55 -33.86 -13.83
C LYS G 400 -1.65 -32.67 -14.17
N VAL G 401 -2.18 -31.46 -14.02
CA VAL G 401 -1.45 -30.24 -14.31
C VAL G 401 -1.47 -29.34 -13.08
N ARG G 402 -0.50 -28.43 -13.02
CA ARG G 402 -0.35 -27.50 -11.92
C ARG G 402 -0.83 -26.13 -12.38
N VAL G 403 -1.89 -25.63 -11.75
CA VAL G 403 -2.46 -24.33 -12.09
C VAL G 403 -1.83 -23.27 -11.20
N ASP G 404 -1.80 -22.03 -11.70
CA ASP G 404 -1.23 -20.91 -10.96
C ASP G 404 -2.23 -20.43 -9.91
N GLN G 405 -1.81 -20.42 -8.66
CA GLN G 405 -2.68 -19.98 -7.58
C GLN G 405 -2.67 -18.46 -7.46
N LYS G 406 -3.58 -17.93 -6.65
CA LYS G 406 -3.67 -16.49 -6.44
C LYS G 406 -2.65 -15.97 -5.44
N CYS G 407 -2.06 -16.85 -4.64
CA CYS G 407 -1.07 -16.43 -3.64
C CYS G 407 0.28 -16.19 -4.30
N LYS G 408 1.14 -17.20 -4.32
CA LYS G 408 2.46 -17.08 -4.92
C LYS G 408 3.00 -18.44 -5.35
N SER G 409 2.34 -19.51 -4.89
CA SER G 409 2.73 -20.87 -5.21
C SER G 409 1.72 -21.48 -6.19
N SER G 410 1.61 -22.81 -6.17
CA SER G 410 0.68 -23.52 -7.04
C SER G 410 0.28 -24.82 -6.36
N ALA G 411 -1.02 -25.13 -6.43
CA ALA G 411 -1.55 -26.34 -5.83
C ALA G 411 -1.45 -27.51 -6.81
N GLN G 412 -1.93 -28.67 -6.38
CA GLN G 412 -1.91 -29.88 -7.18
C GLN G 412 -3.33 -30.24 -7.58
N ILE G 413 -3.53 -30.56 -8.86
CA ILE G 413 -4.82 -30.92 -9.41
C ILE G 413 -4.83 -32.43 -9.67
N ASP G 414 -5.82 -33.11 -9.12
CA ASP G 414 -5.95 -34.56 -9.29
C ASP G 414 -6.97 -34.87 -10.38
N PRO G 415 -6.95 -36.09 -10.91
CA PRO G 415 -7.91 -36.46 -11.97
C PRO G 415 -9.30 -36.81 -11.43
N THR G 416 -10.09 -35.78 -11.19
CA THR G 416 -11.45 -35.93 -10.68
C THR G 416 -12.46 -35.67 -11.77
N PRO G 417 -13.71 -36.11 -11.58
CA PRO G 417 -14.75 -35.90 -12.60
C PRO G 417 -15.32 -34.49 -12.50
N VAL G 418 -15.06 -33.68 -13.53
CA VAL G 418 -15.53 -32.31 -13.60
C VAL G 418 -16.69 -32.25 -14.59
N ILE G 419 -17.79 -31.62 -14.17
CA ILE G 419 -18.98 -31.48 -15.01
C ILE G 419 -19.14 -30.02 -15.39
N VAL G 420 -19.67 -29.80 -16.59
CA VAL G 420 -19.90 -28.46 -17.12
C VAL G 420 -21.40 -28.22 -17.16
N THR G 421 -21.81 -27.01 -16.75
CA THR G 421 -23.23 -26.63 -16.73
C THR G 421 -23.29 -25.11 -16.88
N SER G 422 -23.35 -24.65 -18.12
CA SER G 422 -23.43 -23.23 -18.44
C SER G 422 -24.82 -22.89 -18.96
N ASN G 423 -24.96 -21.67 -19.48
CA ASN G 423 -26.23 -21.19 -20.01
C ASN G 423 -26.18 -20.80 -21.48
N THR G 424 -25.03 -20.32 -21.98
CA THR G 424 -24.91 -19.93 -23.36
C THR G 424 -24.45 -21.10 -24.23
N ASN G 425 -23.38 -20.90 -25.00
CA ASN G 425 -22.84 -21.93 -25.87
C ASN G 425 -21.39 -22.17 -25.49
N MET G 426 -21.10 -23.39 -25.03
CA MET G 426 -19.75 -23.76 -24.62
C MET G 426 -18.88 -24.25 -25.78
N CYS G 427 -19.44 -24.36 -26.98
CA CYS G 427 -18.66 -24.82 -28.12
C CYS G 427 -17.76 -23.73 -28.68
N ALA G 428 -18.14 -22.47 -28.50
CA ALA G 428 -17.34 -21.35 -28.99
C ALA G 428 -16.18 -21.09 -28.05
N VAL G 429 -14.95 -21.20 -28.56
CA VAL G 429 -13.76 -20.98 -27.75
C VAL G 429 -13.57 -19.48 -27.59
N ILE G 430 -13.79 -18.99 -26.37
CA ILE G 430 -13.65 -17.56 -26.06
C ILE G 430 -12.16 -17.28 -25.90
N ASP G 431 -11.53 -16.76 -26.96
CA ASP G 431 -10.11 -16.44 -26.94
C ASP G 431 -9.89 -14.94 -26.70
N GLY G 432 -10.41 -14.48 -25.57
CA GLY G 432 -10.28 -13.07 -25.21
C GLY G 432 -11.51 -12.26 -25.57
N ASN G 433 -11.77 -12.13 -26.87
CA ASN G 433 -12.94 -11.36 -27.30
C ASN G 433 -13.51 -11.82 -28.64
N SER G 434 -13.05 -12.94 -29.19
CA SER G 434 -13.56 -13.42 -30.47
C SER G 434 -13.89 -14.91 -30.33
N THR G 435 -13.95 -15.62 -31.45
CA THR G 435 -14.24 -17.04 -31.48
C THR G 435 -13.18 -17.75 -32.30
N THR G 436 -12.57 -18.78 -31.72
CA THR G 436 -11.53 -19.56 -32.37
C THR G 436 -12.11 -20.91 -32.78
N PHE G 437 -11.97 -21.24 -34.06
CA PHE G 437 -12.47 -22.50 -34.60
C PHE G 437 -11.38 -23.45 -35.04
N GLU G 438 -10.12 -23.01 -35.07
CA GLU G 438 -9.03 -23.89 -35.48
C GLU G 438 -8.63 -24.87 -34.39
N HIS G 439 -8.84 -24.50 -33.12
CA HIS G 439 -8.49 -25.37 -31.99
C HIS G 439 -9.72 -25.96 -31.31
N GLN G 440 -10.85 -26.01 -32.01
CA GLN G 440 -12.09 -26.56 -31.46
C GLN G 440 -12.20 -28.06 -31.62
N GLN G 441 -11.37 -28.67 -32.47
CA GLN G 441 -11.44 -30.12 -32.66
C GLN G 441 -11.09 -30.90 -31.40
N PRO G 442 -10.03 -30.56 -30.66
CA PRO G 442 -9.76 -31.31 -29.42
C PRO G 442 -10.82 -31.10 -28.36
N LEU G 443 -11.34 -29.87 -28.23
CA LEU G 443 -12.39 -29.62 -27.27
C LEU G 443 -13.68 -30.35 -27.63
N GLN G 444 -13.96 -30.52 -28.91
CA GLN G 444 -15.14 -31.27 -29.33
C GLN G 444 -14.93 -32.77 -29.19
N ASP G 445 -13.70 -33.26 -29.36
CA ASP G 445 -13.43 -34.69 -29.22
C ASP G 445 -13.41 -35.10 -27.75
N ARG G 446 -12.87 -34.26 -26.88
CA ARG G 446 -12.80 -34.55 -25.45
C ARG G 446 -13.94 -33.89 -24.68
N MET G 447 -15.17 -34.07 -25.17
CA MET G 447 -16.34 -33.50 -24.53
C MET G 447 -17.57 -34.24 -25.02
N PHE G 448 -18.69 -34.00 -24.33
CA PHE G 448 -19.96 -34.62 -24.66
C PHE G 448 -20.93 -33.56 -25.17
N LYS G 449 -22.23 -33.88 -25.17
CA LYS G 449 -23.25 -32.96 -25.65
C LYS G 449 -24.58 -33.42 -25.07
N PHE G 450 -25.15 -32.63 -24.15
CA PHE G 450 -26.41 -32.93 -23.51
C PHE G 450 -27.38 -31.78 -23.73
N GLU G 451 -28.63 -32.11 -24.05
CA GLU G 451 -29.67 -31.12 -24.28
C GLU G 451 -30.88 -31.43 -23.41
N LEU G 452 -31.55 -30.37 -22.97
CA LEU G 452 -32.73 -30.51 -22.12
C LEU G 452 -33.73 -29.44 -22.53
N THR G 453 -34.87 -29.86 -23.07
CA THR G 453 -35.92 -28.93 -23.50
C THR G 453 -37.13 -28.92 -22.59
N ARG G 454 -37.22 -29.83 -21.62
CA ARG G 454 -38.35 -29.87 -20.70
C ARG G 454 -38.17 -28.79 -19.64
N ARG G 455 -39.17 -27.91 -19.51
CA ARG G 455 -39.11 -26.85 -18.53
C ARG G 455 -39.44 -27.37 -17.14
N LEU G 456 -38.96 -26.65 -16.12
CA LEU G 456 -39.19 -27.03 -14.74
C LEU G 456 -40.61 -26.63 -14.34
N ASP G 457 -41.40 -27.60 -13.92
CA ASP G 457 -42.78 -27.38 -13.50
C ASP G 457 -42.87 -27.33 -11.98
N HIS G 458 -44.06 -27.00 -11.49
CA HIS G 458 -44.30 -26.91 -10.07
C HIS G 458 -44.49 -28.31 -9.47
N ASP G 459 -44.04 -28.47 -8.23
CA ASP G 459 -44.16 -29.74 -7.51
C ASP G 459 -43.15 -30.77 -8.00
N PHE G 460 -41.98 -30.31 -8.44
CA PHE G 460 -40.92 -31.21 -8.94
C PHE G 460 -39.58 -30.62 -8.50
N GLY G 461 -39.10 -31.07 -7.35
CA GLY G 461 -37.83 -30.57 -6.84
C GLY G 461 -37.51 -31.20 -5.50
N LYS G 462 -36.47 -30.67 -4.87
CA LYS G 462 -36.04 -31.16 -3.57
C LYS G 462 -35.25 -32.46 -3.72
N VAL G 463 -34.04 -32.38 -4.24
CA VAL G 463 -33.20 -33.55 -4.44
C VAL G 463 -32.55 -33.91 -3.10
N THR G 464 -32.74 -35.15 -2.66
CA THR G 464 -32.17 -35.61 -1.40
C THR G 464 -30.95 -36.47 -1.65
N LYS G 465 -30.73 -37.47 -0.78
CA LYS G 465 -29.60 -38.38 -0.90
C LYS G 465 -29.99 -39.83 -1.08
N GLN G 466 -31.07 -40.28 -0.45
CA GLN G 466 -31.48 -41.68 -0.59
C GLN G 466 -31.90 -41.99 -2.02
N GLU G 467 -32.65 -41.09 -2.65
CA GLU G 467 -33.06 -41.32 -4.04
C GLU G 467 -31.86 -41.32 -4.98
N VAL G 468 -30.89 -40.42 -4.75
CA VAL G 468 -29.69 -40.40 -5.58
C VAL G 468 -28.89 -41.67 -5.39
N LYS G 469 -28.77 -42.15 -4.16
CA LYS G 469 -28.04 -43.40 -3.91
C LYS G 469 -28.74 -44.58 -4.56
N ASP G 470 -30.08 -44.62 -4.50
CA ASP G 470 -30.81 -45.70 -5.14
C ASP G 470 -30.64 -45.65 -6.66
N PHE G 471 -30.67 -44.46 -7.25
CA PHE G 471 -30.48 -44.33 -8.69
C PHE G 471 -29.07 -44.76 -9.08
N PHE G 472 -28.06 -44.38 -8.29
CA PHE G 472 -26.69 -44.79 -8.58
C PHE G 472 -26.53 -46.31 -8.49
N ARG G 473 -27.16 -46.92 -7.48
CA ARG G 473 -27.09 -48.37 -7.33
C ARG G 473 -27.78 -49.07 -8.50
N TRP G 474 -28.94 -48.55 -8.93
CA TRP G 474 -29.64 -49.14 -10.05
C TRP G 474 -28.86 -48.98 -11.36
N ALA G 475 -28.15 -47.86 -11.52
CA ALA G 475 -27.34 -47.67 -12.71
C ALA G 475 -26.09 -48.54 -12.70
N LYS G 476 -25.52 -48.77 -11.52
CA LYS G 476 -24.33 -49.62 -11.43
C LYS G 476 -24.66 -51.09 -11.54
N ASP G 477 -25.84 -51.51 -11.07
CA ASP G 477 -26.24 -52.91 -11.15
C ASP G 477 -26.69 -53.33 -12.54
N HIS G 478 -26.99 -52.36 -13.43
CA HIS G 478 -27.44 -52.65 -14.80
C HIS G 478 -26.70 -51.70 -15.73
N VAL G 479 -25.53 -52.12 -16.20
CA VAL G 479 -24.70 -51.33 -17.11
C VAL G 479 -24.89 -51.84 -18.52
N VAL G 480 -24.97 -50.91 -19.48
CA VAL G 480 -25.16 -51.26 -20.88
C VAL G 480 -23.97 -50.76 -21.69
N GLU G 481 -23.98 -51.01 -22.99
CA GLU G 481 -22.92 -50.60 -23.89
C GLU G 481 -23.36 -49.34 -24.62
N VAL G 482 -22.57 -48.26 -24.48
CA VAL G 482 -22.86 -46.99 -25.12
C VAL G 482 -21.74 -46.66 -26.09
N GLU G 483 -22.09 -45.95 -27.15
CA GLU G 483 -21.13 -45.56 -28.17
C GLU G 483 -20.32 -44.36 -27.68
N HIS G 484 -18.98 -44.48 -27.78
CA HIS G 484 -18.07 -43.41 -27.35
C HIS G 484 -17.91 -42.44 -28.51
N GLU G 485 -18.73 -41.41 -28.53
CA GLU G 485 -18.69 -40.39 -29.58
C GLU G 485 -18.92 -39.03 -28.93
N PHE G 486 -19.25 -38.03 -29.75
CA PHE G 486 -19.51 -36.69 -29.24
C PHE G 486 -20.90 -36.57 -28.66
N TYR G 487 -21.92 -36.90 -29.47
CA TYR G 487 -23.30 -36.83 -29.02
C TYR G 487 -23.68 -38.09 -28.24
N VAL G 488 -24.88 -38.06 -27.66
CA VAL G 488 -25.41 -39.19 -26.89
C VAL G 488 -26.65 -39.71 -27.61
N LYS G 489 -26.67 -41.00 -27.87
CA LYS G 489 -27.81 -41.62 -28.55
C LYS G 489 -28.95 -41.84 -27.57
N LYS G 490 -30.17 -41.60 -28.05
CA LYS G 490 -31.38 -41.76 -27.24
C LYS G 490 -32.15 -43.02 -27.60
N GLY G 491 -31.45 -44.07 -28.03
CA GLY G 491 -32.10 -45.31 -28.40
C GLY G 491 -32.40 -46.20 -27.21
N GLY G 492 -33.68 -46.45 -26.97
CA GLY G 492 -34.10 -47.28 -25.86
C GLY G 492 -35.17 -46.65 -24.98
#